data_1GPW
#
_entry.id   1GPW
#
_cell.length_a   74.000
_cell.length_b   91.900
_cell.length_c   131.000
_cell.angle_alpha   90.00
_cell.angle_beta   105.90
_cell.angle_gamma   90.00
#
_symmetry.space_group_name_H-M   'P 1 21 1'
#
loop_
_entity.id
_entity.type
_entity.pdbx_description
1 polymer 'HISF PROTEIN'
2 polymer 'AMIDOTRANSFERASE HISH'
3 non-polymer 'PHOSPHATE ION'
4 water water
#
loop_
_entity_poly.entity_id
_entity_poly.type
_entity_poly.pdbx_seq_one_letter_code
_entity_poly.pdbx_strand_id
1 'polypeptide(L)'
;MLAKRIIACLNVKDGRVVKGTNFENLRDSGDPVELGKFYSEIGIDELVFLDITASVEKRKTMLELVEKVAEQIDIPFTVG
GGIHDFETASELILRGADKVSINTAAVENPSLITQIAQTFGSQAVVVAIDAKRVDGEFMVFTYSGKKNTGILLRDWVVEV
EKRGAGEILLTSIDRDGTKSGYDTEMIRFVRPLTTLPIIASGGAGKMEHFLEAFLAGADAALAASVFHFREIDVRELKEY
LKKHGVNVRLEGL
;
A,C,E
2 'polypeptide(L)'
;MRIGIISVGPGNIMNLYRGVKRASENFEDVSIELVESPRNDLYDLLFIPGVGHFGEGMRRLRENDLIDFVRKHVEDERYV
VGVCLGMQLLFEESEEAPGVKGLSLIEGNVVKLRSRRLPHMGWNEVIFKDTFPNGYYYFVHTYRAVCEEEHVLGTTEYDG
EIFPSAVRKGRILGFQFHPEKSSKIGRKLLEKVIECSLSRR
;
B,D,F
#
loop_
_chem_comp.id
_chem_comp.type
_chem_comp.name
_chem_comp.formula
PO4 non-polymer 'PHOSPHATE ION' 'O4 P -3'
#
# COMPACT_ATOMS: atom_id res chain seq x y z
N MET A 1 16.27 11.87 1.42
CA MET A 1 15.92 11.58 2.84
C MET A 1 14.59 10.83 2.89
N LEU A 2 14.52 9.81 3.73
CA LEU A 2 13.31 9.02 3.90
C LEU A 2 12.25 9.96 4.45
N ALA A 3 11.05 9.92 3.90
CA ALA A 3 9.98 10.79 4.35
C ALA A 3 9.15 10.28 5.52
N LYS A 4 8.67 11.22 6.33
CA LYS A 4 7.79 10.92 7.46
C LYS A 4 6.49 10.67 6.74
N ARG A 5 5.76 9.63 7.14
CA ARG A 5 4.52 9.28 6.45
C ARG A 5 3.16 9.69 7.04
N ILE A 6 2.21 9.94 6.14
CA ILE A 6 0.84 10.28 6.53
C ILE A 6 0.02 9.05 6.14
N ILE A 7 -0.53 8.36 7.13
CA ILE A 7 -1.29 7.15 6.83
C ILE A 7 -2.79 7.25 7.09
N ALA A 8 -3.56 6.67 6.19
CA ALA A 8 -5.00 6.68 6.29
C ALA A 8 -5.54 5.30 6.63
N CYS A 9 -6.30 5.22 7.71
CA CYS A 9 -6.90 3.97 8.10
C CYS A 9 -8.35 3.86 7.63
N LEU A 10 -8.73 2.68 7.16
CA LEU A 10 -10.08 2.38 6.69
C LEU A 10 -10.58 1.17 7.48
N ASN A 11 -11.50 1.39 8.41
CA ASN A 11 -12.06 0.29 9.19
C ASN A 11 -13.08 -0.30 8.23
N VAL A 12 -13.02 -1.60 7.97
CA VAL A 12 -13.97 -2.19 7.04
C VAL A 12 -14.67 -3.43 7.61
N LYS A 13 -15.88 -3.70 7.11
CA LYS A 13 -16.65 -4.86 7.56
C LYS A 13 -17.34 -5.48 6.37
N ASP A 14 -17.32 -6.80 6.29
CA ASP A 14 -17.95 -7.51 5.17
C ASP A 14 -17.77 -6.79 3.81
N GLY A 15 -16.54 -6.37 3.51
CA GLY A 15 -16.27 -5.72 2.24
C GLY A 15 -16.56 -4.24 2.08
N ARG A 16 -17.22 -3.63 3.06
CA ARG A 16 -17.50 -2.21 2.96
C ARG A 16 -16.84 -1.38 4.04
N VAL A 17 -16.82 -0.07 3.83
CA VAL A 17 -16.21 0.83 4.79
C VAL A 17 -17.24 1.17 5.86
N VAL A 18 -16.82 1.08 7.11
CA VAL A 18 -17.73 1.39 8.21
C VAL A 18 -17.19 2.51 9.07
N LYS A 19 -18.10 3.33 9.62
CA LYS A 19 -17.72 4.44 10.50
C LYS A 19 -18.82 4.79 11.48
N GLY A 20 -18.53 4.60 12.76
CA GLY A 20 -19.46 4.90 13.83
C GLY A 20 -18.69 5.24 15.10
N THR A 21 -19.25 4.85 16.24
CA THR A 21 -18.62 5.10 17.54
C THR A 21 -18.46 3.78 18.27
N ASN A 22 -18.94 2.71 17.64
CA ASN A 22 -18.87 1.38 18.24
C ASN A 22 -19.77 0.49 17.41
N PHE A 23 -19.95 -0.76 17.81
CA PHE A 23 -20.85 -1.65 17.09
C PHE A 23 -22.19 -0.87 17.11
N GLU A 24 -22.41 -0.17 18.23
CA GLU A 24 -23.59 0.66 18.45
C GLU A 24 -24.39 0.81 17.15
N ASN A 25 -24.14 1.92 16.47
CA ASN A 25 -24.80 2.22 15.21
C ASN A 25 -23.70 2.21 14.16
N LEU A 26 -22.89 1.15 14.16
CA LEU A 26 -21.83 1.02 13.19
C LEU A 26 -22.52 1.20 11.83
N ARG A 27 -22.20 2.29 11.13
CA ARG A 27 -22.83 2.56 9.84
C ARG A 27 -21.95 2.37 8.61
N ASP A 28 -22.59 2.30 7.44
CA ASP A 28 -21.93 2.10 6.15
C ASP A 28 -21.39 3.38 5.51
N SER A 29 -20.07 3.46 5.35
CA SER A 29 -19.43 4.64 4.75
C SER A 29 -18.77 4.50 3.37
N GLY A 30 -19.26 3.59 2.53
CA GLY A 30 -18.67 3.48 1.19
C GLY A 30 -17.85 2.28 0.77
N ASP A 31 -17.37 2.32 -0.48
CA ASP A 31 -16.57 1.25 -1.07
C ASP A 31 -15.07 1.41 -0.76
N PRO A 32 -14.48 0.42 -0.08
CA PRO A 32 -13.07 0.42 0.31
C PRO A 32 -12.09 0.72 -0.83
N VAL A 33 -12.30 0.07 -1.97
CA VAL A 33 -11.43 0.27 -3.10
C VAL A 33 -11.42 1.72 -3.60
N GLU A 34 -12.60 2.23 -3.95
CA GLU A 34 -12.74 3.59 -4.47
C GLU A 34 -12.26 4.67 -3.50
N LEU A 35 -12.38 4.42 -2.20
CA LEU A 35 -11.95 5.37 -1.20
C LEU A 35 -10.42 5.37 -1.12
N GLY A 36 -9.83 4.21 -1.35
CA GLY A 36 -8.39 4.08 -1.33
C GLY A 36 -7.79 4.81 -2.52
N LYS A 37 -8.44 4.73 -3.67
CA LYS A 37 -7.97 5.41 -4.88
C LYS A 37 -8.05 6.91 -4.68
N PHE A 38 -9.01 7.35 -3.88
CA PHE A 38 -9.18 8.76 -3.61
C PHE A 38 -8.08 9.23 -2.65
N TYR A 39 -7.76 8.38 -1.67
CA TYR A 39 -6.72 8.69 -0.71
C TYR A 39 -5.37 8.79 -1.41
N SER A 40 -5.18 7.97 -2.44
CA SER A 40 -3.92 7.97 -3.20
C SER A 40 -3.79 9.16 -4.14
N GLU A 41 -4.92 9.79 -4.44
CA GLU A 41 -4.94 10.95 -5.32
C GLU A 41 -4.60 12.25 -4.60
N ILE A 42 -4.95 12.33 -3.32
CA ILE A 42 -4.70 13.52 -2.53
C ILE A 42 -3.35 13.56 -1.83
N GLY A 43 -2.67 12.43 -1.82
CA GLY A 43 -1.35 12.42 -1.19
C GLY A 43 -1.09 11.49 -0.02
N ILE A 44 -2.06 10.67 0.37
CA ILE A 44 -1.83 9.73 1.47
C ILE A 44 -0.70 8.78 1.02
N ASP A 45 0.24 8.52 1.91
CA ASP A 45 1.40 7.68 1.59
C ASP A 45 1.21 6.19 1.76
N GLU A 46 0.28 5.79 2.62
CA GLU A 46 0.03 4.37 2.86
C GLU A 46 -1.38 4.16 3.38
N LEU A 47 -1.85 2.94 3.26
CA LEU A 47 -3.19 2.59 3.72
C LEU A 47 -3.18 1.45 4.74
N VAL A 48 -4.02 1.56 5.74
CA VAL A 48 -4.15 0.50 6.73
C VAL A 48 -5.62 0.09 6.72
N PHE A 49 -5.88 -1.17 6.33
CA PHE A 49 -7.25 -1.70 6.30
C PHE A 49 -7.50 -2.54 7.55
N LEU A 50 -8.41 -2.09 8.43
CA LEU A 50 -8.74 -2.81 9.67
C LEU A 50 -10.15 -3.43 9.60
N ASP A 51 -10.18 -4.75 9.44
CA ASP A 51 -11.43 -5.47 9.30
C ASP A 51 -11.98 -6.07 10.58
N ILE A 52 -13.30 -6.00 10.72
CA ILE A 52 -14.01 -6.54 11.88
C ILE A 52 -15.18 -7.42 11.45
N THR A 53 -15.13 -7.90 10.21
CA THR A 53 -16.16 -8.76 9.63
C THR A 53 -16.64 -9.81 10.63
N ALA A 54 -17.92 -10.19 10.48
CA ALA A 54 -18.60 -11.18 11.32
C ALA A 54 -17.70 -12.10 12.11
N SER A 55 -17.07 -13.06 11.45
CA SER A 55 -16.15 -14.01 12.08
C SER A 55 -15.95 -15.27 11.24
N VAL A 56 -16.98 -16.11 11.12
CA VAL A 56 -16.82 -17.32 10.30
C VAL A 56 -16.38 -16.82 8.94
N GLU A 57 -16.92 -15.66 8.57
CA GLU A 57 -16.62 -15.02 7.30
C GLU A 57 -15.38 -14.13 7.29
N LYS A 58 -14.78 -13.92 8.45
CA LYS A 58 -13.59 -13.08 8.53
C LYS A 58 -12.49 -13.45 7.54
N ARG A 59 -12.19 -14.73 7.45
CA ARG A 59 -11.12 -15.18 6.58
C ARG A 59 -11.34 -15.07 5.09
N LYS A 60 -12.57 -15.26 4.63
CA LYS A 60 -12.83 -15.17 3.19
C LYS A 60 -13.12 -13.74 2.77
N THR A 61 -13.65 -12.93 3.67
CA THR A 61 -13.98 -11.56 3.33
C THR A 61 -12.70 -10.72 3.17
N MET A 62 -11.69 -11.06 3.96
CA MET A 62 -10.42 -10.34 3.91
C MET A 62 -9.64 -10.63 2.63
N LEU A 63 -9.69 -11.89 2.17
CA LEU A 63 -9.01 -12.26 0.94
C LEU A 63 -9.64 -11.52 -0.23
N GLU A 64 -10.96 -11.43 -0.21
CA GLU A 64 -11.70 -10.74 -1.26
C GLU A 64 -11.30 -9.27 -1.26
N LEU A 65 -11.15 -8.70 -0.07
CA LEU A 65 -10.78 -7.29 0.11
C LEU A 65 -9.40 -7.01 -0.49
N VAL A 66 -8.40 -7.81 -0.09
CA VAL A 66 -7.04 -7.66 -0.58
C VAL A 66 -7.03 -7.68 -2.11
N GLU A 67 -7.61 -8.72 -2.68
CA GLU A 67 -7.67 -8.84 -4.13
C GLU A 67 -8.34 -7.65 -4.81
N LYS A 68 -9.48 -7.20 -4.29
CA LYS A 68 -10.18 -6.04 -4.87
C LYS A 68 -9.28 -4.79 -4.84
N VAL A 69 -8.57 -4.60 -3.74
CA VAL A 69 -7.66 -3.48 -3.57
C VAL A 69 -6.40 -3.59 -4.45
N ALA A 70 -5.77 -4.77 -4.42
CA ALA A 70 -4.56 -5.01 -5.19
C ALA A 70 -4.66 -4.72 -6.70
N GLU A 71 -5.85 -4.84 -7.28
CA GLU A 71 -5.98 -4.58 -8.71
C GLU A 71 -6.21 -3.13 -9.06
N GLN A 72 -6.42 -2.29 -8.06
CA GLN A 72 -6.63 -0.89 -8.39
C GLN A 72 -5.72 0.10 -7.69
N ILE A 73 -5.18 -0.28 -6.54
CA ILE A 73 -4.33 0.64 -5.79
C ILE A 73 -2.86 0.73 -6.24
N ASP A 74 -2.33 1.95 -6.16
CA ASP A 74 -0.96 2.24 -6.56
C ASP A 74 -0.06 2.69 -5.42
N ILE A 75 -0.44 2.41 -4.18
CA ILE A 75 0.41 2.74 -3.03
C ILE A 75 0.37 1.54 -2.10
N PRO A 76 1.34 1.44 -1.18
CA PRO A 76 1.40 0.31 -0.25
C PRO A 76 0.23 0.24 0.73
N PHE A 77 -0.12 -0.98 1.14
CA PHE A 77 -1.20 -1.14 2.11
C PHE A 77 -0.99 -2.31 3.05
N THR A 78 -1.44 -2.12 4.28
CA THR A 78 -1.36 -3.16 5.31
C THR A 78 -2.77 -3.64 5.57
N VAL A 79 -2.88 -4.90 5.96
CA VAL A 79 -4.16 -5.50 6.26
C VAL A 79 -4.06 -6.16 7.62
N GLY A 80 -5.13 -6.08 8.41
CA GLY A 80 -5.10 -6.68 9.72
C GLY A 80 -6.44 -6.74 10.45
N GLY A 81 -6.42 -7.32 11.64
CA GLY A 81 -7.62 -7.45 12.43
C GLY A 81 -8.14 -8.85 12.34
N GLY A 82 -7.78 -9.68 13.30
CA GLY A 82 -8.24 -11.06 13.29
C GLY A 82 -7.33 -12.02 12.53
N ILE A 83 -6.09 -11.62 12.30
CA ILE A 83 -5.13 -12.50 11.63
C ILE A 83 -4.46 -13.24 12.77
N HIS A 84 -4.88 -14.48 13.00
CA HIS A 84 -4.37 -15.27 14.12
C HIS A 84 -3.29 -16.34 13.90
N ASP A 85 -2.81 -16.51 12.67
CA ASP A 85 -1.78 -17.51 12.40
C ASP A 85 -1.05 -17.26 11.09
N PHE A 86 -0.01 -18.05 10.87
CA PHE A 86 0.82 -17.94 9.69
C PHE A 86 0.05 -18.16 8.39
N GLU A 87 -0.87 -19.13 8.40
CA GLU A 87 -1.67 -19.42 7.21
C GLU A 87 -2.39 -18.15 6.77
N THR A 88 -3.27 -17.64 7.62
CA THR A 88 -4.03 -16.43 7.30
C THR A 88 -3.12 -15.33 6.76
N ALA A 89 -1.97 -15.11 7.40
CA ALA A 89 -1.03 -14.08 6.98
C ALA A 89 -0.48 -14.31 5.58
N SER A 90 0.01 -15.54 5.34
CA SER A 90 0.59 -15.91 4.05
C SER A 90 -0.38 -15.82 2.89
N GLU A 91 -1.66 -16.05 3.15
CA GLU A 91 -2.65 -15.99 2.07
C GLU A 91 -2.98 -14.54 1.72
N LEU A 92 -2.97 -13.67 2.72
CA LEU A 92 -3.25 -12.25 2.53
C LEU A 92 -2.09 -11.60 1.77
N ILE A 93 -0.87 -11.98 2.13
CA ILE A 93 0.32 -11.43 1.49
C ILE A 93 0.46 -11.96 0.08
N LEU A 94 0.26 -13.27 -0.08
CA LEU A 94 0.37 -13.87 -1.40
C LEU A 94 -0.73 -13.32 -2.25
N ARG A 95 -1.84 -13.00 -1.61
CA ARG A 95 -3.00 -12.45 -2.31
C ARG A 95 -2.79 -11.05 -2.88
N GLY A 96 -1.84 -10.30 -2.32
CA GLY A 96 -1.59 -8.95 -2.79
C GLY A 96 -1.26 -7.90 -1.73
N ALA A 97 -1.45 -8.24 -0.46
CA ALA A 97 -1.18 -7.31 0.63
C ALA A 97 0.33 -7.07 0.77
N ASP A 98 0.70 -5.83 1.08
CA ASP A 98 2.10 -5.47 1.25
C ASP A 98 2.59 -5.86 2.64
N LYS A 99 1.74 -5.68 3.63
CA LYS A 99 2.08 -6.02 5.00
C LYS A 99 0.85 -6.48 5.75
N VAL A 100 1.06 -7.24 6.81
CA VAL A 100 -0.05 -7.69 7.61
C VAL A 100 0.17 -7.12 8.99
N SER A 101 -0.93 -6.95 9.70
CA SER A 101 -0.83 -6.41 11.03
C SER A 101 -1.41 -7.43 11.98
N ILE A 102 -0.64 -7.77 13.01
CA ILE A 102 -1.07 -8.73 14.03
C ILE A 102 -0.86 -8.08 15.40
N ASN A 103 -1.81 -8.30 16.31
CA ASN A 103 -1.72 -7.75 17.66
C ASN A 103 -1.96 -8.84 18.69
N THR A 104 -3.23 -9.19 18.91
CA THR A 104 -3.62 -10.21 19.86
C THR A 104 -2.93 -11.57 19.63
N ALA A 105 -2.82 -11.96 18.38
CA ALA A 105 -2.19 -13.23 18.07
C ALA A 105 -0.67 -13.15 18.20
N ALA A 106 -0.14 -11.93 18.24
CA ALA A 106 1.30 -11.74 18.38
C ALA A 106 1.71 -11.86 19.84
N VAL A 107 0.91 -11.27 20.72
CA VAL A 107 1.17 -11.30 22.16
C VAL A 107 1.07 -12.70 22.76
N GLU A 108 0.10 -13.46 22.27
CA GLU A 108 -0.09 -14.80 22.78
C GLU A 108 0.95 -15.75 22.22
N ASN A 109 1.46 -15.44 21.03
CA ASN A 109 2.49 -16.26 20.41
C ASN A 109 3.51 -15.40 19.66
N PRO A 110 4.52 -14.89 20.37
CA PRO A 110 5.53 -14.04 19.76
C PRO A 110 6.26 -14.71 18.60
N SER A 111 6.26 -16.04 18.58
CA SER A 111 6.93 -16.80 17.51
C SER A 111 6.26 -16.56 16.16
N LEU A 112 5.02 -16.08 16.21
CA LEU A 112 4.28 -15.77 14.99
C LEU A 112 4.96 -14.65 14.23
N ILE A 113 5.31 -13.60 14.96
CA ILE A 113 6.00 -12.45 14.37
C ILE A 113 7.16 -13.04 13.56
N THR A 114 7.92 -13.91 14.20
CA THR A 114 9.08 -14.55 13.58
C THR A 114 8.73 -15.41 12.38
N GLN A 115 7.69 -16.23 12.49
CA GLN A 115 7.30 -17.07 11.38
C GLN A 115 7.02 -16.27 10.11
N ILE A 116 6.35 -15.13 10.24
CA ILE A 116 6.06 -14.34 9.05
C ILE A 116 7.33 -13.70 8.51
N ALA A 117 8.16 -13.17 9.40
CA ALA A 117 9.40 -12.52 8.98
C ALA A 117 10.32 -13.49 8.25
N GLN A 118 10.45 -14.72 8.76
CA GLN A 118 11.32 -15.73 8.14
C GLN A 118 10.96 -16.12 6.71
N THR A 119 9.69 -15.98 6.37
CA THR A 119 9.24 -16.33 5.03
C THR A 119 9.10 -15.10 4.14
N PHE A 120 8.42 -14.07 4.65
CA PHE A 120 8.19 -12.86 3.87
C PHE A 120 9.10 -11.69 4.18
N GLY A 121 9.78 -11.76 5.33
CA GLY A 121 10.69 -10.69 5.73
C GLY A 121 10.05 -9.68 6.66
N SER A 122 10.83 -9.19 7.63
CA SER A 122 10.37 -8.21 8.60
C SER A 122 9.54 -7.12 7.94
N GLN A 123 9.97 -6.70 6.75
CA GLN A 123 9.28 -5.68 5.97
C GLN A 123 7.79 -5.94 5.79
N ALA A 124 7.35 -7.15 6.08
CA ALA A 124 5.95 -7.48 5.89
C ALA A 124 5.19 -7.63 7.18
N VAL A 125 5.86 -7.42 8.30
CA VAL A 125 5.20 -7.58 9.57
C VAL A 125 5.01 -6.31 10.37
N VAL A 126 3.76 -5.95 10.60
CA VAL A 126 3.47 -4.80 11.41
C VAL A 126 2.84 -5.36 12.66
N VAL A 127 3.34 -4.98 13.81
CA VAL A 127 2.73 -5.44 15.04
C VAL A 127 2.00 -4.23 15.58
N ALA A 128 0.69 -4.37 15.75
CA ALA A 128 -0.12 -3.29 16.28
C ALA A 128 -0.09 -3.48 17.78
N ILE A 129 0.26 -2.42 18.51
CA ILE A 129 0.32 -2.49 19.95
C ILE A 129 -0.67 -1.50 20.52
N ASP A 130 -1.67 -2.00 21.24
CA ASP A 130 -2.68 -1.15 21.85
C ASP A 130 -2.30 -1.00 23.32
N ALA A 131 -2.02 0.23 23.73
CA ALA A 131 -1.61 0.48 25.10
C ALA A 131 -2.39 1.57 25.83
N LYS A 132 -2.35 1.50 27.15
CA LYS A 132 -3.05 2.42 28.04
C LYS A 132 -2.34 2.50 29.40
N ARG A 133 -2.55 3.60 30.12
CA ARG A 133 -1.94 3.78 31.45
C ARG A 133 -2.78 3.04 32.48
N VAL A 134 -2.12 2.30 33.36
CA VAL A 134 -2.82 1.59 34.41
C VAL A 134 -1.97 1.60 35.66
N ASP A 135 -2.44 2.34 36.66
CA ASP A 135 -1.73 2.48 37.92
C ASP A 135 -0.34 3.03 37.65
N GLY A 136 -0.23 4.06 36.84
CA GLY A 136 1.08 4.64 36.56
C GLY A 136 2.00 3.95 35.57
N GLU A 137 1.64 2.74 35.10
CA GLU A 137 2.48 2.04 34.12
C GLU A 137 1.76 1.93 32.78
N PHE A 138 2.53 1.78 31.70
CA PHE A 138 1.96 1.63 30.37
C PHE A 138 1.75 0.13 30.12
N MET A 139 0.48 -0.28 30.08
CA MET A 139 0.11 -1.68 29.87
C MET A 139 -0.41 -2.00 28.48
N VAL A 140 -0.11 -3.21 28.03
CA VAL A 140 -0.53 -3.71 26.73
C VAL A 140 -1.91 -4.35 26.86
N PHE A 141 -2.77 -4.13 25.88
CA PHE A 141 -4.12 -4.68 25.89
C PHE A 141 -4.44 -5.39 24.58
N THR A 142 -5.14 -6.51 24.69
CA THR A 142 -5.51 -7.30 23.53
C THR A 142 -7.01 -7.37 23.47
N TYR A 143 -7.54 -8.11 22.50
CA TYR A 143 -8.97 -8.25 22.29
C TYR A 143 -9.59 -6.87 22.18
N SER A 144 -9.09 -6.12 21.21
CA SER A 144 -9.55 -4.78 20.95
C SER A 144 -9.60 -3.92 22.23
N GLY A 145 -8.52 -3.96 22.99
CA GLY A 145 -8.43 -3.17 24.20
C GLY A 145 -9.26 -3.59 25.39
N LYS A 146 -9.79 -4.82 25.37
CA LYS A 146 -10.63 -5.29 26.46
C LYS A 146 -9.98 -6.23 27.45
N LYS A 147 -8.70 -6.51 27.28
CA LYS A 147 -8.00 -7.36 28.21
C LYS A 147 -6.62 -6.80 28.52
N ASN A 148 -6.32 -6.69 29.80
CA ASN A 148 -5.02 -6.21 30.21
C ASN A 148 -4.15 -7.47 30.26
N THR A 149 -3.17 -7.54 29.37
CA THR A 149 -2.26 -8.68 29.28
C THR A 149 -1.26 -8.73 30.43
N GLY A 150 -1.10 -7.63 31.15
CA GLY A 150 -0.17 -7.61 32.26
C GLY A 150 1.29 -7.42 31.83
N ILE A 151 1.50 -7.36 30.52
CA ILE A 151 2.83 -7.15 29.95
C ILE A 151 3.03 -5.64 29.87
N LEU A 152 4.21 -5.16 30.26
CA LEU A 152 4.50 -3.74 30.18
C LEU A 152 4.84 -3.35 28.76
N LEU A 153 4.52 -2.12 28.39
CA LEU A 153 4.82 -1.65 27.06
C LEU A 153 6.33 -1.66 26.84
N ARG A 154 7.09 -1.31 27.86
CA ARG A 154 8.55 -1.27 27.72
C ARG A 154 9.20 -2.60 27.36
N ASP A 155 8.76 -3.68 27.99
CA ASP A 155 9.34 -5.00 27.69
C ASP A 155 8.83 -5.52 26.35
N TRP A 156 7.57 -5.23 26.04
CA TRP A 156 6.96 -5.70 24.81
C TRP A 156 7.50 -5.11 23.49
N VAL A 157 7.80 -3.81 23.42
CA VAL A 157 8.32 -3.27 22.15
C VAL A 157 9.68 -3.92 21.91
N VAL A 158 10.44 -4.13 22.98
CA VAL A 158 11.74 -4.76 22.88
C VAL A 158 11.54 -6.20 22.39
N GLU A 159 10.62 -6.92 23.01
CA GLU A 159 10.36 -8.30 22.61
C GLU A 159 9.89 -8.34 21.15
N VAL A 160 9.01 -7.41 20.80
CA VAL A 160 8.49 -7.33 19.45
C VAL A 160 9.60 -7.17 18.41
N GLU A 161 10.51 -6.24 18.63
CA GLU A 161 11.59 -6.03 17.69
C GLU A 161 12.52 -7.24 17.63
N LYS A 162 12.76 -7.83 18.78
CA LYS A 162 13.63 -8.99 18.88
C LYS A 162 13.12 -10.16 18.05
N ARG A 163 11.80 -10.35 18.04
CA ARG A 163 11.16 -11.42 17.31
C ARG A 163 11.24 -11.21 15.81
N GLY A 164 11.52 -9.97 15.41
CA GLY A 164 11.63 -9.68 14.00
C GLY A 164 10.67 -8.70 13.36
N ALA A 165 9.72 -8.16 14.11
CA ALA A 165 8.77 -7.20 13.54
C ALA A 165 9.50 -6.10 12.77
N GLY A 166 8.89 -5.58 11.72
CA GLY A 166 9.52 -4.53 10.95
C GLY A 166 8.95 -3.14 11.15
N GLU A 167 7.86 -3.04 11.91
CA GLU A 167 7.20 -1.75 12.15
C GLU A 167 6.20 -1.91 13.28
N ILE A 168 5.94 -0.84 14.00
CA ILE A 168 5.00 -0.88 15.10
C ILE A 168 3.89 0.11 14.88
N LEU A 169 2.66 -0.32 15.10
CA LEU A 169 1.51 0.55 14.97
C LEU A 169 1.12 0.72 16.43
N LEU A 170 1.49 1.87 17.00
CA LEU A 170 1.23 2.17 18.39
C LEU A 170 -0.01 3.02 18.61
N THR A 171 -1.04 2.41 19.18
CA THR A 171 -2.29 3.11 19.43
C THR A 171 -2.50 3.36 20.91
N SER A 172 -2.91 4.57 21.26
CA SER A 172 -3.19 4.89 22.64
C SER A 172 -4.70 4.74 22.83
N ILE A 173 -5.13 3.74 23.60
CA ILE A 173 -6.55 3.54 23.84
C ILE A 173 -7.16 4.81 24.43
N ASP A 174 -6.35 5.53 25.23
CA ASP A 174 -6.79 6.76 25.86
C ASP A 174 -7.26 7.85 24.88
N ARG A 175 -6.50 8.09 23.82
CA ARG A 175 -6.84 9.14 22.85
C ARG A 175 -7.57 8.68 21.58
N ASP A 176 -7.64 7.38 21.36
CA ASP A 176 -8.27 6.84 20.15
C ASP A 176 -9.72 7.26 19.92
N GLY A 177 -9.94 7.98 18.80
CA GLY A 177 -11.26 8.44 18.40
C GLY A 177 -11.72 9.71 19.08
N THR A 178 -10.82 10.37 19.80
CA THR A 178 -11.16 11.59 20.54
C THR A 178 -10.84 12.94 19.89
N LYS A 179 -10.05 12.94 18.81
CA LYS A 179 -9.71 14.19 18.14
C LYS A 179 -9.01 15.23 19.02
N SER A 180 -8.55 14.80 20.19
CA SER A 180 -7.87 15.67 21.16
C SER A 180 -6.40 15.90 20.81
N GLY A 181 -5.77 14.92 20.18
CA GLY A 181 -4.36 15.01 19.81
C GLY A 181 -3.75 13.66 20.09
N TYR A 182 -2.61 13.36 19.47
CA TYR A 182 -1.94 12.07 19.69
C TYR A 182 -1.36 12.04 21.10
N ASP A 183 -1.16 10.84 21.63
CA ASP A 183 -0.58 10.68 22.96
C ASP A 183 0.95 10.78 22.80
N THR A 184 1.46 12.01 22.66
CA THR A 184 2.89 12.22 22.48
C THR A 184 3.77 11.73 23.61
N GLU A 185 3.20 11.66 24.82
CA GLU A 185 3.95 11.17 25.96
C GLU A 185 4.27 9.68 25.75
N MET A 186 3.27 8.89 25.36
CA MET A 186 3.46 7.46 25.11
C MET A 186 4.47 7.24 23.98
N ILE A 187 4.42 8.09 22.97
CA ILE A 187 5.33 7.98 21.83
C ILE A 187 6.78 8.14 22.26
N ARG A 188 7.04 9.15 23.09
CA ARG A 188 8.38 9.46 23.59
C ARG A 188 8.88 8.36 24.50
N PHE A 189 7.95 7.71 25.19
CA PHE A 189 8.28 6.61 26.08
C PHE A 189 8.86 5.46 25.25
N VAL A 190 8.21 5.16 24.13
CA VAL A 190 8.62 4.08 23.25
C VAL A 190 9.79 4.39 22.31
N ARG A 191 9.90 5.63 21.87
CA ARG A 191 10.95 6.04 20.93
C ARG A 191 12.35 5.51 21.26
N PRO A 192 12.81 5.71 22.50
CA PRO A 192 14.14 5.25 22.90
C PRO A 192 14.31 3.73 23.02
N LEU A 193 13.20 3.02 23.29
CA LEU A 193 13.25 1.56 23.46
C LEU A 193 13.42 0.73 22.20
N THR A 194 13.20 1.33 21.04
CA THR A 194 13.31 0.59 19.79
C THR A 194 13.78 1.45 18.61
N THR A 195 14.33 0.77 17.61
CA THR A 195 14.80 1.43 16.40
C THR A 195 13.80 1.20 15.27
N LEU A 196 12.78 0.39 15.55
CA LEU A 196 11.75 0.13 14.55
C LEU A 196 10.89 1.36 14.30
N PRO A 197 10.36 1.48 13.09
CA PRO A 197 9.49 2.59 12.68
C PRO A 197 8.24 2.63 13.55
N ILE A 198 7.82 3.83 13.95
CA ILE A 198 6.62 3.94 14.77
C ILE A 198 5.49 4.69 14.07
N ILE A 199 4.35 4.03 13.95
CA ILE A 199 3.20 4.69 13.34
C ILE A 199 2.36 5.16 14.52
N ALA A 200 2.15 6.47 14.65
CA ALA A 200 1.34 7.01 15.73
C ALA A 200 -0.13 6.91 15.35
N SER A 201 -0.95 6.33 16.23
CA SER A 201 -2.35 6.18 15.95
C SER A 201 -3.25 6.56 17.11
N GLY A 202 -4.29 7.33 16.82
CA GLY A 202 -5.23 7.70 17.85
C GLY A 202 -5.20 9.11 18.38
N GLY A 203 -6.30 9.83 18.19
CA GLY A 203 -6.41 11.19 18.67
C GLY A 203 -6.31 12.29 17.64
N ALA A 204 -5.91 11.94 16.41
CA ALA A 204 -5.77 12.94 15.37
C ALA A 204 -7.01 13.81 15.27
N GLY A 205 -6.81 15.13 15.34
CA GLY A 205 -7.91 16.07 15.27
C GLY A 205 -7.67 17.26 14.34
N LYS A 206 -6.42 17.71 14.26
CA LYS A 206 -6.06 18.84 13.38
C LYS A 206 -4.60 18.76 12.95
N MET A 207 -4.25 19.60 11.97
CA MET A 207 -2.90 19.62 11.44
C MET A 207 -1.77 19.65 12.46
N GLU A 208 -1.84 20.52 13.45
CA GLU A 208 -0.79 20.62 14.44
C GLU A 208 -0.53 19.35 15.24
N HIS A 209 -1.55 18.51 15.40
CA HIS A 209 -1.40 17.24 16.13
C HIS A 209 -0.36 16.36 15.44
N PHE A 210 -0.30 16.47 14.12
CA PHE A 210 0.66 15.70 13.34
C PHE A 210 2.06 16.22 13.62
N LEU A 211 2.20 17.52 13.75
CA LEU A 211 3.51 18.11 14.04
C LEU A 211 3.97 17.65 15.41
N GLU A 212 3.02 17.50 16.33
CA GLU A 212 3.30 17.07 17.68
C GLU A 212 3.78 15.61 17.73
N ALA A 213 3.11 14.75 16.96
CA ALA A 213 3.45 13.33 16.92
C ALA A 213 4.86 13.12 16.38
N PHE A 214 5.19 13.88 15.34
CA PHE A 214 6.52 13.76 14.74
C PHE A 214 7.62 14.32 15.64
N LEU A 215 7.31 15.35 16.43
CA LEU A 215 8.32 15.91 17.33
C LEU A 215 8.58 14.89 18.44
N ALA A 216 7.60 14.02 18.69
CA ALA A 216 7.72 12.99 19.72
C ALA A 216 8.55 11.80 19.24
N GLY A 217 8.76 11.72 17.94
CA GLY A 217 9.56 10.62 17.42
C GLY A 217 8.87 9.68 16.46
N ALA A 218 7.59 9.92 16.20
CA ALA A 218 6.85 9.07 15.28
C ALA A 218 7.42 9.16 13.87
N ASP A 219 7.39 8.04 13.17
CA ASP A 219 7.87 7.93 11.80
C ASP A 219 6.69 8.13 10.85
N ALA A 220 5.49 7.96 11.39
CA ALA A 220 4.28 8.09 10.60
C ALA A 220 3.08 8.38 11.49
N ALA A 221 2.13 9.13 10.95
CA ALA A 221 0.93 9.46 11.70
C ALA A 221 -0.28 8.89 10.97
N LEU A 222 -1.05 8.06 11.68
CA LEU A 222 -2.24 7.45 11.11
C LEU A 222 -3.50 8.08 11.68
N ALA A 223 -4.51 8.18 10.84
CA ALA A 223 -5.80 8.74 11.21
C ALA A 223 -6.82 8.27 10.18
N ALA A 224 -8.09 8.30 10.56
CA ALA A 224 -9.16 7.88 9.66
C ALA A 224 -10.19 8.99 9.54
N SER A 225 -10.77 9.38 10.68
CA SER A 225 -11.78 10.43 10.70
C SER A 225 -11.38 11.62 9.81
N VAL A 226 -10.48 12.42 10.35
CA VAL A 226 -9.98 13.62 9.69
C VAL A 226 -9.82 13.71 8.18
N PHE A 227 -9.27 12.68 7.53
CA PHE A 227 -9.10 12.74 6.06
C PHE A 227 -10.40 12.47 5.32
N HIS A 228 -11.14 11.50 5.85
CA HIS A 228 -12.42 11.08 5.28
C HIS A 228 -13.35 12.31 5.20
N PHE A 229 -13.79 12.79 6.37
CA PHE A 229 -14.70 13.94 6.48
C PHE A 229 -14.20 15.16 5.70
N ARG A 230 -12.93 15.15 5.30
CA ARG A 230 -12.33 16.27 4.57
C ARG A 230 -11.87 17.37 5.55
N GLU A 231 -12.02 17.09 6.85
CA GLU A 231 -11.63 18.03 7.91
C GLU A 231 -10.18 18.48 7.77
N ILE A 232 -9.39 17.67 7.06
CA ILE A 232 -7.99 17.95 6.82
C ILE A 232 -7.64 17.69 5.35
N ASP A 233 -7.04 18.68 4.70
CA ASP A 233 -6.62 18.51 3.33
C ASP A 233 -5.19 17.99 3.47
N VAL A 234 -4.91 16.84 2.88
CA VAL A 234 -3.58 16.26 2.97
C VAL A 234 -2.49 17.16 2.38
N ARG A 235 -2.81 17.84 1.27
CA ARG A 235 -1.87 18.76 0.63
C ARG A 235 -1.47 19.87 1.62
N GLU A 236 -2.47 20.51 2.23
CA GLU A 236 -2.22 21.56 3.20
C GLU A 236 -1.35 21.04 4.35
N LEU A 237 -1.72 19.86 4.86
CA LEU A 237 -1.00 19.24 5.95
C LEU A 237 0.47 18.99 5.63
N LYS A 238 0.76 18.46 4.46
CA LYS A 238 2.14 18.19 4.11
C LYS A 238 2.97 19.47 3.96
N GLU A 239 2.32 20.54 3.50
CA GLU A 239 3.01 21.82 3.33
C GLU A 239 3.24 22.48 4.69
N TYR A 240 2.32 22.24 5.61
CA TYR A 240 2.44 22.78 6.94
C TYR A 240 3.57 22.08 7.67
N LEU A 241 3.62 20.77 7.55
CA LEU A 241 4.67 20.00 8.21
C LEU A 241 6.04 20.36 7.65
N LYS A 242 6.12 20.53 6.33
CA LYS A 242 7.38 20.87 5.69
C LYS A 242 7.88 22.27 6.14
N LYS A 243 6.94 23.19 6.25
CA LYS A 243 7.25 24.55 6.66
C LYS A 243 7.95 24.54 8.02
N HIS A 244 7.55 23.61 8.89
CA HIS A 244 8.11 23.53 10.23
C HIS A 244 9.16 22.45 10.50
N GLY A 245 9.98 22.16 9.51
CA GLY A 245 11.06 21.20 9.69
C GLY A 245 10.84 19.71 9.54
N VAL A 246 9.65 19.27 9.11
CA VAL A 246 9.42 17.84 8.97
C VAL A 246 9.56 17.46 7.51
N ASN A 247 10.35 16.42 7.24
CA ASN A 247 10.54 15.95 5.87
C ASN A 247 9.36 15.06 5.47
N VAL A 248 8.51 15.56 4.58
CA VAL A 248 7.35 14.83 4.11
C VAL A 248 7.35 14.63 2.58
N ARG A 249 6.51 13.69 2.13
CA ARG A 249 6.39 13.38 0.71
C ARG A 249 5.53 14.46 0.09
N LEU A 250 6.18 15.42 -0.55
CA LEU A 250 5.47 16.51 -1.17
C LEU A 250 5.46 16.26 -2.65
N GLU A 251 4.28 16.03 -3.20
CA GLU A 251 4.13 15.79 -4.62
C GLU A 251 4.57 17.06 -5.34
N GLY A 252 3.66 17.67 -6.09
CA GLY A 252 4.01 18.88 -6.80
C GLY A 252 3.34 18.99 -8.16
N LEU A 253 3.27 20.21 -8.67
CA LEU A 253 2.64 20.48 -9.96
C LEU A 253 3.63 21.14 -10.93
N MET B 1 3.44 -2.39 -30.42
CA MET B 1 4.17 -2.53 -29.12
C MET B 1 3.83 -3.81 -28.37
N ARG B 2 4.87 -4.59 -28.07
CA ARG B 2 4.75 -5.84 -27.33
C ARG B 2 5.55 -5.70 -26.04
N ILE B 3 4.86 -5.74 -24.90
CA ILE B 3 5.54 -5.65 -23.61
C ILE B 3 5.45 -7.00 -22.91
N GLY B 4 6.58 -7.45 -22.36
CA GLY B 4 6.60 -8.72 -21.66
C GLY B 4 7.10 -8.56 -20.23
N ILE B 5 6.62 -9.40 -19.32
CA ILE B 5 7.01 -9.33 -17.94
C ILE B 5 7.38 -10.69 -17.34
N ILE B 6 8.67 -10.93 -17.11
CA ILE B 6 9.08 -12.18 -16.50
C ILE B 6 8.30 -12.31 -15.18
N SER B 7 7.63 -13.45 -15.00
CA SER B 7 6.81 -13.68 -13.80
C SER B 7 7.18 -14.92 -12.99
N VAL B 8 8.45 -15.28 -13.00
CA VAL B 8 8.91 -16.44 -12.25
C VAL B 8 9.71 -16.10 -10.99
N GLY B 9 10.64 -15.14 -11.10
CA GLY B 9 11.46 -14.71 -9.97
C GLY B 9 10.58 -14.56 -8.76
N PRO B 10 11.12 -14.67 -7.52
CA PRO B 10 10.27 -14.54 -6.33
C PRO B 10 9.61 -13.19 -6.12
N GLY B 11 8.68 -13.18 -5.19
CA GLY B 11 7.97 -11.96 -4.85
C GLY B 11 6.74 -11.67 -5.69
N ASN B 12 6.09 -10.57 -5.38
CA ASN B 12 4.91 -10.18 -6.13
C ASN B 12 5.42 -9.51 -7.40
N ILE B 13 4.78 -9.84 -8.51
CA ILE B 13 5.15 -9.26 -9.79
C ILE B 13 3.88 -8.83 -10.49
N MET B 14 2.75 -9.26 -9.96
CA MET B 14 1.49 -8.90 -10.55
C MET B 14 1.25 -7.41 -10.41
N ASN B 15 1.71 -6.83 -9.30
CA ASN B 15 1.56 -5.39 -9.08
C ASN B 15 2.27 -4.68 -10.22
N LEU B 16 3.51 -5.11 -10.51
CA LEU B 16 4.29 -4.50 -11.59
C LEU B 16 3.48 -4.63 -12.88
N TYR B 17 3.01 -5.83 -13.16
CA TYR B 17 2.20 -6.10 -14.34
C TYR B 17 1.02 -5.15 -14.39
N ARG B 18 0.29 -5.02 -13.28
CA ARG B 18 -0.87 -4.12 -13.26
C ARG B 18 -0.48 -2.67 -13.45
N GLY B 19 0.55 -2.24 -12.73
CA GLY B 19 1.00 -0.88 -12.87
C GLY B 19 1.32 -0.63 -14.32
N VAL B 20 1.98 -1.59 -14.96
CA VAL B 20 2.35 -1.47 -16.37
C VAL B 20 1.18 -1.50 -17.35
N LYS B 21 0.16 -2.32 -17.07
CA LYS B 21 -0.99 -2.37 -17.94
C LYS B 21 -1.72 -1.06 -17.80
N ARG B 22 -1.79 -0.57 -16.58
CA ARG B 22 -2.47 0.69 -16.35
C ARG B 22 -1.71 1.82 -17.03
N ALA B 23 -0.40 1.64 -17.20
CA ALA B 23 0.39 2.67 -17.84
C ALA B 23 0.28 2.56 -19.35
N SER B 24 0.39 1.34 -19.86
CA SER B 24 0.33 1.11 -21.30
C SER B 24 -1.05 1.42 -21.85
N GLU B 25 -1.95 1.83 -20.95
CA GLU B 25 -3.33 2.19 -21.30
C GLU B 25 -3.40 3.17 -22.46
N ASN B 26 -3.09 4.43 -22.15
CA ASN B 26 -3.13 5.51 -23.13
C ASN B 26 -2.08 5.41 -24.22
N PHE B 27 -2.03 4.26 -24.88
CA PHE B 27 -1.08 4.06 -25.96
C PHE B 27 -1.71 3.14 -26.99
N GLU B 28 -1.26 3.30 -28.23
CA GLU B 28 -1.74 2.51 -29.35
C GLU B 28 -1.14 1.13 -29.34
N ASP B 29 -1.84 0.18 -29.97
CA ASP B 29 -1.43 -1.21 -30.09
C ASP B 29 -0.24 -1.58 -29.18
N VAL B 30 -0.52 -1.65 -27.88
CA VAL B 30 0.49 -1.97 -26.88
C VAL B 30 -0.09 -3.07 -26.01
N SER B 31 0.54 -4.25 -26.04
CA SER B 31 0.07 -5.40 -25.28
C SER B 31 1.04 -5.80 -24.19
N ILE B 32 0.62 -6.74 -23.36
CA ILE B 32 1.44 -7.19 -22.26
C ILE B 32 1.31 -8.70 -22.11
N GLU B 33 2.44 -9.37 -21.93
CA GLU B 33 2.44 -10.81 -21.74
C GLU B 33 3.31 -11.17 -20.55
N LEU B 34 2.84 -12.14 -19.76
CA LEU B 34 3.60 -12.61 -18.62
C LEU B 34 4.59 -13.64 -19.16
N VAL B 35 5.85 -13.23 -19.32
CA VAL B 35 6.90 -14.12 -19.84
C VAL B 35 7.30 -15.14 -18.77
N GLU B 36 6.66 -16.31 -18.83
CA GLU B 36 6.90 -17.39 -17.88
C GLU B 36 7.91 -18.42 -18.36
N SER B 37 8.41 -18.23 -19.57
CA SER B 37 9.40 -19.12 -20.16
C SER B 37 9.82 -18.51 -21.51
N PRO B 38 10.87 -19.05 -22.15
CA PRO B 38 11.35 -18.55 -23.44
C PRO B 38 10.31 -18.56 -24.57
N ARG B 39 10.00 -17.39 -25.12
CA ARG B 39 9.02 -17.30 -26.22
C ARG B 39 9.82 -17.49 -27.48
N ASN B 40 9.12 -17.48 -28.62
CA ASN B 40 9.78 -17.63 -29.92
C ASN B 40 10.18 -16.23 -30.35
N ASP B 41 9.27 -15.28 -30.16
CA ASP B 41 9.53 -13.89 -30.55
C ASP B 41 10.07 -13.03 -29.42
N LEU B 42 10.70 -11.93 -29.78
CA LEU B 42 11.27 -11.03 -28.80
C LEU B 42 10.37 -9.82 -28.63
N TYR B 43 10.27 -9.35 -27.39
CA TYR B 43 9.47 -8.18 -27.07
C TYR B 43 10.20 -6.89 -27.33
N ASP B 44 9.44 -5.82 -27.46
CA ASP B 44 9.99 -4.49 -27.71
C ASP B 44 10.51 -3.91 -26.39
N LEU B 45 9.86 -4.30 -25.30
CA LEU B 45 10.17 -3.84 -23.95
C LEU B 45 9.99 -5.02 -23.01
N LEU B 46 11.00 -5.30 -22.18
CA LEU B 46 10.89 -6.43 -21.26
C LEU B 46 11.16 -5.95 -19.83
N PHE B 47 10.45 -6.54 -18.85
CA PHE B 47 10.61 -6.17 -17.46
C PHE B 47 11.10 -7.33 -16.62
N ILE B 48 12.06 -7.09 -15.73
CA ILE B 48 12.58 -8.16 -14.87
C ILE B 48 12.34 -7.77 -13.42
N PRO B 49 11.12 -8.01 -12.91
CA PRO B 49 10.75 -7.68 -11.54
C PRO B 49 11.21 -8.72 -10.55
N GLY B 50 10.50 -8.75 -9.43
CA GLY B 50 10.83 -9.72 -8.41
C GLY B 50 11.17 -8.97 -7.15
N VAL B 51 11.17 -9.70 -6.04
CA VAL B 51 11.50 -9.16 -4.74
C VAL B 51 11.87 -10.35 -3.87
N GLY B 52 13.13 -10.41 -3.46
CA GLY B 52 13.59 -11.50 -2.61
C GLY B 52 15.09 -11.69 -2.67
N HIS B 53 15.53 -12.88 -2.26
CA HIS B 53 16.95 -13.26 -2.25
C HIS B 53 17.58 -13.25 -3.65
N PHE B 54 18.78 -12.70 -3.78
CA PHE B 54 19.48 -12.63 -5.06
C PHE B 54 19.72 -14.01 -5.66
N GLY B 55 19.99 -14.99 -4.80
CA GLY B 55 20.21 -16.35 -5.26
C GLY B 55 19.01 -16.71 -6.08
N GLU B 56 17.87 -16.78 -5.40
CA GLU B 56 16.59 -17.05 -6.02
C GLU B 56 16.40 -15.92 -7.01
N GLY B 57 15.59 -16.12 -8.04
CA GLY B 57 15.42 -15.07 -9.03
C GLY B 57 16.47 -15.40 -10.07
N MET B 58 17.67 -15.68 -9.58
CA MET B 58 18.76 -16.08 -10.45
C MET B 58 18.52 -17.56 -10.75
N ARG B 59 18.20 -18.30 -9.69
CA ARG B 59 17.92 -19.72 -9.74
C ARG B 59 16.55 -19.99 -10.35
N ARG B 60 15.78 -18.93 -10.59
CA ARG B 60 14.46 -19.06 -11.19
C ARG B 60 14.58 -18.66 -12.66
N LEU B 61 15.54 -17.80 -12.98
CA LEU B 61 15.75 -17.43 -14.37
C LEU B 61 16.46 -18.59 -15.05
N ARG B 62 17.41 -19.21 -14.34
CA ARG B 62 18.13 -20.35 -14.89
C ARG B 62 17.11 -21.48 -15.08
N GLU B 63 16.57 -21.97 -13.96
CA GLU B 63 15.58 -23.04 -13.98
C GLU B 63 14.57 -23.01 -15.16
N ASN B 64 13.93 -21.87 -15.41
CA ASN B 64 12.97 -21.77 -16.52
C ASN B 64 13.62 -21.20 -17.78
N ASP B 65 14.91 -21.45 -17.91
CA ASP B 65 15.71 -21.01 -19.05
C ASP B 65 15.32 -19.66 -19.65
N LEU B 66 15.42 -18.60 -18.85
CA LEU B 66 15.09 -17.27 -19.34
C LEU B 66 16.38 -16.48 -19.54
N ILE B 67 17.46 -16.94 -18.89
CA ILE B 67 18.74 -16.26 -18.98
C ILE B 67 19.13 -16.02 -20.44
N ASP B 68 19.24 -17.09 -21.21
CA ASP B 68 19.61 -16.97 -22.61
C ASP B 68 18.60 -16.07 -23.33
N PHE B 69 17.32 -16.21 -22.97
CA PHE B 69 16.23 -15.41 -23.56
C PHE B 69 16.42 -13.92 -23.30
N VAL B 70 16.66 -13.56 -22.04
CA VAL B 70 16.88 -12.16 -21.65
C VAL B 70 18.05 -11.60 -22.42
N ARG B 71 19.14 -12.37 -22.39
CA ARG B 71 20.36 -11.96 -23.06
C ARG B 71 20.18 -11.63 -24.54
N LYS B 72 19.25 -12.32 -25.21
CA LYS B 72 18.99 -12.07 -26.63
C LYS B 72 18.26 -10.75 -26.81
N HIS B 73 17.58 -10.30 -25.76
CA HIS B 73 16.87 -9.03 -25.83
C HIS B 73 17.84 -7.87 -25.87
N VAL B 74 18.83 -7.91 -24.98
CA VAL B 74 19.79 -6.82 -24.95
C VAL B 74 20.44 -6.70 -26.34
N GLU B 75 20.95 -7.82 -26.84
CA GLU B 75 21.63 -7.83 -28.13
C GLU B 75 20.86 -7.21 -29.30
N ASP B 76 19.56 -7.52 -29.43
CA ASP B 76 18.75 -6.97 -30.53
C ASP B 76 18.37 -5.52 -30.26
N GLU B 77 18.93 -4.96 -29.18
CA GLU B 77 18.65 -3.58 -28.82
C GLU B 77 17.20 -3.47 -28.35
N ARG B 78 16.80 -4.41 -27.51
CA ARG B 78 15.45 -4.39 -26.98
C ARG B 78 15.55 -3.89 -25.55
N TYR B 79 14.77 -2.89 -25.17
CA TYR B 79 14.85 -2.44 -23.79
C TYR B 79 14.75 -3.62 -22.87
N VAL B 80 15.42 -3.54 -21.74
CA VAL B 80 15.40 -4.59 -20.73
C VAL B 80 15.40 -3.78 -19.45
N VAL B 81 14.26 -3.76 -18.79
CA VAL B 81 14.11 -2.97 -17.59
C VAL B 81 13.93 -3.78 -16.32
N GLY B 82 14.91 -3.69 -15.43
CA GLY B 82 14.84 -4.39 -14.17
C GLY B 82 14.14 -3.50 -13.16
N VAL B 83 13.51 -4.11 -12.17
CA VAL B 83 12.81 -3.36 -11.16
C VAL B 83 12.99 -4.07 -9.84
N CYS B 84 13.67 -3.39 -8.92
CA CYS B 84 13.92 -3.93 -7.60
C CYS B 84 14.87 -5.13 -7.74
N LEU B 85 14.55 -6.24 -7.07
CA LEU B 85 15.40 -7.43 -7.13
C LEU B 85 15.96 -7.65 -8.53
N GLY B 86 15.13 -7.35 -9.53
CA GLY B 86 15.52 -7.51 -10.92
C GLY B 86 16.52 -6.49 -11.44
N MET B 87 16.71 -5.41 -10.71
CA MET B 87 17.66 -4.41 -11.16
C MET B 87 19.01 -4.85 -10.64
N GLN B 88 18.98 -5.58 -9.53
CA GLN B 88 20.21 -6.06 -8.92
C GLN B 88 20.70 -7.30 -9.67
N LEU B 89 19.77 -7.98 -10.35
CA LEU B 89 20.10 -9.17 -11.11
C LEU B 89 20.80 -8.76 -12.39
N LEU B 90 20.84 -7.46 -12.67
CA LEU B 90 21.52 -6.98 -13.86
C LEU B 90 23.05 -6.99 -13.61
N PHE B 91 23.45 -7.13 -12.35
CA PHE B 91 24.87 -7.12 -11.97
C PHE B 91 25.55 -8.48 -11.80
N GLU B 92 26.83 -8.44 -11.42
CA GLU B 92 27.67 -9.63 -11.27
C GLU B 92 27.47 -10.55 -10.07
N GLU B 93 27.51 -10.02 -8.84
CA GLU B 93 27.29 -10.84 -7.66
C GLU B 93 26.84 -10.02 -6.46
N SER B 94 26.40 -10.69 -5.41
CA SER B 94 25.90 -10.00 -4.22
C SER B 94 26.36 -10.61 -2.92
N GLU B 95 26.56 -9.77 -1.91
CA GLU B 95 26.98 -10.26 -0.62
C GLU B 95 25.84 -11.11 -0.05
N GLU B 96 24.72 -11.10 -0.76
CA GLU B 96 23.57 -11.88 -0.32
C GLU B 96 23.81 -13.33 -0.67
N ALA B 97 24.28 -13.55 -1.90
CA ALA B 97 24.61 -14.87 -2.41
C ALA B 97 26.04 -14.76 -2.96
N PRO B 98 27.04 -14.82 -2.06
CA PRO B 98 28.47 -14.72 -2.39
C PRO B 98 28.89 -15.45 -3.69
N GLY B 99 28.75 -16.77 -3.70
CA GLY B 99 29.16 -17.52 -4.88
C GLY B 99 28.40 -17.13 -6.12
N VAL B 100 27.08 -17.20 -6.02
CA VAL B 100 26.15 -16.92 -7.10
C VAL B 100 26.43 -15.73 -8.01
N LYS B 101 26.63 -16.01 -9.30
CA LYS B 101 26.81 -14.96 -10.29
C LYS B 101 25.40 -14.50 -10.72
N GLY B 102 25.31 -13.32 -11.30
CA GLY B 102 24.01 -12.86 -11.74
C GLY B 102 24.05 -12.77 -13.25
N LEU B 103 23.11 -12.02 -13.84
CA LEU B 103 23.07 -11.84 -15.26
C LEU B 103 24.39 -11.22 -15.72
N SER B 104 24.81 -10.15 -15.06
CA SER B 104 26.06 -9.47 -15.38
C SER B 104 25.98 -8.55 -16.60
N LEU B 105 24.80 -8.06 -16.92
CA LEU B 105 24.59 -7.18 -18.07
C LEU B 105 25.14 -5.79 -17.82
N ILE B 106 25.38 -5.51 -16.55
CA ILE B 106 25.90 -4.22 -16.14
C ILE B 106 27.05 -4.49 -15.17
N GLU B 107 28.12 -3.70 -15.34
CA GLU B 107 29.33 -3.80 -14.54
C GLU B 107 29.10 -3.31 -13.13
N GLY B 108 29.27 -4.20 -12.17
CA GLY B 108 29.09 -3.81 -10.80
C GLY B 108 28.72 -5.01 -9.97
N ASN B 109 28.51 -4.79 -8.68
CA ASN B 109 28.13 -5.86 -7.78
C ASN B 109 27.05 -5.29 -6.85
N VAL B 110 26.58 -6.10 -5.92
CA VAL B 110 25.55 -5.63 -5.00
C VAL B 110 25.99 -5.76 -3.56
N VAL B 111 26.05 -4.63 -2.87
CA VAL B 111 26.47 -4.63 -1.47
C VAL B 111 25.33 -4.20 -0.53
N LYS B 112 25.42 -4.65 0.71
CA LYS B 112 24.43 -4.35 1.75
C LYS B 112 24.61 -2.91 2.20
N LEU B 113 23.54 -2.13 2.20
CA LEU B 113 23.61 -0.75 2.66
C LEU B 113 24.33 -0.75 4.02
N ARG B 114 25.08 0.30 4.32
CA ARG B 114 25.78 0.36 5.59
C ARG B 114 24.99 1.23 6.56
N SER B 115 23.79 0.77 6.89
CA SER B 115 22.90 1.46 7.81
C SER B 115 22.48 0.48 8.90
N ARG B 116 22.21 0.99 10.09
CA ARG B 116 21.78 0.14 11.21
C ARG B 116 20.29 -0.14 11.17
N ARG B 117 19.56 0.61 10.34
CA ARG B 117 18.13 0.38 10.19
C ARG B 117 18.07 -0.37 8.85
N LEU B 118 18.69 -1.55 8.84
CA LEU B 118 18.82 -2.40 7.65
C LEU B 118 17.79 -2.27 6.55
N PRO B 119 16.51 -2.67 6.80
CA PRO B 119 15.55 -2.53 5.69
C PRO B 119 15.24 -1.08 5.31
N HIS B 120 15.70 -0.63 4.15
CA HIS B 120 15.42 0.72 3.66
C HIS B 120 13.99 0.66 3.11
N MET B 121 13.02 1.05 3.93
CA MET B 121 11.61 0.99 3.59
C MET B 121 10.85 2.32 3.78
N GLY B 122 10.31 2.85 2.69
CA GLY B 122 9.56 4.09 2.77
C GLY B 122 9.70 4.91 1.52
N TRP B 123 9.09 6.09 1.52
CA TRP B 123 9.15 6.99 0.38
C TRP B 123 10.43 7.80 0.52
N ASN B 124 11.22 7.89 -0.55
CA ASN B 124 12.44 8.65 -0.50
C ASN B 124 12.54 9.37 -1.83
N GLU B 125 13.34 10.42 -1.88
CA GLU B 125 13.45 11.20 -3.11
C GLU B 125 14.47 10.62 -4.09
N VAL B 126 14.12 10.70 -5.36
CA VAL B 126 15.00 10.22 -6.40
C VAL B 126 15.29 11.43 -7.28
N ILE B 127 16.58 11.62 -7.56
CA ILE B 127 17.06 12.71 -8.38
C ILE B 127 17.59 12.04 -9.64
N PHE B 128 17.02 12.38 -10.79
CA PHE B 128 17.42 11.79 -12.07
C PHE B 128 18.36 12.68 -12.88
N LYS B 129 19.25 12.05 -13.64
CA LYS B 129 20.17 12.83 -14.46
C LYS B 129 19.35 13.45 -15.60
N ASP B 130 18.24 12.80 -15.95
CA ASP B 130 17.38 13.31 -17.02
C ASP B 130 16.21 12.36 -17.33
N THR B 131 15.38 12.77 -18.29
CA THR B 131 14.26 11.96 -18.77
C THR B 131 13.06 11.75 -17.84
N PHE B 132 13.26 11.00 -16.76
CA PHE B 132 12.20 10.71 -15.79
C PHE B 132 11.97 11.87 -14.83
N PRO B 133 10.80 11.93 -14.17
CA PRO B 133 10.44 12.99 -13.21
C PRO B 133 11.06 12.83 -11.82
N ASN B 134 11.66 13.91 -11.31
CA ASN B 134 12.28 13.89 -9.99
C ASN B 134 11.18 13.89 -8.94
N GLY B 135 11.39 13.16 -7.86
CA GLY B 135 10.39 13.13 -6.81
C GLY B 135 10.56 11.99 -5.84
N TYR B 136 9.51 11.72 -5.06
CA TYR B 136 9.56 10.62 -4.09
C TYR B 136 8.89 9.34 -4.63
N TYR B 137 9.56 8.21 -4.44
CA TYR B 137 9.06 6.91 -4.85
C TYR B 137 9.15 6.00 -3.64
N TYR B 138 8.51 4.84 -3.72
CA TYR B 138 8.50 3.89 -2.60
C TYR B 138 9.59 2.82 -2.73
N PHE B 139 10.38 2.67 -1.67
CA PHE B 139 11.49 1.71 -1.62
C PHE B 139 11.33 0.62 -0.57
N VAL B 140 11.84 -0.58 -0.88
CA VAL B 140 11.83 -1.70 0.06
C VAL B 140 12.96 -2.69 -0.28
N HIS B 141 14.19 -2.33 0.06
CA HIS B 141 15.34 -3.20 -0.19
C HIS B 141 16.35 -3.15 0.94
N THR B 142 17.27 -4.11 0.95
CA THR B 142 18.30 -4.16 1.96
C THR B 142 19.66 -3.96 1.29
N TYR B 143 19.75 -4.42 0.04
CA TYR B 143 20.99 -4.29 -0.72
C TYR B 143 20.89 -3.18 -1.75
N ARG B 144 22.04 -2.73 -2.22
CA ARG B 144 22.12 -1.65 -3.21
C ARG B 144 23.04 -1.97 -4.37
N ALA B 145 23.21 -1.02 -5.26
CA ALA B 145 24.08 -1.21 -6.41
C ALA B 145 25.39 -0.47 -6.22
N VAL B 146 26.45 -1.06 -6.75
CA VAL B 146 27.81 -0.51 -6.74
C VAL B 146 28.23 -0.58 -8.21
N CYS B 147 28.15 0.52 -8.93
CA CYS B 147 28.53 0.50 -10.34
C CYS B 147 29.28 1.77 -10.69
N GLU B 148 29.95 1.77 -11.84
CA GLU B 148 30.69 2.96 -12.23
C GLU B 148 29.68 4.09 -12.33
N GLU B 149 30.20 5.30 -12.36
CA GLU B 149 29.37 6.48 -12.42
C GLU B 149 28.60 6.51 -13.74
N GLU B 150 29.27 6.05 -14.79
CA GLU B 150 28.73 6.01 -16.14
C GLU B 150 27.27 5.49 -16.24
N HIS B 151 26.96 4.48 -15.42
CA HIS B 151 25.63 3.90 -15.46
C HIS B 151 24.60 4.48 -14.44
N VAL B 152 25.07 5.26 -13.48
CA VAL B 152 24.18 5.88 -12.52
C VAL B 152 23.20 6.76 -13.32
N LEU B 153 21.90 6.57 -13.07
CA LEU B 153 20.84 7.34 -13.75
C LEU B 153 19.97 8.05 -12.73
N GLY B 154 19.89 7.48 -11.53
CA GLY B 154 19.09 8.08 -10.49
C GLY B 154 19.75 7.92 -9.14
N THR B 155 19.73 8.99 -8.34
CA THR B 155 20.34 9.00 -7.02
C THR B 155 19.36 9.25 -5.86
N THR B 156 19.62 8.60 -4.73
CA THR B 156 18.77 8.72 -3.54
C THR B 156 19.68 8.58 -2.34
N GLU B 157 19.39 9.32 -1.26
CA GLU B 157 20.22 9.20 -0.07
C GLU B 157 19.39 8.66 1.08
N TYR B 158 19.97 7.75 1.84
CA TYR B 158 19.29 7.16 2.97
C TYR B 158 20.27 6.96 4.14
N ASP B 159 20.06 7.73 5.21
CA ASP B 159 20.91 7.66 6.40
C ASP B 159 22.31 8.15 6.07
N GLY B 160 22.40 9.23 5.29
CA GLY B 160 23.70 9.78 4.95
C GLY B 160 24.31 9.11 3.73
N GLU B 161 23.96 7.84 3.53
CA GLU B 161 24.45 7.07 2.40
C GLU B 161 23.77 7.44 1.09
N ILE B 162 24.59 7.73 0.08
CA ILE B 162 24.09 8.07 -1.24
C ILE B 162 24.27 6.84 -2.11
N PHE B 163 23.22 6.44 -2.82
CA PHE B 163 23.31 5.25 -3.67
C PHE B 163 22.54 5.38 -4.96
N PRO B 164 22.93 4.64 -6.01
CA PRO B 164 22.23 4.71 -7.29
C PRO B 164 20.86 4.01 -7.18
N SER B 165 19.81 4.79 -7.22
CA SER B 165 18.46 4.25 -7.11
C SER B 165 17.98 3.81 -8.50
N ALA B 166 18.63 4.36 -9.51
CA ALA B 166 18.35 4.04 -10.90
C ALA B 166 19.67 3.59 -11.51
N VAL B 167 19.60 2.91 -12.63
CA VAL B 167 20.79 2.40 -13.30
C VAL B 167 20.50 2.42 -14.78
N ARG B 168 21.54 2.51 -15.60
CA ARG B 168 21.37 2.52 -17.04
C ARG B 168 22.64 2.22 -17.85
N LYS B 169 22.47 1.45 -18.92
CA LYS B 169 23.55 1.09 -19.82
C LYS B 169 22.91 0.95 -21.22
N GLY B 170 22.65 2.10 -21.83
CA GLY B 170 22.04 2.11 -23.14
C GLY B 170 20.54 1.92 -23.12
N ARG B 171 20.11 0.73 -23.56
CA ARG B 171 18.70 0.39 -23.61
C ARG B 171 18.30 -0.47 -22.41
N ILE B 172 19.27 -0.84 -21.59
CA ILE B 172 19.03 -1.60 -20.38
C ILE B 172 18.74 -0.54 -19.31
N LEU B 173 17.69 -0.75 -18.53
CA LEU B 173 17.36 0.21 -17.48
C LEU B 173 17.05 -0.52 -16.20
N GLY B 174 17.43 0.09 -15.09
CA GLY B 174 17.17 -0.48 -13.79
C GLY B 174 16.58 0.58 -12.87
N PHE B 175 15.70 0.16 -11.96
CA PHE B 175 15.07 1.05 -10.98
C PHE B 175 15.00 0.24 -9.71
N GLN B 176 15.48 0.83 -8.61
CA GLN B 176 15.51 0.17 -7.31
C GLN B 176 14.19 0.26 -6.54
N PHE B 177 13.35 1.21 -6.93
CA PHE B 177 12.07 1.39 -6.28
C PHE B 177 10.92 0.64 -6.99
N HIS B 178 9.74 0.65 -6.36
CA HIS B 178 8.56 0.00 -6.90
C HIS B 178 7.65 1.03 -7.57
N PRO B 179 7.90 1.32 -8.85
CA PRO B 179 7.03 2.31 -9.49
C PRO B 179 5.52 2.01 -9.37
N GLU B 180 5.16 0.74 -9.23
CA GLU B 180 3.76 0.34 -9.11
C GLU B 180 3.16 0.81 -7.80
N LYS B 181 4.02 1.12 -6.84
CA LYS B 181 3.58 1.56 -5.53
C LYS B 181 3.87 3.03 -5.27
N SER B 182 4.29 3.73 -6.31
CA SER B 182 4.65 5.13 -6.17
C SER B 182 3.61 6.16 -6.61
N SER B 183 2.33 5.84 -6.44
CA SER B 183 1.26 6.77 -6.76
C SER B 183 1.29 7.37 -8.17
N LYS B 184 0.92 8.64 -8.29
CA LYS B 184 0.89 9.34 -9.58
C LYS B 184 2.27 9.42 -10.21
N ILE B 185 3.28 9.72 -9.40
CA ILE B 185 4.64 9.84 -9.89
C ILE B 185 5.13 8.52 -10.50
N GLY B 186 4.67 7.39 -9.92
CA GLY B 186 5.06 6.09 -10.42
C GLY B 186 4.54 5.80 -11.82
N ARG B 187 3.33 6.25 -12.12
CA ARG B 187 2.74 6.01 -13.42
C ARG B 187 3.44 6.79 -14.52
N LYS B 188 3.87 8.02 -14.22
CA LYS B 188 4.58 8.78 -15.25
C LYS B 188 5.94 8.14 -15.49
N LEU B 189 6.54 7.57 -14.44
CA LEU B 189 7.83 6.91 -14.59
C LEU B 189 7.61 5.69 -15.50
N LEU B 190 6.56 4.94 -15.22
CA LEU B 190 6.23 3.76 -16.01
C LEU B 190 5.88 4.15 -17.45
N GLU B 191 5.18 5.25 -17.64
CA GLU B 191 4.81 5.68 -18.98
C GLU B 191 6.01 6.15 -19.76
N LYS B 192 6.85 6.95 -19.12
CA LYS B 192 8.04 7.48 -19.75
C LYS B 192 8.87 6.32 -20.27
N VAL B 193 8.86 5.21 -19.54
CA VAL B 193 9.59 4.03 -20.00
C VAL B 193 8.97 3.56 -21.34
N ILE B 194 7.67 3.32 -21.34
CA ILE B 194 7.00 2.87 -22.56
C ILE B 194 7.21 3.85 -23.72
N GLU B 195 7.30 5.14 -23.42
CA GLU B 195 7.50 6.16 -24.45
C GLU B 195 8.92 6.16 -24.99
N CYS B 196 9.84 5.61 -24.21
CA CYS B 196 11.24 5.53 -24.62
C CYS B 196 11.47 4.32 -25.52
N SER B 197 10.57 3.34 -25.41
CA SER B 197 10.66 2.12 -26.20
C SER B 197 9.93 2.26 -27.54
N LEU B 198 9.22 3.37 -27.72
CA LEU B 198 8.52 3.63 -28.98
C LEU B 198 9.55 4.16 -29.97
N SER B 199 10.81 3.85 -29.72
CA SER B 199 11.90 4.29 -30.58
C SER B 199 13.09 3.31 -30.63
N ARG B 200 13.30 2.75 -31.82
CA ARG B 200 14.39 1.80 -32.13
C ARG B 200 14.07 1.05 -33.43
N ARG B 201 14.50 -0.13 -33.56
N MET C 1 -4.48 -40.62 30.14
CA MET C 1 -4.16 -41.52 31.30
C MET C 1 -4.02 -40.70 32.57
N LEU C 2 -4.58 -41.22 33.64
CA LEU C 2 -4.51 -40.56 34.93
C LEU C 2 -3.07 -40.35 35.37
N ALA C 3 -2.81 -39.20 36.00
CA ALA C 3 -1.48 -38.91 36.48
C ALA C 3 -1.31 -39.31 37.94
N LYS C 4 -0.07 -39.61 38.31
CA LYS C 4 0.23 -39.95 39.71
C LYS C 4 0.31 -38.61 40.43
N ARG C 5 -0.34 -38.51 41.58
CA ARG C 5 -0.36 -37.26 42.31
C ARG C 5 0.69 -36.99 43.37
N ILE C 6 1.15 -35.75 43.43
CA ILE C 6 2.07 -35.31 44.45
C ILE C 6 1.16 -34.50 45.36
N ILE C 7 1.04 -34.93 46.61
CA ILE C 7 0.14 -34.25 47.53
C ILE C 7 0.82 -33.67 48.75
N ALA C 8 0.36 -32.49 49.15
CA ALA C 8 0.90 -31.81 50.32
C ALA C 8 -0.06 -31.95 51.49
N CYS C 9 0.49 -32.34 52.65
CA CYS C 9 -0.31 -32.49 53.85
C CYS C 9 -0.02 -31.36 54.83
N LEU C 10 -1.09 -30.70 55.29
CA LEU C 10 -0.97 -29.61 56.24
C LEU C 10 -1.59 -30.05 57.55
N ASN C 11 -0.76 -30.17 58.58
CA ASN C 11 -1.24 -30.56 59.90
C ASN C 11 -1.74 -29.25 60.53
N VAL C 12 -2.98 -29.23 61.03
CA VAL C 12 -3.45 -28.00 61.65
C VAL C 12 -4.08 -28.21 63.02
N LYS C 13 -4.02 -27.16 63.83
CA LYS C 13 -4.59 -27.15 65.17
C LYS C 13 -5.03 -25.74 65.51
N ASP C 14 -6.26 -25.62 66.01
CA ASP C 14 -6.83 -24.34 66.40
C ASP C 14 -6.52 -23.25 65.38
N GLY C 15 -6.71 -23.57 64.10
CA GLY C 15 -6.50 -22.60 63.04
C GLY C 15 -5.12 -22.41 62.45
N ARG C 16 -4.12 -23.14 62.91
CA ARG C 16 -2.80 -22.93 62.33
C ARG C 16 -2.11 -24.21 61.89
N VAL C 17 -1.04 -24.05 61.11
CA VAL C 17 -0.27 -25.17 60.59
C VAL C 17 0.80 -25.63 61.57
N VAL C 18 0.50 -26.64 62.38
CA VAL C 18 1.45 -27.14 63.37
C VAL C 18 2.66 -27.82 62.74
N LYS C 19 3.28 -28.73 63.50
CA LYS C 19 4.46 -29.51 63.06
C LYS C 19 5.42 -29.81 64.21
N GLY C 20 4.92 -30.36 65.31
CA GLY C 20 5.77 -30.68 66.45
C GLY C 20 6.41 -32.07 66.40
N THR C 21 6.48 -32.75 67.53
CA THR C 21 7.03 -34.10 67.57
C THR C 21 5.87 -35.04 67.98
N ASN C 22 4.72 -34.83 67.33
CA ASN C 22 3.50 -35.60 67.59
C ASN C 22 3.13 -35.65 69.09
N PHE C 23 2.57 -34.54 69.56
CA PHE C 23 2.16 -34.38 70.96
C PHE C 23 3.40 -34.35 71.85
N GLU C 24 4.58 -34.38 71.22
CA GLU C 24 5.86 -34.32 71.96
C GLU C 24 6.21 -32.83 72.11
N ASN C 25 5.15 -32.02 72.13
CA ASN C 25 5.23 -30.57 72.26
C ASN C 25 5.49 -29.92 70.90
N LEU C 26 4.38 -29.67 70.21
CA LEU C 26 4.31 -29.09 68.86
C LEU C 26 4.90 -27.68 68.73
N ARG C 27 5.04 -27.23 67.48
CA ARG C 27 5.56 -25.88 67.23
C ARG C 27 4.44 -25.03 66.64
N ASP C 28 4.72 -24.46 65.49
CA ASP C 28 3.77 -23.61 64.79
C ASP C 28 4.47 -23.09 63.54
N SER C 29 3.73 -23.09 62.43
CA SER C 29 4.22 -22.60 61.14
C SER C 29 3.06 -22.03 60.30
N GLY C 30 3.40 -21.12 59.39
CA GLY C 30 2.46 -20.44 58.50
C GLY C 30 0.95 -20.43 58.72
N ASP C 31 0.25 -19.79 57.78
CA ASP C 31 -1.20 -19.75 57.83
C ASP C 31 -1.67 -20.80 56.83
N PRO C 32 -2.58 -21.71 57.25
CA PRO C 32 -3.09 -22.77 56.37
C PRO C 32 -3.60 -22.32 55.00
N VAL C 33 -4.07 -21.08 54.90
CA VAL C 33 -4.59 -20.58 53.64
C VAL C 33 -3.50 -20.14 52.65
N GLU C 34 -2.50 -19.41 53.14
CA GLU C 34 -1.41 -18.92 52.28
C GLU C 34 -0.44 -20.05 51.93
N LEU C 35 -0.33 -21.02 52.84
CA LEU C 35 0.54 -22.18 52.64
C LEU C 35 -0.08 -23.09 51.58
N GLY C 36 -1.40 -23.12 51.54
CA GLY C 36 -2.09 -23.93 50.55
C GLY C 36 -2.00 -23.27 49.20
N LYS C 37 -2.07 -21.93 49.21
CA LYS C 37 -2.00 -21.12 47.99
C LYS C 37 -0.63 -21.23 47.38
N PHE C 38 0.37 -21.38 48.24
CA PHE C 38 1.76 -21.52 47.81
C PHE C 38 1.97 -22.90 47.16
N TYR C 39 1.45 -23.95 47.81
CA TYR C 39 1.58 -25.31 47.32
C TYR C 39 0.91 -25.50 45.97
N SER C 40 -0.17 -24.77 45.73
CA SER C 40 -0.86 -24.87 44.46
C SER C 40 -0.08 -24.10 43.40
N GLU C 41 0.52 -22.99 43.81
CA GLU C 41 1.31 -22.19 42.88
C GLU C 41 2.52 -22.98 42.37
N ILE C 42 3.23 -23.68 43.26
CA ILE C 42 4.39 -24.47 42.84
C ILE C 42 4.13 -25.77 42.07
N GLY C 43 2.88 -26.25 42.06
CA GLY C 43 2.58 -27.46 41.31
C GLY C 43 2.05 -28.67 42.04
N ILE C 44 1.71 -28.49 43.30
CA ILE C 44 1.15 -29.58 44.08
C ILE C 44 -0.20 -29.94 43.46
N ASP C 45 -0.53 -31.23 43.47
CA ASP C 45 -1.77 -31.68 42.83
C ASP C 45 -2.98 -31.71 43.75
N GLU C 46 -2.76 -32.00 45.01
CA GLU C 46 -3.86 -32.05 45.97
C GLU C 46 -3.37 -31.61 47.33
N LEU C 47 -4.32 -31.28 48.20
CA LEU C 47 -4.01 -30.86 49.56
C LEU C 47 -4.79 -31.71 50.56
N VAL C 48 -4.24 -31.85 51.75
CA VAL C 48 -4.89 -32.59 52.80
C VAL C 48 -4.65 -31.84 54.10
N PHE C 49 -5.74 -31.39 54.72
CA PHE C 49 -5.65 -30.68 55.98
C PHE C 49 -6.11 -31.67 57.03
N LEU C 50 -5.35 -31.78 58.11
CA LEU C 50 -5.66 -32.67 59.22
C LEU C 50 -5.69 -31.85 60.50
N ASP C 51 -6.88 -31.73 61.06
CA ASP C 51 -7.05 -30.95 62.28
C ASP C 51 -6.95 -31.83 63.52
N ILE C 52 -6.28 -31.29 64.55
CA ILE C 52 -6.07 -31.98 65.83
C ILE C 52 -6.39 -31.03 67.00
N THR C 53 -7.23 -30.04 66.69
CA THR C 53 -7.70 -29.02 67.63
C THR C 53 -8.42 -29.60 68.85
N ALA C 54 -8.65 -28.75 69.85
CA ALA C 54 -9.37 -29.15 71.06
C ALA C 54 -10.70 -29.76 70.60
N SER C 55 -11.52 -30.21 71.55
CA SER C 55 -12.78 -30.85 71.17
C SER C 55 -14.07 -30.07 71.41
N VAL C 56 -14.01 -28.74 71.38
CA VAL C 56 -15.23 -27.92 71.56
C VAL C 56 -15.18 -26.77 70.56
N GLU C 57 -13.99 -26.51 70.04
CA GLU C 57 -13.76 -25.48 69.06
C GLU C 57 -13.45 -26.18 67.75
N LYS C 58 -13.47 -27.51 67.76
CA LYS C 58 -13.13 -28.26 66.55
C LYS C 58 -14.19 -28.18 65.45
N ARG C 59 -15.36 -28.74 65.71
CA ARG C 59 -16.44 -28.73 64.73
C ARG C 59 -16.68 -27.37 64.06
N LYS C 60 -16.26 -26.28 64.71
CA LYS C 60 -16.43 -24.94 64.17
C LYS C 60 -15.17 -24.51 63.43
N THR C 61 -14.02 -24.74 64.07
CA THR C 61 -12.74 -24.41 63.48
C THR C 61 -12.54 -25.12 62.14
N MET C 62 -13.10 -26.32 61.99
CA MET C 62 -12.97 -27.08 60.74
C MET C 62 -13.87 -26.50 59.67
N LEU C 63 -15.01 -25.96 60.07
CA LEU C 63 -15.91 -25.35 59.11
C LEU C 63 -15.35 -23.97 58.75
N GLU C 64 -14.69 -23.34 59.72
CA GLU C 64 -14.08 -22.02 59.51
C GLU C 64 -12.99 -22.21 58.45
N LEU C 65 -12.12 -23.18 58.69
CA LEU C 65 -10.99 -23.53 57.82
C LEU C 65 -11.41 -23.91 56.40
N VAL C 66 -12.42 -24.77 56.29
CA VAL C 66 -12.87 -25.19 54.97
C VAL C 66 -13.23 -23.96 54.16
N GLU C 67 -14.12 -23.15 54.72
CA GLU C 67 -14.59 -21.94 54.07
C GLU C 67 -13.46 -21.03 53.60
N LYS C 68 -12.47 -20.82 54.46
CA LYS C 68 -11.31 -19.97 54.15
C LYS C 68 -10.44 -20.51 53.00
N VAL C 69 -10.30 -21.82 52.95
CA VAL C 69 -9.50 -22.49 51.92
C VAL C 69 -10.31 -22.53 50.63
N ALA C 70 -11.56 -22.96 50.74
CA ALA C 70 -12.46 -23.09 49.59
C ALA C 70 -12.65 -21.80 48.80
N GLU C 71 -12.50 -20.65 49.44
CA GLU C 71 -12.67 -19.39 48.72
C GLU C 71 -11.40 -18.93 48.01
N GLN C 72 -10.29 -19.62 48.22
CA GLN C 72 -9.07 -19.20 47.55
C GLN C 72 -8.22 -20.22 46.79
N ILE C 73 -8.33 -21.51 47.10
CA ILE C 73 -7.53 -22.52 46.39
C ILE C 73 -8.21 -22.97 45.10
N ASP C 74 -7.40 -23.37 44.13
CA ASP C 74 -7.94 -23.78 42.86
C ASP C 74 -7.62 -25.20 42.52
N ILE C 75 -7.43 -26.03 43.54
CA ILE C 75 -7.14 -27.44 43.37
C ILE C 75 -7.88 -28.24 44.45
N PRO C 76 -8.08 -29.55 44.22
CA PRO C 76 -8.77 -30.45 45.16
C PRO C 76 -8.13 -30.49 46.53
N PHE C 77 -8.95 -30.51 47.58
CA PHE C 77 -8.40 -30.59 48.93
C PHE C 77 -9.24 -31.47 49.82
N THR C 78 -8.62 -32.02 50.86
CA THR C 78 -9.32 -32.89 51.77
C THR C 78 -9.17 -32.42 53.21
N VAL C 79 -10.17 -32.72 54.02
CA VAL C 79 -10.15 -32.37 55.43
C VAL C 79 -10.58 -33.58 56.23
N GLY C 80 -9.83 -33.84 57.30
CA GLY C 80 -10.11 -34.97 58.17
C GLY C 80 -9.62 -34.73 59.58
N GLY C 81 -9.86 -35.71 60.44
CA GLY C 81 -9.46 -35.61 61.83
C GLY C 81 -10.69 -35.31 62.64
N GLY C 82 -11.08 -36.22 63.52
CA GLY C 82 -12.24 -35.95 64.35
C GLY C 82 -13.60 -35.99 63.67
N ILE C 83 -13.67 -36.40 62.41
CA ILE C 83 -14.97 -36.51 61.75
C ILE C 83 -15.54 -37.82 62.28
N HIS C 84 -16.50 -37.72 63.19
CA HIS C 84 -17.07 -38.92 63.80
C HIS C 84 -18.41 -39.38 63.25
N ASP C 85 -19.13 -38.49 62.56
CA ASP C 85 -20.44 -38.88 62.02
C ASP C 85 -20.77 -38.27 60.67
N PHE C 86 -21.87 -38.74 60.07
CA PHE C 86 -22.35 -38.26 58.78
C PHE C 86 -22.68 -36.78 58.83
N GLU C 87 -23.18 -36.32 59.98
CA GLU C 87 -23.56 -34.92 60.13
C GLU C 87 -22.36 -34.00 59.99
N THR C 88 -21.23 -34.37 60.58
CA THR C 88 -20.05 -33.53 60.47
C THR C 88 -19.50 -33.62 59.04
N ALA C 89 -19.43 -34.83 58.49
CA ALA C 89 -18.93 -35.01 57.13
C ALA C 89 -19.67 -34.09 56.18
N SER C 90 -20.99 -34.22 56.21
CA SER C 90 -21.90 -33.44 55.38
C SER C 90 -21.70 -31.91 55.52
N GLU C 91 -21.62 -31.39 56.74
CA GLU C 91 -21.43 -29.94 56.89
C GLU C 91 -20.20 -29.56 56.08
N LEU C 92 -19.08 -30.21 56.42
CA LEU C 92 -17.81 -29.96 55.78
C LEU C 92 -17.78 -29.99 54.27
N ILE C 93 -18.47 -30.95 53.67
CA ILE C 93 -18.50 -31.02 52.22
C ILE C 93 -19.30 -29.87 51.64
N LEU C 94 -20.46 -29.61 52.24
CA LEU C 94 -21.32 -28.52 51.78
C LEU C 94 -20.62 -27.20 51.92
N ARG C 95 -19.72 -27.12 52.89
CA ARG C 95 -18.98 -25.90 53.16
C ARG C 95 -17.82 -25.68 52.18
N GLY C 96 -17.59 -26.62 51.27
CA GLY C 96 -16.52 -26.44 50.30
C GLY C 96 -15.47 -27.53 50.13
N ALA C 97 -15.45 -28.51 51.02
CA ALA C 97 -14.48 -29.58 50.92
C ALA C 97 -14.86 -30.55 49.81
N ASP C 98 -13.87 -30.94 49.02
CA ASP C 98 -14.12 -31.87 47.93
C ASP C 98 -14.14 -33.29 48.47
N LYS C 99 -13.42 -33.52 49.56
CA LYS C 99 -13.35 -34.84 50.18
C LYS C 99 -13.16 -34.72 51.68
N VAL C 100 -13.64 -35.73 52.41
CA VAL C 100 -13.46 -35.79 53.86
C VAL C 100 -12.77 -37.12 54.17
N SER C 101 -11.94 -37.13 55.20
CA SER C 101 -11.21 -38.32 55.57
C SER C 101 -11.57 -38.83 56.96
N ILE C 102 -12.03 -40.07 57.03
CA ILE C 102 -12.43 -40.68 58.28
C ILE C 102 -11.53 -41.86 58.64
N ASN C 103 -11.08 -41.93 59.88
CA ASN C 103 -10.22 -43.01 60.32
C ASN C 103 -10.87 -43.77 61.48
N THR C 104 -10.74 -43.24 62.69
CA THR C 104 -11.30 -43.86 63.88
C THR C 104 -12.80 -44.08 63.79
N ALA C 105 -13.54 -43.07 63.35
CA ALA C 105 -14.97 -43.21 63.24
C ALA C 105 -15.31 -44.34 62.27
N ALA C 106 -14.57 -44.42 61.17
CA ALA C 106 -14.81 -45.45 60.17
C ALA C 106 -14.58 -46.85 60.73
N VAL C 107 -13.56 -46.99 61.58
CA VAL C 107 -13.24 -48.28 62.18
C VAL C 107 -14.32 -48.71 63.17
N GLU C 108 -14.74 -47.79 64.02
CA GLU C 108 -15.75 -48.09 65.00
C GLU C 108 -17.19 -48.00 64.46
N ASN C 109 -17.32 -47.94 63.14
CA ASN C 109 -18.62 -47.83 62.50
C ASN C 109 -18.42 -47.83 60.98
N PRO C 110 -18.14 -49.00 60.39
CA PRO C 110 -17.92 -49.12 58.95
C PRO C 110 -19.02 -48.51 58.07
N SER C 111 -20.26 -48.65 58.52
CA SER C 111 -21.41 -48.14 57.79
C SER C 111 -21.33 -46.65 57.46
N LEU C 112 -20.56 -45.90 58.24
CA LEU C 112 -20.40 -44.48 58.00
C LEU C 112 -19.84 -44.21 56.60
N ILE C 113 -18.97 -45.10 56.15
CA ILE C 113 -18.36 -44.99 54.85
C ILE C 113 -19.48 -44.96 53.80
N THR C 114 -20.28 -46.01 53.79
CA THR C 114 -21.39 -46.12 52.85
C THR C 114 -22.33 -44.92 52.99
N GLN C 115 -22.71 -44.61 54.22
CA GLN C 115 -23.60 -43.49 54.44
C GLN C 115 -23.08 -42.24 53.74
N ILE C 116 -21.81 -41.91 53.96
CA ILE C 116 -21.25 -40.71 53.32
C ILE C 116 -21.18 -40.86 51.82
N ALA C 117 -20.95 -42.10 51.37
CA ALA C 117 -20.87 -42.38 49.95
C ALA C 117 -22.25 -42.34 49.29
N GLN C 118 -23.28 -42.67 50.07
CA GLN C 118 -24.65 -42.69 49.57
C GLN C 118 -25.19 -41.32 49.18
N THR C 119 -24.80 -40.29 49.93
CA THR C 119 -25.27 -38.94 49.64
C THR C 119 -24.28 -38.13 48.81
N PHE C 120 -22.98 -38.37 49.01
CA PHE C 120 -21.95 -37.60 48.30
C PHE C 120 -21.15 -38.36 47.25
N GLY C 121 -21.26 -39.68 47.25
CA GLY C 121 -20.53 -40.48 46.29
C GLY C 121 -19.22 -40.98 46.86
N SER C 122 -18.70 -42.08 46.33
CA SER C 122 -17.42 -42.62 46.79
C SER C 122 -16.28 -41.60 46.73
N GLN C 123 -16.31 -40.74 45.73
CA GLN C 123 -15.29 -39.71 45.56
C GLN C 123 -15.12 -38.75 46.75
N ALA C 124 -16.18 -38.58 47.52
CA ALA C 124 -16.16 -37.68 48.67
C ALA C 124 -15.55 -38.33 49.89
N VAL C 125 -15.33 -39.63 49.83
CA VAL C 125 -14.80 -40.37 50.96
C VAL C 125 -13.40 -40.97 50.86
N VAL C 126 -12.55 -40.54 51.77
CA VAL C 126 -11.19 -41.03 51.86
C VAL C 126 -11.11 -41.71 53.23
N VAL C 127 -10.65 -42.96 53.28
CA VAL C 127 -10.49 -43.64 54.56
C VAL C 127 -8.99 -43.63 54.87
N ALA C 128 -8.60 -42.90 55.90
CA ALA C 128 -7.21 -42.84 56.28
C ALA C 128 -6.91 -44.00 57.22
N ILE C 129 -5.90 -44.81 56.86
CA ILE C 129 -5.52 -45.98 57.66
C ILE C 129 -4.09 -45.88 58.21
N ASP C 130 -3.97 -45.72 59.52
CA ASP C 130 -2.66 -45.66 60.18
C ASP C 130 -2.32 -47.08 60.60
N ALA C 131 -1.15 -47.57 60.18
CA ALA C 131 -0.73 -48.92 60.53
C ALA C 131 0.72 -49.01 60.96
N LYS C 132 0.98 -49.96 61.85
CA LYS C 132 2.31 -50.21 62.40
C LYS C 132 2.49 -51.71 62.55
N ARG C 133 3.74 -52.15 62.61
CA ARG C 133 4.06 -53.57 62.75
C ARG C 133 4.00 -54.00 64.20
N VAL C 134 3.22 -55.03 64.49
CA VAL C 134 3.08 -55.58 65.83
C VAL C 134 3.19 -57.12 65.75
N ASP C 135 4.15 -57.69 66.48
CA ASP C 135 4.36 -59.13 66.46
C ASP C 135 4.48 -59.69 65.04
N GLY C 136 5.25 -59.02 64.20
CA GLY C 136 5.43 -59.47 62.83
C GLY C 136 4.25 -59.28 61.89
N GLU C 137 3.20 -58.60 62.35
CA GLU C 137 2.02 -58.38 61.50
C GLU C 137 1.59 -56.92 61.43
N PHE C 138 0.96 -56.55 60.31
CA PHE C 138 0.48 -55.17 60.13
C PHE C 138 -0.91 -55.01 60.76
N MET C 139 -0.98 -54.19 61.81
CA MET C 139 -2.23 -53.92 62.50
C MET C 139 -2.70 -52.47 62.30
N VAL C 140 -4.02 -52.27 62.30
CA VAL C 140 -4.56 -50.93 62.14
C VAL C 140 -4.65 -50.27 63.51
N PHE C 141 -4.26 -48.99 63.58
CA PHE C 141 -4.32 -48.22 64.83
C PHE C 141 -5.26 -47.03 64.72
N THR C 142 -5.96 -46.74 65.80
CA THR C 142 -6.91 -45.63 65.85
C THR C 142 -6.50 -44.60 66.90
N TYR C 143 -7.32 -43.59 67.13
CA TYR C 143 -7.02 -42.53 68.10
C TYR C 143 -5.62 -41.95 67.92
N SER C 144 -5.29 -41.63 66.66
CA SER C 144 -4.02 -41.04 66.31
C SER C 144 -2.85 -41.96 66.63
N GLY C 145 -2.98 -43.23 66.29
CA GLY C 145 -1.93 -44.19 66.54
C GLY C 145 -1.73 -44.60 67.99
N LYS C 146 -2.68 -44.31 68.87
CA LYS C 146 -2.52 -44.67 70.29
C LYS C 146 -3.34 -45.89 70.68
N LYS C 147 -3.94 -46.57 69.71
CA LYS C 147 -4.75 -47.75 70.01
C LYS C 147 -4.63 -48.83 68.96
N ASN C 148 -4.17 -49.99 69.39
CA ASN C 148 -4.04 -51.13 68.52
C ASN C 148 -5.45 -51.71 68.50
N THR C 149 -6.13 -51.59 67.36
CA THR C 149 -7.49 -52.08 67.22
C THR C 149 -7.52 -53.59 67.27
N GLY C 150 -6.41 -54.21 66.90
CA GLY C 150 -6.34 -55.66 66.88
C GLY C 150 -6.83 -56.16 65.53
N ILE C 151 -7.21 -55.23 64.66
CA ILE C 151 -7.70 -55.57 63.33
C ILE C 151 -6.54 -55.59 62.31
N LEU C 152 -6.42 -56.70 61.57
CA LEU C 152 -5.36 -56.83 60.57
C LEU C 152 -5.58 -55.83 59.44
N LEU C 153 -4.49 -55.24 58.97
CA LEU C 153 -4.60 -54.29 57.88
C LEU C 153 -5.19 -55.02 56.68
N ARG C 154 -4.76 -56.27 56.50
CA ARG C 154 -5.21 -57.09 55.39
C ARG C 154 -6.73 -57.26 55.30
N ASP C 155 -7.40 -57.33 56.45
CA ASP C 155 -8.85 -57.48 56.47
C ASP C 155 -9.50 -56.11 56.25
N TRP C 156 -9.06 -55.13 57.03
CA TRP C 156 -9.59 -53.77 56.99
C TRP C 156 -9.59 -53.10 55.61
N VAL C 157 -8.57 -53.39 54.80
CA VAL C 157 -8.52 -52.78 53.47
C VAL C 157 -9.64 -53.30 52.60
N VAL C 158 -9.97 -54.59 52.73
CA VAL C 158 -11.04 -55.19 51.95
C VAL C 158 -12.39 -54.63 52.39
N GLU C 159 -12.55 -54.54 53.71
CA GLU C 159 -13.77 -54.03 54.34
C GLU C 159 -14.06 -52.60 53.88
N VAL C 160 -13.00 -51.81 53.74
CA VAL C 160 -13.12 -50.41 53.32
C VAL C 160 -13.55 -50.30 51.85
N GLU C 161 -12.99 -51.13 50.97
CA GLU C 161 -13.41 -51.06 49.56
C GLU C 161 -14.87 -51.52 49.44
N LYS C 162 -15.23 -52.53 50.25
CA LYS C 162 -16.58 -53.09 50.26
C LYS C 162 -17.61 -52.07 50.79
N ARG C 163 -17.18 -51.24 51.73
CA ARG C 163 -18.05 -50.24 52.32
C ARG C 163 -18.31 -49.04 51.43
N GLY C 164 -17.63 -48.99 50.28
CA GLY C 164 -17.82 -47.89 49.34
C GLY C 164 -16.82 -46.74 49.45
N ALA C 165 -15.65 -46.99 50.03
CA ALA C 165 -14.66 -45.92 50.14
C ALA C 165 -14.19 -45.60 48.74
N GLY C 166 -13.85 -44.34 48.50
CA GLY C 166 -13.41 -43.99 47.17
C GLY C 166 -11.90 -43.96 47.01
N GLU C 167 -11.19 -43.86 48.13
CA GLU C 167 -9.75 -43.77 48.10
C GLU C 167 -9.18 -44.08 49.49
N ILE C 168 -7.97 -44.61 49.54
CA ILE C 168 -7.34 -44.95 50.81
C ILE C 168 -6.05 -44.16 51.06
N LEU C 169 -5.95 -43.55 52.24
CA LEU C 169 -4.77 -42.80 52.67
C LEU C 169 -4.05 -43.75 53.64
N LEU C 170 -2.93 -44.32 53.19
CA LEU C 170 -2.18 -45.30 54.00
C LEU C 170 -0.93 -44.75 54.68
N THR C 171 -1.03 -44.53 55.98
CA THR C 171 0.11 -44.00 56.72
C THR C 171 0.84 -45.04 57.57
N SER C 172 2.16 -45.04 57.46
CA SER C 172 2.99 -45.96 58.24
C SER C 172 3.45 -45.19 59.47
N ILE C 173 2.92 -45.56 60.64
CA ILE C 173 3.31 -44.88 61.87
C ILE C 173 4.81 -44.97 62.11
N ASP C 174 5.39 -46.13 61.81
CA ASP C 174 6.82 -46.34 61.99
C ASP C 174 7.65 -45.26 61.27
N ARG C 175 7.27 -44.94 60.04
CA ARG C 175 7.99 -43.94 59.25
C ARG C 175 7.57 -42.47 59.40
N ASP C 176 6.27 -42.22 59.53
CA ASP C 176 5.77 -40.85 59.62
C ASP C 176 6.69 -39.91 60.39
N GLY C 177 7.19 -38.89 59.67
CA GLY C 177 8.07 -37.91 60.27
C GLY C 177 9.56 -38.21 60.33
N THR C 178 10.03 -39.29 59.72
CA THR C 178 11.46 -39.64 59.79
C THR C 178 12.36 -39.21 58.64
N LYS C 179 11.81 -39.02 57.45
CA LYS C 179 12.63 -38.65 56.31
C LYS C 179 13.54 -39.83 55.91
N SER C 180 13.19 -41.04 56.34
CA SER C 180 13.99 -42.18 55.99
C SER C 180 13.45 -42.90 54.75
N GLY C 181 12.28 -42.49 54.30
CA GLY C 181 11.66 -43.09 53.14
C GLY C 181 10.28 -43.67 53.42
N TYR C 182 9.44 -43.80 52.40
CA TYR C 182 8.11 -44.36 52.60
C TYR C 182 8.26 -45.82 52.99
N ASP C 183 7.19 -46.39 53.55
CA ASP C 183 7.20 -47.80 53.92
C ASP C 183 6.77 -48.63 52.71
N THR C 184 7.65 -48.73 51.71
CA THR C 184 7.35 -49.47 50.48
C THR C 184 6.89 -50.90 50.75
N GLU C 185 7.44 -51.52 51.78
CA GLU C 185 7.03 -52.87 52.13
C GLU C 185 5.51 -52.85 52.45
N MET C 186 5.08 -51.88 53.26
CA MET C 186 3.67 -51.76 53.62
C MET C 186 2.79 -51.41 52.42
N ILE C 187 3.31 -50.55 51.53
CA ILE C 187 2.59 -50.17 50.34
C ILE C 187 2.39 -51.42 49.46
N ARG C 188 3.47 -52.18 49.27
CA ARG C 188 3.41 -53.40 48.46
C ARG C 188 2.50 -54.46 49.06
N PHE C 189 2.37 -54.46 50.38
CA PHE C 189 1.52 -55.41 51.10
C PHE C 189 0.05 -55.16 50.76
N VAL C 190 -0.32 -53.89 50.67
CA VAL C 190 -1.68 -53.46 50.36
C VAL C 190 -2.07 -53.41 48.88
N ARG C 191 -1.14 -53.02 48.01
CA ARG C 191 -1.43 -52.89 46.58
C ARG C 191 -2.30 -53.96 45.94
N PRO C 192 -2.00 -55.24 46.17
CA PRO C 192 -2.82 -56.29 45.57
C PRO C 192 -4.16 -56.57 46.24
N LEU C 193 -4.31 -56.16 47.49
CA LEU C 193 -5.52 -56.38 48.27
C LEU C 193 -6.70 -55.49 47.89
N THR C 194 -6.43 -54.39 47.18
CA THR C 194 -7.50 -53.46 46.83
C THR C 194 -7.32 -52.88 45.44
N THR C 195 -8.41 -52.35 44.87
CA THR C 195 -8.36 -51.72 43.55
C THR C 195 -8.50 -50.21 43.68
N LEU C 196 -8.82 -49.75 44.88
CA LEU C 196 -8.96 -48.33 45.14
C LEU C 196 -7.62 -47.59 45.05
N PRO C 197 -7.67 -46.29 44.77
CA PRO C 197 -6.45 -45.49 44.68
C PRO C 197 -5.75 -45.48 46.04
N ILE C 198 -4.43 -45.66 46.06
CA ILE C 198 -3.71 -45.63 47.32
C ILE C 198 -2.83 -44.38 47.44
N ILE C 199 -2.92 -43.70 48.57
CA ILE C 199 -2.09 -42.53 48.81
C ILE C 199 -1.05 -42.89 49.85
N ALA C 200 0.21 -42.94 49.43
CA ALA C 200 1.30 -43.28 50.34
C ALA C 200 1.65 -42.06 51.20
N SER C 201 1.73 -42.29 52.50
CA SER C 201 2.06 -41.22 53.44
C SER C 201 3.05 -41.66 54.51
N GLY C 202 3.95 -40.76 54.88
CA GLY C 202 4.93 -41.05 55.92
C GLY C 202 6.30 -41.54 55.51
N GLY C 203 7.32 -40.72 55.80
CA GLY C 203 8.68 -41.10 55.49
C GLY C 203 9.42 -40.24 54.48
N ALA C 204 8.69 -39.56 53.62
CA ALA C 204 9.30 -38.73 52.59
C ALA C 204 10.42 -37.81 53.09
N GLY C 205 11.63 -38.02 52.56
CA GLY C 205 12.79 -37.23 52.94
C GLY C 205 13.53 -36.66 51.72
N LYS C 206 13.29 -37.25 50.55
CA LYS C 206 13.91 -36.79 49.31
C LYS C 206 13.21 -37.36 48.09
N MET C 207 13.48 -36.77 46.94
CA MET C 207 12.86 -37.15 45.69
C MET C 207 12.87 -38.63 45.36
N GLU C 208 14.03 -39.27 45.49
CA GLU C 208 14.12 -40.69 45.18
C GLU C 208 13.12 -41.53 45.97
N HIS C 209 12.75 -41.06 47.15
CA HIS C 209 11.78 -41.76 48.00
C HIS C 209 10.42 -41.81 47.33
N PHE C 210 10.11 -40.79 46.54
CA PHE C 210 8.83 -40.71 45.83
C PHE C 210 8.75 -41.76 44.73
N LEU C 211 9.87 -41.97 44.04
CA LEU C 211 9.94 -42.96 42.98
C LEU C 211 9.73 -44.34 43.57
N GLU C 212 10.37 -44.60 44.70
CA GLU C 212 10.26 -45.87 45.38
C GLU C 212 8.81 -46.16 45.75
N ALA C 213 8.05 -45.13 46.09
CA ALA C 213 6.64 -45.31 46.46
C ALA C 213 5.76 -45.69 45.27
N PHE C 214 5.96 -45.04 44.13
CA PHE C 214 5.18 -45.37 42.95
C PHE C 214 5.59 -46.76 42.45
N LEU C 215 6.87 -47.11 42.58
CA LEU C 215 7.36 -48.43 42.16
C LEU C 215 6.68 -49.51 43.01
N ALA C 216 6.35 -49.15 44.24
CA ALA C 216 5.68 -50.07 45.15
C ALA C 216 4.16 -50.12 44.88
N GLY C 217 3.70 -49.34 43.92
CA GLY C 217 2.28 -49.34 43.55
C GLY C 217 1.35 -48.24 44.04
N ALA C 218 1.89 -47.19 44.62
CA ALA C 218 1.08 -46.09 45.12
C ALA C 218 0.54 -45.22 43.99
N ASP C 219 -0.67 -44.71 44.16
CA ASP C 219 -1.29 -43.84 43.16
C ASP C 219 -0.95 -42.39 43.44
N ALA C 220 -0.64 -42.09 44.69
CA ALA C 220 -0.26 -40.75 45.06
C ALA C 220 0.78 -40.83 46.19
N ALA C 221 1.55 -39.77 46.35
CA ALA C 221 2.55 -39.69 47.40
C ALA C 221 2.26 -38.42 48.18
N LEU C 222 1.87 -38.59 49.44
CA LEU C 222 1.55 -37.46 50.32
C LEU C 222 2.74 -37.13 51.20
N ALA C 223 2.95 -35.84 51.48
CA ALA C 223 4.06 -35.44 52.34
C ALA C 223 3.83 -34.06 52.96
N ALA C 224 4.56 -33.79 54.03
CA ALA C 224 4.48 -32.52 54.75
C ALA C 224 5.88 -31.97 55.02
N SER C 225 6.58 -32.65 55.92
CA SER C 225 7.93 -32.30 56.31
C SER C 225 8.78 -31.68 55.20
N VAL C 226 9.01 -32.44 54.13
CA VAL C 226 9.83 -31.98 53.01
C VAL C 226 9.36 -30.76 52.23
N PHE C 227 8.07 -30.48 52.23
CA PHE C 227 7.60 -29.30 51.50
C PHE C 227 7.57 -28.13 52.47
N HIS C 228 7.21 -28.45 53.72
CA HIS C 228 7.18 -27.44 54.77
C HIS C 228 8.61 -26.92 54.89
N PHE C 229 9.56 -27.80 55.21
CA PHE C 229 10.98 -27.44 55.32
C PHE C 229 11.53 -26.86 53.99
N ARG C 230 10.81 -27.07 52.89
CA ARG C 230 11.23 -26.57 51.58
C ARG C 230 12.51 -27.31 51.10
N GLU C 231 12.64 -28.57 51.50
CA GLU C 231 13.77 -29.40 51.15
C GLU C 231 13.69 -29.97 49.73
N ILE C 232 12.46 -29.97 49.17
CA ILE C 232 12.21 -30.48 47.82
C ILE C 232 11.41 -29.47 46.98
N ASP C 233 11.89 -29.25 45.75
CA ASP C 233 11.22 -28.37 44.79
C ASP C 233 10.24 -29.31 44.07
N VAL C 234 8.98 -28.95 44.01
CA VAL C 234 7.97 -29.79 43.38
C VAL C 234 8.18 -29.99 41.87
N ARG C 235 8.61 -28.94 41.18
CA ARG C 235 8.87 -29.02 39.73
C ARG C 235 10.02 -29.99 39.45
N GLU C 236 11.08 -29.86 40.25
CA GLU C 236 12.26 -30.73 40.13
C GLU C 236 11.82 -32.18 40.29
N LEU C 237 11.05 -32.44 41.35
CA LEU C 237 10.53 -33.76 41.68
C LEU C 237 9.73 -34.39 40.53
N LYS C 238 8.77 -33.63 40.00
CA LYS C 238 7.96 -34.11 38.91
C LYS C 238 8.82 -34.38 37.65
N GLU C 239 9.80 -33.53 37.40
CA GLU C 239 10.69 -33.70 36.25
C GLU C 239 11.39 -35.04 36.41
N TYR C 240 11.94 -35.21 37.60
CA TYR C 240 12.66 -36.42 37.97
C TYR C 240 11.82 -37.71 37.83
N LEU C 241 10.60 -37.68 38.36
CA LEU C 241 9.73 -38.85 38.28
C LEU C 241 9.34 -39.18 36.83
N LYS C 242 9.06 -38.15 36.05
CA LYS C 242 8.71 -38.32 34.66
C LYS C 242 9.89 -38.97 33.95
N LYS C 243 11.09 -38.46 34.21
CA LYS C 243 12.32 -38.99 33.63
C LYS C 243 12.46 -40.48 33.91
N HIS C 244 12.00 -40.92 35.07
CA HIS C 244 12.14 -42.32 35.39
C HIS C 244 10.87 -43.17 35.31
N GLY C 245 10.01 -42.84 34.34
CA GLY C 245 8.80 -43.61 34.09
C GLY C 245 7.45 -43.29 34.71
N VAL C 246 7.42 -42.46 35.73
CA VAL C 246 6.17 -42.13 36.42
C VAL C 246 5.35 -41.09 35.66
N ASN C 247 4.08 -41.40 35.39
CA ASN C 247 3.21 -40.45 34.69
C ASN C 247 2.65 -39.40 35.64
N VAL C 248 3.42 -38.33 35.88
CA VAL C 248 3.00 -37.27 36.77
C VAL C 248 2.32 -36.12 36.05
N ARG C 249 1.79 -35.16 36.81
CA ARG C 249 1.10 -34.00 36.29
C ARG C 249 2.07 -32.87 36.03
N LEU C 250 2.55 -32.81 34.80
CA LEU C 250 3.51 -31.79 34.43
C LEU C 250 2.80 -30.60 33.82
N GLU C 251 3.20 -29.40 34.24
CA GLU C 251 2.60 -28.21 33.67
C GLU C 251 3.42 -27.81 32.45
N GLY C 252 2.99 -26.74 31.79
CA GLY C 252 3.70 -26.25 30.64
C GLY C 252 3.90 -24.76 30.87
N LEU C 253 5.13 -24.29 30.75
CA LEU C 253 5.44 -22.87 30.94
C LEU C 253 6.79 -22.52 30.29
N MET D 1 -19.49 -6.76 29.18
CA MET D 1 -19.34 -8.22 29.46
C MET D 1 -20.21 -8.64 30.65
N ARG D 2 -21.37 -9.20 30.35
CA ARG D 2 -22.32 -9.68 31.37
C ARG D 2 -22.15 -11.19 31.51
N ILE D 3 -21.56 -11.62 32.62
CA ILE D 3 -21.38 -13.04 32.83
C ILE D 3 -22.39 -13.57 33.85
N GLY D 4 -23.13 -14.60 33.45
CA GLY D 4 -24.09 -15.21 34.34
C GLY D 4 -23.71 -16.64 34.71
N ILE D 5 -24.00 -17.02 35.95
CA ILE D 5 -23.70 -18.35 36.44
C ILE D 5 -24.90 -18.96 37.17
N ILE D 6 -25.50 -20.00 36.59
CA ILE D 6 -26.64 -20.68 37.19
C ILE D 6 -26.21 -21.25 38.55
N SER D 7 -26.94 -20.86 39.60
CA SER D 7 -26.60 -21.30 40.94
C SER D 7 -27.59 -22.23 41.65
N VAL D 8 -28.57 -22.73 40.91
CA VAL D 8 -29.58 -23.62 41.48
C VAL D 8 -29.11 -25.07 41.52
N GLY D 9 -28.81 -25.60 40.33
CA GLY D 9 -28.36 -26.98 40.18
C GLY D 9 -27.53 -27.49 41.33
N PRO D 10 -27.53 -28.82 41.57
CA PRO D 10 -26.80 -29.52 42.64
C PRO D 10 -25.28 -29.36 42.65
N GLY D 11 -24.67 -29.67 43.78
CA GLY D 11 -23.23 -29.56 43.93
C GLY D 11 -22.70 -28.18 44.21
N ASN D 12 -21.43 -28.11 44.60
CA ASN D 12 -20.80 -26.83 44.88
C ASN D 12 -20.74 -26.08 43.56
N ILE D 13 -21.30 -24.88 43.51
CA ILE D 13 -21.21 -24.11 42.28
C ILE D 13 -20.43 -22.82 42.52
N MET D 14 -20.17 -22.52 43.79
CA MET D 14 -19.40 -21.33 44.17
C MET D 14 -17.94 -21.37 43.73
N ASN D 15 -17.33 -22.56 43.73
CA ASN D 15 -15.95 -22.67 43.29
C ASN D 15 -15.84 -22.14 41.87
N LEU D 16 -16.69 -22.63 40.98
CA LEU D 16 -16.65 -22.17 39.59
C LEU D 16 -16.84 -20.66 39.62
N TYR D 17 -17.78 -20.22 40.44
CA TYR D 17 -18.04 -18.80 40.57
C TYR D 17 -16.75 -18.04 40.88
N ARG D 18 -16.06 -18.44 41.94
CA ARG D 18 -14.82 -17.79 42.32
C ARG D 18 -13.75 -17.89 41.23
N GLY D 19 -13.69 -19.03 40.55
CA GLY D 19 -12.70 -19.20 39.50
C GLY D 19 -12.95 -18.30 38.32
N VAL D 20 -14.22 -18.05 38.03
CA VAL D 20 -14.60 -17.18 36.92
C VAL D 20 -14.32 -15.73 37.29
N LYS D 21 -14.49 -15.39 38.56
CA LYS D 21 -14.21 -14.04 39.00
C LYS D 21 -12.71 -13.80 38.88
N ARG D 22 -11.91 -14.82 39.22
CA ARG D 22 -10.46 -14.72 39.12
C ARG D 22 -10.04 -14.60 37.67
N ALA D 23 -10.65 -15.41 36.81
CA ALA D 23 -10.35 -15.41 35.39
C ALA D 23 -10.62 -14.07 34.73
N SER D 24 -11.70 -13.40 35.14
CA SER D 24 -12.07 -12.13 34.53
C SER D 24 -11.25 -10.94 35.04
N GLU D 25 -10.51 -11.13 36.12
CA GLU D 25 -9.68 -10.08 36.71
C GLU D 25 -9.13 -9.07 35.70
N ASN D 26 -8.36 -9.54 34.73
CA ASN D 26 -7.74 -8.64 33.79
C ASN D 26 -8.65 -8.07 32.69
N PHE D 27 -9.94 -8.35 32.73
CA PHE D 27 -10.84 -7.83 31.71
C PHE D 27 -11.61 -6.58 32.12
N GLU D 28 -11.90 -5.73 31.13
CA GLU D 28 -12.61 -4.47 31.32
C GLU D 28 -14.14 -4.59 31.32
N ASP D 29 -14.78 -3.89 32.25
CA ASP D 29 -16.24 -3.90 32.31
C ASP D 29 -16.79 -5.32 32.49
N VAL D 30 -16.14 -6.13 33.31
CA VAL D 30 -16.60 -7.48 33.52
C VAL D 30 -17.62 -7.49 34.64
N SER D 31 -18.70 -8.26 34.44
CA SER D 31 -19.75 -8.37 35.43
C SER D 31 -20.17 -9.83 35.60
N ILE D 32 -20.31 -10.27 36.85
CA ILE D 32 -20.67 -11.65 37.15
C ILE D 32 -21.82 -11.78 38.15
N GLU D 33 -22.89 -12.43 37.73
CA GLU D 33 -24.06 -12.62 38.57
C GLU D 33 -24.46 -14.09 38.69
N LEU D 34 -24.98 -14.48 39.85
CA LEU D 34 -25.44 -15.84 40.07
C LEU D 34 -26.88 -15.83 39.56
N VAL D 35 -27.22 -16.77 38.69
CA VAL D 35 -28.56 -16.85 38.11
C VAL D 35 -29.47 -17.83 38.85
N GLU D 36 -30.50 -17.28 39.48
CA GLU D 36 -31.48 -18.04 40.26
C GLU D 36 -32.86 -18.17 39.57
N SER D 37 -33.14 -17.29 38.61
CA SER D 37 -34.42 -17.29 37.88
C SER D 37 -34.26 -16.47 36.58
N PRO D 38 -35.32 -16.32 35.77
CA PRO D 38 -35.16 -15.54 34.54
C PRO D 38 -34.88 -14.06 34.84
N ARG D 39 -33.76 -13.55 34.34
CA ARG D 39 -33.35 -12.17 34.58
C ARG D 39 -33.52 -11.25 33.38
N ASN D 40 -34.67 -11.38 32.73
CA ASN D 40 -35.12 -10.61 31.56
C ASN D 40 -34.06 -10.06 30.60
N ASP D 41 -32.85 -9.78 31.11
CA ASP D 41 -31.76 -9.28 30.27
C ASP D 41 -30.70 -10.37 30.18
N LEU D 42 -30.60 -10.94 28.99
CA LEU D 42 -29.67 -12.00 28.69
C LEU D 42 -28.22 -11.61 28.99
N TYR D 43 -27.40 -12.65 29.22
CA TYR D 43 -25.98 -12.49 29.50
C TYR D 43 -25.20 -12.79 28.23
N ASP D 44 -23.97 -12.28 28.15
CA ASP D 44 -23.12 -12.52 26.99
C ASP D 44 -22.57 -13.92 27.16
N LEU D 45 -22.22 -14.23 28.41
CA LEU D 45 -21.66 -15.52 28.77
C LEU D 45 -22.51 -16.15 29.87
N LEU D 46 -23.14 -17.29 29.57
CA LEU D 46 -23.96 -18.01 30.56
C LEU D 46 -23.38 -19.37 30.90
N PHE D 47 -23.16 -19.61 32.19
CA PHE D 47 -22.62 -20.89 32.67
C PHE D 47 -23.66 -21.80 33.33
N ILE D 48 -23.63 -23.08 32.96
CA ILE D 48 -24.52 -24.07 33.52
C ILE D 48 -23.60 -25.10 34.19
N PRO D 49 -23.28 -24.89 35.47
CA PRO D 49 -22.41 -25.75 36.25
C PRO D 49 -23.17 -26.88 36.91
N GLY D 50 -22.64 -27.37 38.02
CA GLY D 50 -23.29 -28.43 38.74
C GLY D 50 -22.56 -29.75 38.85
N VAL D 51 -22.91 -30.47 39.91
CA VAL D 51 -22.35 -31.79 40.19
C VAL D 51 -23.42 -32.60 40.89
N GLY D 52 -23.77 -33.75 40.27
CA GLY D 52 -24.77 -34.60 40.86
C GLY D 52 -25.49 -35.47 39.85
N HIS D 53 -26.73 -35.80 40.18
CA HIS D 53 -27.58 -36.65 39.32
C HIS D 53 -28.18 -35.86 38.16
N PHE D 54 -28.17 -36.47 36.98
CA PHE D 54 -28.71 -35.85 35.79
C PHE D 54 -30.20 -35.46 35.96
N GLY D 55 -30.98 -36.36 36.56
CA GLY D 55 -32.39 -36.11 36.78
C GLY D 55 -32.55 -34.92 37.67
N GLU D 56 -31.80 -34.91 38.76
CA GLU D 56 -31.86 -33.75 39.63
C GLU D 56 -31.02 -32.80 38.79
N GLY D 57 -31.17 -31.50 38.97
CA GLY D 57 -30.39 -30.62 38.11
C GLY D 57 -31.30 -30.24 36.97
N MET D 58 -31.84 -31.22 36.26
CA MET D 58 -32.80 -30.96 35.20
C MET D 58 -34.05 -30.52 35.97
N ARG D 59 -34.37 -31.27 37.01
CA ARG D 59 -35.51 -30.93 37.85
C ARG D 59 -35.36 -29.49 38.30
N ARG D 60 -34.14 -29.07 38.65
CA ARG D 60 -33.89 -27.71 39.12
C ARG D 60 -33.90 -26.65 38.03
N LEU D 61 -33.74 -27.05 36.78
CA LEU D 61 -33.79 -26.08 35.71
C LEU D 61 -35.25 -25.84 35.34
N ARG D 62 -36.08 -26.84 35.60
CA ARG D 62 -37.50 -26.76 35.30
C ARG D 62 -38.23 -25.93 36.34
N GLU D 63 -38.27 -26.41 37.58
CA GLU D 63 -38.98 -25.69 38.64
C GLU D 63 -38.55 -24.25 38.83
N ASN D 64 -37.28 -23.96 38.56
CA ASN D 64 -36.83 -22.58 38.71
C ASN D 64 -37.02 -21.76 37.45
N ASP D 65 -37.57 -22.41 36.42
CA ASP D 65 -37.89 -21.75 35.16
C ASP D 65 -36.69 -21.11 34.47
N LEU D 66 -35.66 -21.91 34.25
CA LEU D 66 -34.44 -21.47 33.60
C LEU D 66 -34.19 -22.14 32.25
N ILE D 67 -34.93 -23.21 31.95
CA ILE D 67 -34.75 -23.87 30.67
C ILE D 67 -35.00 -22.87 29.53
N ASP D 68 -36.12 -22.15 29.61
CA ASP D 68 -36.48 -21.15 28.60
C ASP D 68 -35.46 -20.03 28.55
N PHE D 69 -35.00 -19.57 29.71
CA PHE D 69 -34.00 -18.51 29.78
C PHE D 69 -32.77 -18.96 29.00
N VAL D 70 -32.31 -20.18 29.26
CA VAL D 70 -31.16 -20.72 28.56
C VAL D 70 -31.36 -20.72 27.06
N ARG D 71 -32.44 -21.38 26.62
CA ARG D 71 -32.78 -21.51 25.21
C ARG D 71 -32.75 -20.21 24.43
N LYS D 72 -32.88 -19.07 25.11
CA LYS D 72 -32.86 -17.78 24.42
C LYS D 72 -31.45 -17.26 24.23
N HIS D 73 -30.52 -17.79 25.01
CA HIS D 73 -29.14 -17.37 24.87
C HIS D 73 -28.63 -18.01 23.60
N VAL D 74 -29.08 -19.24 23.34
CA VAL D 74 -28.67 -19.95 22.14
C VAL D 74 -29.20 -19.26 20.90
N GLU D 75 -30.47 -18.86 20.93
CA GLU D 75 -31.13 -18.22 19.80
C GLU D 75 -30.66 -16.78 19.56
N ASP D 76 -30.15 -16.15 20.60
CA ASP D 76 -29.65 -14.77 20.49
C ASP D 76 -28.14 -14.85 20.28
N GLU D 77 -27.68 -16.02 19.88
CA GLU D 77 -26.26 -16.28 19.68
C GLU D 77 -25.41 -15.70 20.78
N ARG D 78 -25.61 -16.24 21.98
CA ARG D 78 -24.87 -15.84 23.16
C ARG D 78 -24.09 -17.09 23.53
N TYR D 79 -23.05 -16.96 24.34
CA TYR D 79 -22.28 -18.13 24.72
C TYR D 79 -22.92 -18.86 25.88
N VAL D 80 -23.18 -20.15 25.67
CA VAL D 80 -23.75 -21.01 26.70
C VAL D 80 -22.64 -22.02 27.00
N VAL D 81 -22.28 -22.16 28.27
CA VAL D 81 -21.22 -23.08 28.65
C VAL D 81 -21.56 -23.97 29.83
N GLY D 82 -21.41 -25.28 29.64
CA GLY D 82 -21.68 -26.23 30.69
C GLY D 82 -20.43 -26.88 31.24
N VAL D 83 -20.41 -27.10 32.56
CA VAL D 83 -19.28 -27.71 33.24
C VAL D 83 -19.74 -28.90 34.08
N CYS D 84 -19.06 -30.03 33.91
CA CYS D 84 -19.36 -31.31 34.57
C CYS D 84 -20.83 -31.71 34.35
N LEU D 85 -21.69 -31.55 35.34
CA LEU D 85 -23.09 -31.93 35.13
C LEU D 85 -23.72 -31.04 34.06
N GLY D 86 -23.38 -29.76 34.09
CA GLY D 86 -23.91 -28.83 33.11
C GLY D 86 -23.66 -29.28 31.69
N MET D 87 -22.46 -29.80 31.42
CA MET D 87 -22.15 -30.26 30.07
C MET D 87 -23.07 -31.39 29.62
N GLN D 88 -23.36 -32.33 30.52
CA GLN D 88 -24.23 -33.44 30.18
C GLN D 88 -25.66 -32.99 29.97
N LEU D 89 -26.04 -31.91 30.64
CA LEU D 89 -27.37 -31.32 30.53
C LEU D 89 -27.61 -30.68 29.16
N LEU D 90 -26.57 -30.58 28.32
CA LEU D 90 -26.70 -29.99 26.99
C LEU D 90 -27.23 -31.05 26.01
N PHE D 91 -27.19 -32.31 26.43
CA PHE D 91 -27.64 -33.36 25.54
C PHE D 91 -29.10 -33.74 25.66
N GLU D 92 -29.50 -34.64 24.77
CA GLU D 92 -30.87 -35.14 24.70
C GLU D 92 -31.33 -35.95 25.90
N GLU D 93 -30.60 -37.03 26.22
CA GLU D 93 -30.97 -37.87 27.36
C GLU D 93 -29.77 -38.62 27.94
N SER D 94 -29.96 -39.25 29.10
CA SER D 94 -28.90 -39.99 29.79
C SER D 94 -29.41 -41.26 30.45
N GLU D 95 -28.52 -42.21 30.73
CA GLU D 95 -28.89 -43.47 31.38
C GLU D 95 -28.99 -43.30 32.88
N GLU D 96 -28.38 -42.23 33.38
CA GLU D 96 -28.39 -41.93 34.81
C GLU D 96 -29.82 -41.71 35.26
N ALA D 97 -30.66 -41.26 34.33
CA ALA D 97 -32.06 -40.98 34.61
C ALA D 97 -32.93 -41.22 33.38
N PRO D 98 -33.34 -42.49 33.15
CA PRO D 98 -34.18 -43.00 32.05
C PRO D 98 -34.83 -42.01 31.05
N GLY D 99 -36.16 -41.97 31.05
CA GLY D 99 -36.88 -41.09 30.14
C GLY D 99 -36.92 -39.63 30.59
N VAL D 100 -35.83 -39.14 31.17
CA VAL D 100 -35.76 -37.75 31.63
C VAL D 100 -34.97 -36.94 30.61
N LYS D 101 -35.65 -36.01 29.95
CA LYS D 101 -35.00 -35.20 28.93
C LYS D 101 -33.99 -34.19 29.47
N GLY D 102 -33.08 -33.78 28.58
CA GLY D 102 -32.08 -32.79 28.93
C GLY D 102 -32.38 -31.57 28.09
N LEU D 103 -31.71 -30.46 28.36
CA LEU D 103 -31.91 -29.24 27.60
C LEU D 103 -32.01 -29.62 26.14
N SER D 104 -31.19 -30.57 25.72
CA SER D 104 -31.15 -31.07 24.34
C SER D 104 -30.69 -30.02 23.36
N LEU D 105 -29.62 -29.30 23.72
CA LEU D 105 -29.06 -28.26 22.87
C LEU D 105 -28.03 -28.81 21.88
N ILE D 106 -27.68 -30.07 22.04
CA ILE D 106 -26.73 -30.70 21.13
C ILE D 106 -27.18 -32.12 20.94
N GLU D 107 -27.09 -32.63 19.71
CA GLU D 107 -27.51 -34.00 19.46
C GLU D 107 -26.54 -35.01 20.07
N GLY D 108 -27.12 -36.03 20.71
CA GLY D 108 -26.34 -37.07 21.35
C GLY D 108 -26.88 -37.29 22.75
N ASN D 109 -26.46 -38.38 23.40
CA ASN D 109 -26.93 -38.67 24.76
C ASN D 109 -25.78 -39.00 25.71
N VAL D 110 -26.12 -39.27 26.97
CA VAL D 110 -25.12 -39.57 27.98
C VAL D 110 -25.08 -41.01 28.47
N VAL D 111 -23.91 -41.60 28.29
CA VAL D 111 -23.62 -42.98 28.66
C VAL D 111 -22.64 -43.07 29.83
N LYS D 112 -22.69 -44.18 30.56
CA LYS D 112 -21.79 -44.39 31.69
C LYS D 112 -20.44 -44.87 31.16
N LEU D 113 -19.35 -44.37 31.74
CA LEU D 113 -18.00 -44.77 31.31
C LEU D 113 -17.91 -46.28 31.40
N ARG D 114 -16.97 -46.86 30.67
CA ARG D 114 -16.83 -48.31 30.68
C ARG D 114 -15.79 -48.90 31.64
N SER D 115 -14.91 -48.07 32.18
CA SER D 115 -13.88 -48.52 33.10
C SER D 115 -14.46 -49.28 34.28
N ARG D 116 -13.60 -50.03 34.97
CA ARG D 116 -14.01 -50.80 36.15
C ARG D 116 -13.81 -49.95 37.41
N ARG D 117 -12.78 -49.10 37.41
CA ARG D 117 -12.52 -48.20 38.56
C ARG D 117 -13.59 -47.14 38.33
N LEU D 118 -14.83 -47.55 38.56
CA LEU D 118 -16.00 -46.73 38.33
C LEU D 118 -15.84 -45.25 38.18
N PRO D 119 -15.79 -44.49 39.29
CA PRO D 119 -15.64 -43.04 39.11
C PRO D 119 -14.31 -42.63 38.48
N HIS D 120 -14.35 -41.84 37.41
CA HIS D 120 -13.11 -41.36 36.80
C HIS D 120 -12.81 -40.15 37.66
N MET D 121 -11.78 -40.25 38.50
CA MET D 121 -11.42 -39.17 39.40
C MET D 121 -9.92 -38.94 39.41
N GLY D 122 -9.52 -37.67 39.29
CA GLY D 122 -8.10 -37.36 39.28
C GLY D 122 -7.70 -36.48 38.10
N TRP D 123 -6.40 -36.27 37.93
CA TRP D 123 -5.91 -35.45 36.82
C TRP D 123 -5.66 -36.29 35.57
N ASN D 124 -6.19 -35.84 34.44
CA ASN D 124 -6.03 -36.54 33.18
C ASN D 124 -5.82 -35.51 32.08
N GLU D 125 -5.17 -35.93 31.00
CA GLU D 125 -4.84 -35.08 29.87
C GLU D 125 -6.00 -34.79 28.94
N VAL D 126 -6.02 -33.57 28.39
CA VAL D 126 -7.07 -33.16 27.47
C VAL D 126 -6.46 -32.60 26.19
N ILE D 127 -6.78 -33.22 25.07
CA ILE D 127 -6.27 -32.78 23.79
C ILE D 127 -7.38 -32.06 23.05
N PHE D 128 -7.17 -30.78 22.78
CA PHE D 128 -8.18 -30.00 22.11
C PHE D 128 -8.02 -29.94 20.58
N LYS D 129 -9.16 -29.80 19.90
CA LYS D 129 -9.16 -29.70 18.46
C LYS D 129 -8.51 -28.38 18.14
N ASP D 130 -8.80 -27.39 18.97
CA ASP D 130 -8.27 -26.06 18.78
C ASP D 130 -8.65 -25.13 19.93
N THR D 131 -8.29 -23.87 19.79
CA THR D 131 -8.61 -22.82 20.74
C THR D 131 -8.13 -22.98 22.18
N PHE D 132 -8.61 -24.00 22.86
CA PHE D 132 -8.23 -24.20 24.26
C PHE D 132 -6.90 -24.90 24.46
N PRO D 133 -6.28 -24.69 25.62
CA PRO D 133 -4.98 -25.28 25.98
C PRO D 133 -4.90 -26.73 26.45
N ASN D 134 -4.08 -27.52 25.75
CA ASN D 134 -3.87 -28.90 26.11
C ASN D 134 -3.17 -28.93 27.44
N GLY D 135 -3.41 -29.99 28.20
CA GLY D 135 -2.79 -30.15 29.50
C GLY D 135 -3.59 -31.04 30.41
N TYR D 136 -3.25 -31.03 31.70
CA TYR D 136 -3.95 -31.85 32.66
C TYR D 136 -5.04 -31.10 33.39
N TYR D 137 -6.26 -31.64 33.36
CA TYR D 137 -7.38 -31.01 34.05
C TYR D 137 -7.94 -32.01 35.04
N TYR D 138 -8.51 -31.53 36.13
CA TYR D 138 -9.06 -32.40 37.16
C TYR D 138 -10.47 -32.92 36.84
N PHE D 139 -10.64 -34.24 36.89
CA PHE D 139 -11.92 -34.91 36.60
C PHE D 139 -12.56 -35.64 37.78
N VAL D 140 -13.89 -35.70 37.76
CA VAL D 140 -14.68 -36.42 38.76
C VAL D 140 -16.05 -36.65 38.16
N HIS D 141 -16.23 -37.78 37.49
CA HIS D 141 -17.50 -38.11 36.86
C HIS D 141 -17.61 -39.60 36.57
N THR D 142 -18.83 -40.09 36.37
CA THR D 142 -19.04 -41.49 36.08
C THR D 142 -19.56 -41.68 34.66
N TYR D 143 -20.29 -40.66 34.18
CA TYR D 143 -20.88 -40.67 32.84
C TYR D 143 -20.16 -39.77 31.82
N ARG D 144 -20.38 -40.07 30.54
CA ARG D 144 -19.78 -39.33 29.44
C ARG D 144 -20.75 -38.99 28.31
N ALA D 145 -20.32 -38.09 27.43
CA ALA D 145 -21.13 -37.69 26.30
C ALA D 145 -20.82 -38.57 25.11
N VAL D 146 -21.79 -38.69 24.22
CA VAL D 146 -21.63 -39.47 23.01
C VAL D 146 -22.25 -38.61 21.95
N CYS D 147 -21.44 -38.00 21.12
CA CYS D 147 -21.97 -37.15 20.08
C CYS D 147 -21.17 -37.43 18.85
N GLU D 148 -21.52 -36.74 17.76
CA GLU D 148 -20.84 -36.88 16.48
C GLU D 148 -19.49 -36.21 16.59
N GLU D 149 -18.53 -36.68 15.80
CA GLU D 149 -17.19 -36.12 15.83
C GLU D 149 -17.27 -34.60 15.68
N GLU D 150 -18.10 -34.15 14.75
CA GLU D 150 -18.31 -32.72 14.49
C GLU D 150 -18.50 -31.89 15.78
N HIS D 151 -19.00 -32.53 16.82
CA HIS D 151 -19.22 -31.84 18.08
C HIS D 151 -18.11 -32.07 19.11
N VAL D 152 -17.23 -33.03 18.87
CA VAL D 152 -16.13 -33.29 19.79
C VAL D 152 -15.14 -32.13 19.71
N LEU D 153 -14.81 -31.55 20.86
CA LEU D 153 -13.88 -30.41 20.94
C LEU D 153 -12.63 -30.80 21.74
N GLY D 154 -12.81 -31.75 22.66
CA GLY D 154 -11.70 -32.17 23.47
C GLY D 154 -11.76 -33.66 23.70
N THR D 155 -10.60 -34.28 23.72
CA THR D 155 -10.47 -35.71 23.91
C THR D 155 -9.58 -36.07 25.10
N THR D 156 -10.00 -37.11 25.82
CA THR D 156 -9.30 -37.63 26.99
C THR D 156 -9.46 -39.13 27.00
N GLU D 157 -8.46 -39.85 27.51
CA GLU D 157 -8.56 -41.30 27.56
C GLU D 157 -8.43 -41.78 29.00
N TYR D 158 -9.32 -42.67 29.42
CA TYR D 158 -9.29 -43.22 30.76
C TYR D 158 -9.51 -44.72 30.80
N ASP D 159 -8.52 -45.42 31.34
CA ASP D 159 -8.56 -46.88 31.48
C ASP D 159 -8.77 -47.56 30.13
N GLY D 160 -8.23 -46.96 29.08
CA GLY D 160 -8.34 -47.53 27.75
C GLY D 160 -9.51 -47.08 26.94
N GLU D 161 -10.23 -46.07 27.41
CA GLU D 161 -11.39 -45.56 26.70
C GLU D 161 -11.26 -44.06 26.34
N ILE D 162 -11.33 -43.75 25.05
CA ILE D 162 -11.23 -42.36 24.60
C ILE D 162 -12.63 -41.76 24.48
N PHE D 163 -12.88 -40.65 25.16
CA PHE D 163 -14.20 -40.00 25.14
C PHE D 163 -14.07 -38.48 25.05
N PRO D 164 -15.18 -37.77 24.77
CA PRO D 164 -15.13 -36.31 24.67
C PRO D 164 -15.22 -35.55 26.00
N SER D 165 -14.07 -35.07 26.47
CA SER D 165 -14.00 -34.33 27.71
C SER D 165 -14.39 -32.86 27.49
N ALA D 166 -14.46 -32.48 26.22
CA ALA D 166 -14.84 -31.13 25.81
C ALA D 166 -15.73 -31.28 24.60
N VAL D 167 -16.74 -30.42 24.52
CA VAL D 167 -17.70 -30.46 23.43
C VAL D 167 -18.15 -29.08 22.93
N ARG D 168 -18.36 -28.97 21.61
CA ARG D 168 -18.75 -27.71 21.00
C ARG D 168 -19.74 -27.81 19.83
N LYS D 169 -20.67 -26.86 19.77
CA LYS D 169 -21.69 -26.76 18.72
C LYS D 169 -22.07 -25.29 18.60
N GLY D 170 -21.40 -24.54 17.72
CA GLY D 170 -21.68 -23.13 17.58
C GLY D 170 -21.10 -22.37 18.77
N ARG D 171 -21.92 -21.58 19.46
CA ARG D 171 -21.46 -20.85 20.65
C ARG D 171 -21.98 -21.56 21.89
N ILE D 172 -22.14 -22.88 21.74
CA ILE D 172 -22.59 -23.75 22.81
C ILE D 172 -21.35 -24.60 23.13
N LEU D 173 -20.83 -24.46 24.35
CA LEU D 173 -19.64 -25.20 24.76
C LEU D 173 -19.87 -26.08 25.99
N GLY D 174 -19.07 -27.14 26.11
CA GLY D 174 -19.18 -28.03 27.25
C GLY D 174 -17.84 -28.62 27.66
N PHE D 175 -17.62 -28.70 28.96
CA PHE D 175 -16.39 -29.25 29.51
C PHE D 175 -16.77 -30.26 30.58
N GLN D 176 -16.19 -31.46 30.49
CA GLN D 176 -16.47 -32.54 31.44
C GLN D 176 -15.68 -32.44 32.76
N PHE D 177 -14.54 -31.75 32.71
CA PHE D 177 -13.69 -31.55 33.88
C PHE D 177 -14.02 -30.26 34.63
N HIS D 178 -13.39 -30.07 35.79
CA HIS D 178 -13.60 -28.86 36.59
C HIS D 178 -12.46 -27.88 36.33
N PRO D 179 -12.66 -26.90 35.43
CA PRO D 179 -11.55 -25.99 35.22
C PRO D 179 -11.14 -25.21 36.49
N GLU D 180 -12.08 -25.03 37.43
CA GLU D 180 -11.82 -24.31 38.69
C GLU D 180 -11.01 -25.09 39.71
N LYS D 181 -10.70 -26.34 39.41
CA LYS D 181 -9.91 -27.18 40.30
C LYS D 181 -8.67 -27.64 39.53
N SER D 182 -8.48 -27.06 38.35
CA SER D 182 -7.37 -27.42 37.48
C SER D 182 -6.18 -26.47 37.51
N SER D 183 -6.02 -25.77 38.63
CA SER D 183 -4.89 -24.86 38.81
C SER D 183 -4.72 -23.82 37.71
N LYS D 184 -3.46 -23.55 37.34
CA LYS D 184 -3.13 -22.56 36.31
C LYS D 184 -3.88 -22.76 35.01
N ILE D 185 -3.64 -23.88 34.35
CA ILE D 185 -4.27 -24.17 33.06
C ILE D 185 -5.78 -24.04 33.11
N GLY D 186 -6.36 -24.29 34.28
CA GLY D 186 -7.79 -24.17 34.42
C GLY D 186 -8.22 -22.71 34.31
N ARG D 187 -7.41 -21.83 34.89
CA ARG D 187 -7.70 -20.41 34.85
C ARG D 187 -7.54 -19.91 33.43
N LYS D 188 -6.61 -20.53 32.71
CA LYS D 188 -6.36 -20.15 31.34
C LYS D 188 -7.51 -20.60 30.44
N LEU D 189 -8.15 -21.71 30.81
CA LEU D 189 -9.27 -22.24 30.03
C LEU D 189 -10.42 -21.26 30.15
N LEU D 190 -10.67 -20.82 31.37
CA LEU D 190 -11.75 -19.87 31.63
C LEU D 190 -11.51 -18.55 30.87
N GLU D 191 -10.33 -17.96 31.05
CA GLU D 191 -9.97 -16.70 30.38
C GLU D 191 -10.28 -16.82 28.89
N LYS D 192 -9.85 -17.94 28.30
CA LYS D 192 -10.09 -18.19 26.89
C LYS D 192 -11.59 -18.25 26.55
N VAL D 193 -12.40 -18.84 27.43
CA VAL D 193 -13.85 -18.92 27.20
C VAL D 193 -14.37 -17.47 27.25
N ILE D 194 -13.84 -16.68 28.17
CA ILE D 194 -14.22 -15.27 28.29
C ILE D 194 -13.87 -14.55 26.99
N GLU D 195 -12.72 -14.89 26.42
CA GLU D 195 -12.25 -14.31 25.18
C GLU D 195 -13.13 -14.63 23.96
N CYS D 196 -13.59 -15.87 23.84
CA CYS D 196 -14.46 -16.25 22.72
C CYS D 196 -15.77 -15.47 22.77
N SER D 197 -16.31 -15.27 23.97
CA SER D 197 -17.59 -14.57 24.09
C SER D 197 -17.50 -13.05 23.99
N LEU D 198 -16.35 -12.55 23.53
CA LEU D 198 -16.15 -11.11 23.35
C LEU D 198 -16.37 -10.69 21.89
N SER D 199 -16.71 -11.65 21.02
CA SER D 199 -16.94 -11.37 19.59
C SER D 199 -18.22 -10.57 19.30
N ARG D 200 -19.34 -11.26 19.10
CA ARG D 200 -20.62 -10.60 18.84
C ARG D 200 -21.34 -10.46 20.18
N ARG D 201 -21.77 -11.60 20.75
CA ARG D 201 -22.43 -11.64 22.04
C ARG D 201 -21.95 -12.91 22.74
N MET E 1 -7.78 38.69 -52.61
CA MET E 1 -8.24 37.66 -51.64
C MET E 1 -7.11 36.69 -51.32
N LEU E 2 -7.02 36.29 -50.05
CA LEU E 2 -6.00 35.35 -49.60
C LEU E 2 -6.10 34.05 -50.42
N ALA E 3 -4.96 33.46 -50.75
CA ALA E 3 -4.91 32.22 -51.55
C ALA E 3 -4.68 30.93 -50.77
N LYS E 4 -5.32 29.84 -51.19
CA LYS E 4 -5.14 28.55 -50.51
C LYS E 4 -3.75 28.00 -50.79
N ARG E 5 -3.09 27.54 -49.75
CA ARG E 5 -1.72 27.06 -49.90
C ARG E 5 -1.46 25.58 -50.07
N ILE E 6 -0.39 25.29 -50.81
CA ILE E 6 0.11 23.93 -51.05
C ILE E 6 1.49 23.90 -50.36
N ILE E 7 1.60 23.16 -49.26
CA ILE E 7 2.85 23.11 -48.51
C ILE E 7 3.60 21.77 -48.56
N ALA E 8 4.92 21.86 -48.65
CA ALA E 8 5.78 20.69 -48.69
C ALA E 8 6.47 20.49 -47.34
N CYS E 9 6.32 19.28 -46.79
CA CYS E 9 6.94 18.90 -45.52
C CYS E 9 8.18 18.08 -45.80
N LEU E 10 9.36 18.56 -45.42
CA LEU E 10 10.58 17.81 -45.68
C LEU E 10 11.11 17.14 -44.41
N ASN E 11 10.89 15.83 -44.31
CA ASN E 11 11.34 15.05 -43.16
C ASN E 11 12.84 14.91 -43.20
N VAL E 12 13.55 15.66 -42.36
CA VAL E 12 15.02 15.59 -42.35
C VAL E 12 15.59 14.80 -41.19
N LYS E 13 16.91 14.85 -41.04
CA LYS E 13 17.60 14.13 -39.99
C LYS E 13 19.08 14.37 -40.11
N ASP E 14 19.67 14.99 -39.08
CA ASP E 14 21.10 15.30 -39.07
C ASP E 14 21.54 16.18 -40.22
N GLY E 15 20.75 17.19 -40.55
CA GLY E 15 21.13 18.10 -41.63
C GLY E 15 20.89 17.52 -43.01
N ARG E 16 20.16 16.42 -43.08
CA ARG E 16 19.87 15.84 -44.38
C ARG E 16 18.40 15.44 -44.51
N VAL E 17 17.81 15.75 -45.66
CA VAL E 17 16.41 15.44 -45.96
C VAL E 17 16.30 14.00 -46.44
N VAL E 18 16.51 13.05 -45.56
CA VAL E 18 16.43 11.64 -45.94
C VAL E 18 17.00 11.45 -47.36
N LYS E 19 16.38 10.56 -48.13
CA LYS E 19 16.82 10.29 -49.51
C LYS E 19 15.73 9.59 -50.32
N ASN E 22 14.45 7.98 -54.66
CA ASN E 22 14.96 8.75 -55.79
C ASN E 22 15.40 10.15 -55.36
N PHE E 23 15.95 10.88 -56.31
CA PHE E 23 16.43 12.24 -56.10
C PHE E 23 17.03 12.62 -57.45
N GLU E 24 16.20 13.21 -58.31
CA GLU E 24 16.66 13.56 -59.66
C GLU E 24 16.76 15.06 -59.93
N ASN E 25 17.57 15.40 -60.94
CA ASN E 25 17.81 16.77 -61.37
C ASN E 25 18.37 17.66 -60.27
N LEU E 26 17.72 17.67 -59.10
CA LEU E 26 18.15 18.50 -57.98
C LEU E 26 19.55 18.10 -57.49
N ARG E 27 20.19 17.19 -58.24
CA ARG E 27 21.53 16.69 -57.97
C ARG E 27 21.49 15.75 -56.76
N ASP E 28 21.92 16.27 -55.61
CA ASP E 28 21.94 15.52 -54.35
C ASP E 28 20.60 15.67 -53.60
N SER E 29 19.96 14.55 -53.32
CA SER E 29 18.68 14.55 -52.61
C SER E 29 18.89 15.22 -51.25
N GLY E 30 19.53 14.48 -50.33
CA GLY E 30 19.82 14.92 -48.98
C GLY E 30 20.18 16.37 -48.65
N ASP E 31 20.24 17.23 -49.67
CA ASP E 31 20.55 18.64 -49.42
C ASP E 31 19.21 19.37 -49.20
N PRO E 32 18.91 19.74 -47.96
CA PRO E 32 17.64 20.44 -47.73
C PRO E 32 17.61 21.76 -48.48
N VAL E 33 18.77 22.40 -48.60
CA VAL E 33 18.83 23.68 -49.28
C VAL E 33 18.53 23.55 -50.77
N GLU E 34 18.82 22.38 -51.35
CA GLU E 34 18.56 22.18 -52.78
C GLU E 34 17.14 21.66 -53.07
N LEU E 35 16.61 20.86 -52.16
CA LEU E 35 15.27 20.33 -52.36
C LEU E 35 14.29 21.48 -52.16
N GLY E 36 14.56 22.29 -51.13
CA GLY E 36 13.73 23.44 -50.82
C GLY E 36 13.74 24.45 -51.95
N LYS E 37 14.92 24.70 -52.51
CA LYS E 37 15.04 25.64 -53.63
C LYS E 37 14.31 25.03 -54.82
N PHE E 38 14.34 23.70 -54.90
CA PHE E 38 13.67 22.97 -55.97
C PHE E 38 12.17 23.28 -55.92
N TYR E 39 11.53 22.89 -54.81
CA TYR E 39 10.09 23.10 -54.59
C TYR E 39 9.60 24.54 -54.82
N SER E 40 10.42 25.53 -54.50
CA SER E 40 10.02 26.92 -54.74
C SER E 40 9.92 27.11 -56.24
N GLU E 41 10.92 26.59 -56.95
CA GLU E 41 10.99 26.66 -58.40
C GLU E 41 9.70 26.15 -59.08
N ILE E 42 9.14 25.04 -58.60
CA ILE E 42 7.91 24.46 -59.19
C ILE E 42 6.61 25.18 -58.84
N GLY E 43 6.54 25.77 -57.65
CA GLY E 43 5.34 26.49 -57.26
C GLY E 43 4.84 26.26 -55.85
N ILE E 44 5.63 25.57 -55.01
CA ILE E 44 5.23 25.32 -53.63
C ILE E 44 5.15 26.67 -52.92
N ASP E 45 4.11 26.84 -52.11
CA ASP E 45 3.89 28.10 -51.40
C ASP E 45 4.68 28.29 -50.10
N GLU E 46 4.87 27.21 -49.34
CA GLU E 46 5.64 27.28 -48.10
C GLU E 46 6.35 25.96 -47.86
N LEU E 47 7.18 25.93 -46.84
CA LEU E 47 7.89 24.71 -46.52
C LEU E 47 7.84 24.46 -45.02
N VAL E 48 7.88 23.18 -44.67
CA VAL E 48 7.90 22.78 -43.27
C VAL E 48 8.99 21.71 -43.18
N PHE E 49 9.95 21.95 -42.30
CA PHE E 49 11.05 21.02 -42.08
C PHE E 49 10.87 20.33 -40.73
N LEU E 50 10.67 19.01 -40.73
CA LEU E 50 10.51 18.26 -39.49
C LEU E 50 11.77 17.41 -39.26
N ASP E 51 12.60 17.83 -38.29
CA ASP E 51 13.85 17.14 -37.99
C ASP E 51 13.78 16.01 -36.94
N ILE E 52 14.69 15.05 -37.06
CA ILE E 52 14.76 13.94 -36.11
C ILE E 52 16.16 13.36 -36.00
N THR E 53 17.09 14.17 -35.52
CA THR E 53 18.48 13.70 -35.35
C THR E 53 18.49 12.67 -34.22
N ALA E 54 19.68 12.38 -33.67
CA ALA E 54 19.79 11.45 -32.57
C ALA E 54 19.58 12.29 -31.31
N SER E 55 18.75 13.31 -31.46
CA SER E 55 18.39 14.25 -30.39
C SER E 55 19.58 14.83 -29.63
N VAL E 56 20.78 14.31 -29.89
CA VAL E 56 21.97 14.82 -29.23
C VAL E 56 22.64 15.77 -30.21
N GLU E 57 21.99 15.94 -31.35
CA GLU E 57 22.50 16.79 -32.41
C GLU E 57 21.34 17.56 -33.01
N LYS E 58 20.15 17.24 -32.51
CA LYS E 58 18.91 17.87 -32.95
C LYS E 58 19.08 19.39 -32.89
N ARG E 59 19.53 19.90 -31.75
CA ARG E 59 19.74 21.33 -31.55
C ARG E 59 20.73 21.94 -32.53
N LYS E 60 21.96 21.42 -32.54
CA LYS E 60 23.01 21.96 -33.41
C LYS E 60 22.72 21.79 -34.89
N THR E 61 22.16 20.65 -35.27
CA THR E 61 21.85 20.37 -36.66
C THR E 61 20.69 21.24 -37.19
N MET E 62 19.63 21.41 -36.39
CA MET E 62 18.48 22.23 -36.79
C MET E 62 18.95 23.62 -37.14
N LEU E 63 19.56 24.28 -36.16
CA LEU E 63 20.09 25.63 -36.33
C LEU E 63 20.98 25.77 -37.58
N GLU E 64 21.81 24.75 -37.83
CA GLU E 64 22.71 24.79 -38.98
C GLU E 64 21.88 24.68 -40.24
N LEU E 65 20.87 23.82 -40.19
CA LEU E 65 19.97 23.63 -41.32
C LEU E 65 19.16 24.91 -41.56
N VAL E 66 18.72 25.57 -40.49
CA VAL E 66 17.95 26.80 -40.67
C VAL E 66 18.80 27.92 -41.28
N GLU E 67 20.02 28.07 -40.78
CA GLU E 67 20.86 29.10 -41.32
C GLU E 67 21.29 28.74 -42.75
N LYS E 68 21.12 27.48 -43.12
CA LYS E 68 21.48 27.08 -44.47
C LYS E 68 20.35 27.33 -45.44
N VAL E 69 19.14 27.11 -44.97
CA VAL E 69 17.96 27.34 -45.79
C VAL E 69 17.71 28.84 -45.90
N ALA E 70 17.76 29.51 -44.76
CA ALA E 70 17.53 30.93 -44.66
C ALA E 70 18.37 31.80 -45.58
N GLU E 71 19.57 31.35 -45.95
CA GLU E 71 20.39 32.18 -46.82
C GLU E 71 20.10 32.01 -48.30
N GLN E 72 19.34 30.99 -48.67
CA GLN E 72 19.04 30.77 -50.08
C GLN E 72 17.57 30.65 -50.52
N ILE E 73 16.64 30.42 -49.59
CA ILE E 73 15.23 30.29 -50.00
C ILE E 73 14.50 31.62 -50.16
N ASP E 74 13.58 31.68 -51.12
CA ASP E 74 12.83 32.90 -51.34
C ASP E 74 11.35 32.80 -50.92
N ILE E 75 10.99 31.69 -50.28
CA ILE E 75 9.63 31.47 -49.78
C ILE E 75 9.69 31.13 -48.28
N PRO E 76 8.58 31.32 -47.56
CA PRO E 76 8.49 31.04 -46.13
C PRO E 76 8.61 29.57 -45.75
N PHE E 77 9.30 29.30 -44.66
CA PHE E 77 9.43 27.92 -44.21
C PHE E 77 9.30 27.84 -42.69
N THR E 78 8.75 26.73 -42.24
CA THR E 78 8.54 26.48 -40.83
C THR E 78 9.46 25.33 -40.43
N VAL E 79 9.92 25.33 -39.18
CA VAL E 79 10.77 24.26 -38.70
C VAL E 79 10.14 23.66 -37.45
N GLY E 80 9.91 22.35 -37.47
CA GLY E 80 9.30 21.70 -36.33
C GLY E 80 9.88 20.35 -35.96
N GLY E 81 9.29 19.75 -34.93
CA GLY E 81 9.75 18.45 -34.46
C GLY E 81 10.92 18.51 -33.49
N GLY E 82 10.66 18.25 -32.22
CA GLY E 82 11.73 18.25 -31.23
C GLY E 82 12.07 19.59 -30.59
N ILE E 83 11.11 20.51 -30.54
CA ILE E 83 11.29 21.81 -29.91
C ILE E 83 10.31 21.86 -28.74
N HIS E 84 10.83 21.78 -27.52
CA HIS E 84 9.97 21.76 -26.34
C HIS E 84 9.89 23.05 -25.50
N ASP E 85 10.82 24.00 -25.71
CA ASP E 85 10.83 25.23 -24.92
C ASP E 85 11.23 26.49 -25.68
N PHE E 86 10.87 27.65 -25.12
CA PHE E 86 11.15 28.97 -25.71
C PHE E 86 12.58 29.17 -26.24
N GLU E 87 13.58 28.75 -25.46
CA GLU E 87 14.95 28.93 -25.91
C GLU E 87 15.16 28.35 -27.31
N THR E 88 14.88 27.06 -27.47
CA THR E 88 15.03 26.40 -28.76
C THR E 88 14.14 27.04 -29.81
N ALA E 89 12.97 27.53 -29.42
CA ALA E 89 12.04 28.18 -30.35
C ALA E 89 12.58 29.54 -30.77
N SER E 90 13.13 30.27 -29.81
CA SER E 90 13.69 31.59 -30.05
C SER E 90 14.98 31.47 -30.86
N GLU E 91 15.69 30.39 -30.61
CA GLU E 91 16.96 30.12 -31.28
C GLU E 91 16.78 29.95 -32.79
N LEU E 92 15.78 29.18 -33.19
CA LEU E 92 15.52 28.93 -34.60
C LEU E 92 14.94 30.12 -35.35
N ILE E 93 14.12 30.92 -34.68
CA ILE E 93 13.54 32.08 -35.34
C ILE E 93 14.61 33.13 -35.57
N LEU E 94 15.42 33.40 -34.56
CA LEU E 94 16.47 34.40 -34.68
C LEU E 94 17.51 34.02 -35.72
N ARG E 95 17.62 32.73 -35.98
CA ARG E 95 18.57 32.22 -36.95
C ARG E 95 18.04 32.36 -38.37
N GLY E 96 16.73 32.53 -38.52
CA GLY E 96 16.20 32.66 -39.87
C GLY E 96 14.87 32.01 -40.21
N ALA E 97 14.38 31.12 -39.36
CA ALA E 97 13.11 30.45 -39.64
C ALA E 97 11.93 31.42 -39.47
N ASP E 98 10.96 31.38 -40.40
CA ASP E 98 9.78 32.24 -40.35
C ASP E 98 8.80 31.85 -39.24
N LYS E 99 8.63 30.55 -39.06
CA LYS E 99 7.73 30.03 -38.03
C LYS E 99 8.38 28.82 -37.37
N VAL E 100 7.81 28.36 -36.25
CA VAL E 100 8.31 27.19 -35.55
C VAL E 100 7.08 26.35 -35.31
N SER E 101 7.26 25.04 -35.21
CA SER E 101 6.16 24.15 -34.95
C SER E 101 6.37 23.51 -33.59
N ILE E 102 5.27 23.36 -32.86
CA ILE E 102 5.28 22.76 -31.51
C ILE E 102 4.06 21.84 -31.38
N ASN E 103 4.20 20.77 -30.61
CA ASN E 103 3.11 19.80 -30.47
C ASN E 103 3.04 19.15 -29.09
N THR E 104 3.92 18.18 -28.87
CA THR E 104 4.00 17.47 -27.61
C THR E 104 4.28 18.49 -26.50
N ALA E 105 5.29 19.33 -26.69
CA ALA E 105 5.63 20.33 -25.68
C ALA E 105 4.51 21.34 -25.45
N ALA E 106 3.77 21.69 -26.50
CA ALA E 106 2.66 22.64 -26.36
C ALA E 106 1.55 22.05 -25.49
N VAL E 107 1.11 20.84 -25.83
CA VAL E 107 0.09 20.12 -25.07
C VAL E 107 0.48 20.05 -23.59
N GLU E 108 1.70 19.61 -23.31
CA GLU E 108 2.15 19.50 -21.93
C GLU E 108 2.31 20.89 -21.30
N ASN E 109 2.83 21.85 -22.07
CA ASN E 109 3.00 23.21 -21.56
C ASN E 109 2.35 24.27 -22.44
N PRO E 110 1.07 24.57 -22.18
CA PRO E 110 0.35 25.57 -22.97
C PRO E 110 0.95 26.98 -22.89
N SER E 111 1.71 27.25 -21.85
CA SER E 111 2.32 28.58 -21.70
C SER E 111 3.25 28.87 -22.88
N LEU E 112 3.98 27.84 -23.32
CA LEU E 112 4.94 27.94 -24.41
C LEU E 112 4.44 28.70 -25.64
N ILE E 113 3.24 28.38 -26.11
CA ILE E 113 2.65 29.06 -27.26
C ILE E 113 2.79 30.54 -26.97
N THR E 114 2.28 30.92 -25.80
CA THR E 114 2.32 32.30 -25.37
C THR E 114 3.74 32.80 -25.30
N GLN E 115 4.57 32.14 -24.50
CA GLN E 115 5.97 32.53 -24.37
C GLN E 115 6.60 32.85 -25.74
N ILE E 116 6.45 31.92 -26.68
CA ILE E 116 6.99 32.11 -28.03
C ILE E 116 6.33 33.30 -28.73
N ALA E 117 5.03 33.20 -28.96
CA ALA E 117 4.28 34.25 -29.65
C ALA E 117 4.33 35.61 -28.96
N GLN E 118 4.72 35.63 -27.70
CA GLN E 118 4.80 36.89 -26.96
C GLN E 118 5.89 37.79 -27.49
N THR E 119 7.06 37.21 -27.77
CA THR E 119 8.23 37.92 -28.29
C THR E 119 8.18 38.14 -29.81
N PHE E 120 8.03 37.03 -30.53
CA PHE E 120 8.04 37.03 -31.98
C PHE E 120 6.67 37.16 -32.64
N GLY E 121 5.59 37.13 -31.86
CA GLY E 121 4.26 37.25 -32.42
C GLY E 121 3.65 35.92 -32.85
N SER E 122 2.33 35.84 -32.78
CA SER E 122 1.61 34.63 -33.13
C SER E 122 1.92 34.09 -34.54
N GLN E 123 2.22 34.96 -35.48
CA GLN E 123 2.53 34.51 -36.83
C GLN E 123 3.86 33.75 -36.85
N ALA E 124 4.55 33.73 -35.72
CA ALA E 124 5.84 33.06 -35.64
C ALA E 124 5.72 31.66 -35.08
N VAL E 125 4.51 31.30 -34.67
CA VAL E 125 4.29 29.99 -34.09
C VAL E 125 3.11 29.21 -34.70
N VAL E 126 3.34 27.93 -34.97
CA VAL E 126 2.30 27.05 -35.50
C VAL E 126 2.15 25.90 -34.48
N VAL E 127 0.92 25.46 -34.25
CA VAL E 127 0.69 24.37 -33.30
C VAL E 127 0.19 23.13 -34.02
N ALA E 128 1.05 22.12 -34.05
CA ALA E 128 0.74 20.85 -34.71
C ALA E 128 -0.18 20.01 -33.82
N ILE E 129 -1.29 19.56 -34.41
CA ILE E 129 -2.29 18.73 -33.72
C ILE E 129 -2.45 17.35 -34.38
N ASP E 130 -2.05 16.31 -33.66
CA ASP E 130 -2.18 14.94 -34.14
C ASP E 130 -3.40 14.33 -33.43
N ALA E 131 -4.36 13.79 -34.17
CA ALA E 131 -5.55 13.24 -33.52
C ALA E 131 -6.37 12.26 -34.35
N LYS E 132 -7.14 11.40 -33.67
CA LYS E 132 -8.00 10.42 -34.35
C LYS E 132 -9.29 10.13 -33.57
N ARG E 133 -10.04 9.12 -34.04
CA ARG E 133 -11.33 8.74 -33.46
C ARG E 133 -11.25 7.71 -32.33
N VAL E 134 -10.69 8.12 -31.19
CA VAL E 134 -10.55 7.24 -30.02
C VAL E 134 -11.81 7.25 -29.15
N ASP E 135 -12.53 6.14 -29.17
CA ASP E 135 -13.76 6.01 -28.39
C ASP E 135 -14.89 6.76 -29.10
N GLY E 136 -14.75 6.98 -30.41
CA GLY E 136 -15.78 7.70 -31.16
C GLY E 136 -15.54 9.20 -31.26
N GLU E 137 -14.97 9.78 -30.20
CA GLU E 137 -14.69 11.22 -30.19
C GLU E 137 -13.42 11.58 -30.96
N PHE E 138 -12.95 12.80 -30.72
CA PHE E 138 -11.73 13.29 -31.34
C PHE E 138 -10.72 13.57 -30.24
N MET E 139 -9.77 12.66 -30.13
CA MET E 139 -8.72 12.75 -29.11
C MET E 139 -7.39 13.24 -29.66
N VAL E 140 -6.71 14.03 -28.83
CA VAL E 140 -5.41 14.61 -29.15
C VAL E 140 -4.29 13.69 -28.73
N PHE E 141 -3.29 13.55 -29.58
CA PHE E 141 -2.16 12.68 -29.28
C PHE E 141 -0.82 13.37 -29.22
N THR E 142 -0.03 13.01 -28.22
CA THR E 142 1.30 13.55 -28.07
C THR E 142 2.24 12.52 -28.70
N TYR E 143 3.48 12.49 -28.24
CA TYR E 143 4.52 11.57 -28.73
C TYR E 143 4.25 10.85 -30.06
N SER E 144 4.30 11.62 -31.15
CA SER E 144 4.07 11.12 -32.50
C SER E 144 2.75 10.42 -32.75
N GLY E 145 1.69 10.98 -32.17
CA GLY E 145 0.35 10.43 -32.32
C GLY E 145 0.20 9.07 -31.69
N LYS E 146 1.01 8.82 -30.66
CA LYS E 146 0.97 7.53 -30.01
C LYS E 146 0.59 7.55 -28.54
N LYS E 147 -0.03 8.63 -28.10
CA LYS E 147 -0.43 8.72 -26.69
C LYS E 147 -1.70 9.53 -26.57
N ASN E 148 -2.73 8.91 -26.00
CA ASN E 148 -4.01 9.57 -25.82
C ASN E 148 -3.88 10.59 -24.70
N THR E 149 -4.35 11.82 -24.93
CA THR E 149 -4.24 12.85 -23.89
C THR E 149 -5.49 13.07 -23.04
N GLY E 150 -6.58 12.39 -23.39
CA GLY E 150 -7.82 12.55 -22.64
C GLY E 150 -8.35 13.94 -22.92
N ILE E 151 -7.60 14.65 -23.76
CA ILE E 151 -7.92 16.00 -24.16
C ILE E 151 -8.72 15.92 -25.46
N LEU E 152 -9.89 16.56 -25.46
CA LEU E 152 -10.71 16.55 -26.65
C LEU E 152 -10.06 17.46 -27.69
N LEU E 153 -10.16 17.06 -28.96
CA LEU E 153 -9.61 17.85 -30.06
C LEU E 153 -10.44 19.11 -30.08
N ARG E 154 -11.59 19.04 -29.41
CA ARG E 154 -12.53 20.15 -29.34
C ARG E 154 -12.08 21.23 -28.37
N ASP E 155 -11.51 20.83 -27.23
CA ASP E 155 -11.00 21.82 -26.29
C ASP E 155 -9.76 22.40 -26.95
N TRP E 156 -8.64 21.69 -26.79
CA TRP E 156 -7.33 22.07 -27.34
C TRP E 156 -7.34 23.25 -28.28
N VAL E 157 -7.85 23.01 -29.49
CA VAL E 157 -7.92 24.07 -30.49
C VAL E 157 -8.35 25.38 -29.82
N VAL E 158 -9.61 25.46 -29.40
CA VAL E 158 -10.10 26.67 -28.74
C VAL E 158 -9.06 27.24 -27.78
N GLU E 159 -8.44 26.37 -26.99
CA GLU E 159 -7.43 26.84 -26.05
C GLU E 159 -6.31 27.45 -26.89
N VAL E 160 -5.63 26.60 -27.66
CA VAL E 160 -4.53 26.99 -28.55
C VAL E 160 -4.56 28.48 -28.92
N GLU E 161 -5.63 28.89 -29.58
CA GLU E 161 -5.78 30.28 -30.00
C GLU E 161 -5.65 31.28 -28.85
N LYS E 162 -6.25 30.93 -27.72
CA LYS E 162 -6.19 31.80 -26.54
C LYS E 162 -4.76 32.05 -26.12
N ARG E 163 -3.88 31.08 -26.42
CA ARG E 163 -2.48 31.19 -26.02
C ARG E 163 -1.58 31.92 -27.02
N GLY E 164 -2.05 32.07 -28.25
CA GLY E 164 -1.26 32.77 -29.26
C GLY E 164 -1.09 32.13 -30.63
N ALA E 165 -1.04 30.81 -30.69
CA ALA E 165 -0.85 30.09 -31.95
C ALA E 165 -1.39 30.83 -33.18
N GLY E 166 -0.52 31.01 -34.18
CA GLY E 166 -0.91 31.71 -35.39
C GLY E 166 -1.53 30.79 -36.42
N GLU E 167 -1.19 29.51 -36.32
CA GLU E 167 -1.74 28.53 -37.23
C GLU E 167 -1.87 27.19 -36.56
N ILE E 168 -2.65 26.31 -37.19
CA ILE E 168 -2.86 24.97 -36.69
C ILE E 168 -2.50 23.99 -37.79
N LEU E 169 -1.43 23.23 -37.60
CA LEU E 169 -1.02 22.23 -38.59
C LEU E 169 -1.76 20.93 -38.16
N LEU E 170 -2.78 20.54 -38.93
CA LEU E 170 -3.59 19.35 -38.61
C LEU E 170 -3.34 18.01 -39.32
N THR E 171 -2.78 17.07 -38.58
CA THR E 171 -2.47 15.74 -39.10
C THR E 171 -3.52 14.73 -38.63
N SER E 172 -4.06 13.95 -39.56
CA SER E 172 -5.03 12.90 -39.24
C SER E 172 -4.22 11.63 -39.07
N ILE E 173 -4.35 10.99 -37.91
CA ILE E 173 -3.56 9.79 -37.66
C ILE E 173 -4.05 8.54 -38.39
N ASP E 174 -5.29 8.55 -38.86
CA ASP E 174 -5.83 7.39 -39.59
C ASP E 174 -5.45 7.47 -41.07
N ARG E 175 -4.94 8.63 -41.49
CA ARG E 175 -4.58 8.83 -42.89
C ARG E 175 -3.10 9.02 -43.23
N ASP E 176 -2.31 9.64 -42.34
CA ASP E 176 -0.89 9.88 -42.64
C ASP E 176 -0.27 8.63 -43.26
N GLY E 177 0.07 8.71 -44.54
CA GLY E 177 0.66 7.57 -45.23
C GLY E 177 -0.33 6.81 -46.11
N THR E 178 -1.46 6.40 -45.55
CA THR E 178 -2.48 5.66 -46.29
C THR E 178 -2.51 6.00 -47.78
N LYS E 179 -2.43 7.29 -48.08
CA LYS E 179 -2.48 7.80 -49.46
C LYS E 179 -3.93 7.67 -49.94
N SER E 180 -4.85 7.57 -48.99
CA SER E 180 -6.28 7.43 -49.28
C SER E 180 -7.03 8.78 -49.34
N GLY E 181 -6.31 9.88 -49.15
CA GLY E 181 -6.93 11.18 -49.18
C GLY E 181 -6.76 11.95 -47.88
N TYR E 182 -7.53 13.04 -47.73
CA TYR E 182 -7.47 13.86 -46.53
C TYR E 182 -8.67 13.59 -45.62
N ASP E 183 -8.43 13.64 -44.31
CA ASP E 183 -9.44 13.37 -43.27
C ASP E 183 -10.52 14.45 -43.33
N THR E 184 -11.08 14.67 -44.53
CA THR E 184 -12.09 15.70 -44.71
C THR E 184 -13.04 15.83 -43.52
N GLU E 185 -13.48 14.69 -42.97
CA GLU E 185 -14.41 14.76 -41.84
C GLU E 185 -13.86 15.58 -40.69
N MET E 186 -12.69 15.18 -40.19
CA MET E 186 -12.02 15.84 -39.08
C MET E 186 -11.78 17.34 -39.35
N ILE E 187 -11.68 17.70 -40.62
CA ILE E 187 -11.47 19.09 -40.97
C ILE E 187 -12.68 19.88 -40.48
N ARG E 188 -13.76 19.84 -41.28
CA ARG E 188 -15.04 20.49 -40.96
C ARG E 188 -15.19 20.62 -39.44
N PHE E 189 -14.92 19.51 -38.76
CA PHE E 189 -15.01 19.47 -37.31
C PHE E 189 -14.43 20.75 -36.72
N VAL E 190 -13.09 20.81 -36.69
CA VAL E 190 -12.33 21.94 -36.13
C VAL E 190 -12.58 23.29 -36.79
N ARG E 191 -12.96 23.28 -38.07
CA ARG E 191 -13.21 24.52 -38.78
C ARG E 191 -13.97 25.58 -37.97
N PRO E 192 -15.29 25.36 -37.69
CA PRO E 192 -16.02 26.37 -36.91
C PRO E 192 -15.65 26.56 -35.42
N LEU E 193 -14.42 26.20 -35.04
CA LEU E 193 -14.02 26.35 -33.65
C LEU E 193 -12.82 27.30 -33.44
N THR E 194 -12.29 27.81 -34.55
CA THR E 194 -11.17 28.76 -34.51
C THR E 194 -11.11 29.53 -35.82
N THR E 195 -10.48 30.70 -35.80
CA THR E 195 -10.35 31.50 -37.01
C THR E 195 -8.92 31.41 -37.53
N LEU E 196 -8.04 30.84 -36.71
CA LEU E 196 -6.63 30.66 -37.07
C LEU E 196 -6.63 29.85 -38.35
N PRO E 197 -5.60 30.00 -39.19
CA PRO E 197 -5.55 29.23 -40.44
C PRO E 197 -5.30 27.75 -40.13
N ILE E 198 -5.85 26.87 -40.97
CA ILE E 198 -5.69 25.43 -40.76
C ILE E 198 -4.97 24.76 -41.93
N ILE E 199 -3.96 23.97 -41.61
CA ILE E 199 -3.20 23.27 -42.65
C ILE E 199 -3.61 21.80 -42.60
N ALA E 200 -4.41 21.37 -43.58
CA ALA E 200 -4.84 19.98 -43.63
C ALA E 200 -3.62 19.12 -43.92
N SER E 201 -3.34 18.15 -43.04
CA SER E 201 -2.15 17.31 -43.23
C SER E 201 -2.30 15.79 -43.22
N GLY E 202 -1.39 15.13 -43.95
CA GLY E 202 -1.35 13.68 -44.02
C GLY E 202 -2.45 12.90 -44.75
N GLY E 203 -2.04 12.04 -45.68
CA GLY E 203 -2.99 11.23 -46.39
C GLY E 203 -3.14 11.56 -47.86
N ALA E 204 -2.39 12.55 -48.34
CA ALA E 204 -2.50 12.96 -49.74
C ALA E 204 -2.07 11.82 -50.68
N GLY E 205 -2.66 11.79 -51.88
CA GLY E 205 -2.35 10.77 -52.87
C GLY E 205 -2.47 11.21 -54.33
N LYS E 206 -3.30 12.22 -54.59
CA LYS E 206 -3.50 12.76 -55.94
C LYS E 206 -4.22 14.11 -55.95
N MET E 207 -4.19 14.77 -57.11
CA MET E 207 -4.83 16.08 -57.28
C MET E 207 -6.31 15.98 -56.97
N GLU E 208 -6.72 14.82 -56.45
CA GLU E 208 -8.11 14.56 -56.10
C GLU E 208 -8.32 14.82 -54.62
N HIS E 209 -7.33 14.44 -53.82
CA HIS E 209 -7.39 14.61 -52.37
C HIS E 209 -7.25 16.04 -51.89
N PHE E 210 -6.57 16.88 -52.65
CA PHE E 210 -6.44 18.28 -52.26
C PHE E 210 -7.77 18.96 -52.57
N LEU E 211 -8.20 18.87 -53.82
CA LEU E 211 -9.48 19.46 -54.26
C LEU E 211 -10.57 19.20 -53.24
N GLU E 212 -10.52 18.02 -52.60
CA GLU E 212 -11.52 17.62 -51.60
C GLU E 212 -11.25 18.25 -50.23
N ALA E 213 -10.01 18.67 -50.00
CA ALA E 213 -9.63 19.29 -48.73
C ALA E 213 -10.33 20.64 -48.65
N PHE E 214 -9.66 21.66 -49.18
CA PHE E 214 -10.16 23.03 -49.18
C PHE E 214 -11.67 23.13 -49.01
N LEU E 215 -12.43 22.36 -49.79
CA LEU E 215 -13.89 22.42 -49.63
C LEU E 215 -14.20 22.27 -48.13
N ALA E 216 -13.64 21.26 -47.50
CA ALA E 216 -13.87 21.03 -46.08
C ALA E 216 -13.39 22.22 -45.24
N GLY E 217 -12.83 23.22 -45.90
CA GLY E 217 -12.38 24.41 -45.19
C GLY E 217 -10.96 24.36 -44.69
N ALA E 218 -10.01 24.21 -45.60
CA ALA E 218 -8.61 24.17 -45.24
C ALA E 218 -7.91 25.35 -45.89
N ASP E 219 -7.04 26.00 -45.12
CA ASP E 219 -6.31 27.16 -45.63
C ASP E 219 -5.00 26.71 -46.29
N ALA E 220 -4.76 25.41 -46.32
CA ALA E 220 -3.55 24.86 -46.92
C ALA E 220 -3.49 23.33 -46.86
N ALA E 221 -2.83 22.74 -47.85
CA ALA E 221 -2.69 21.30 -47.92
C ALA E 221 -1.21 20.91 -47.76
N LEU E 222 -0.90 20.20 -46.68
CA LEU E 222 0.49 19.79 -46.42
C LEU E 222 0.77 18.34 -46.84
N ALA E 223 1.73 18.14 -47.74
CA ALA E 223 2.02 16.78 -48.17
C ALA E 223 3.46 16.31 -48.02
N ALA E 224 3.60 15.02 -47.70
CA ALA E 224 4.90 14.41 -47.54
C ALA E 224 5.11 13.38 -48.66
N SER E 225 4.53 12.19 -48.45
CA SER E 225 4.62 11.07 -49.40
C SER E 225 4.68 11.48 -50.87
N VAL E 226 3.56 12.00 -51.39
CA VAL E 226 3.44 12.38 -52.79
C VAL E 226 4.46 13.31 -53.43
N PHE E 227 5.04 14.23 -52.68
CA PHE E 227 5.99 15.15 -53.31
C PHE E 227 7.40 14.61 -53.55
N HIS E 228 7.74 13.52 -52.86
CA HIS E 228 9.07 12.90 -53.04
C HIS E 228 9.03 11.92 -54.22
N PHE E 229 8.30 10.81 -54.04
CA PHE E 229 8.15 9.78 -55.06
C PHE E 229 7.90 10.38 -56.45
N ARG E 230 7.15 11.50 -56.47
CA ARG E 230 6.78 12.26 -57.68
C ARG E 230 5.33 11.96 -58.08
N GLU E 231 4.61 11.40 -57.12
CA GLU E 231 3.20 11.04 -57.28
C GLU E 231 2.33 12.21 -57.72
N ILE E 232 2.73 13.44 -57.39
CA ILE E 232 1.96 14.62 -57.79
C ILE E 232 2.82 15.80 -58.24
N ASP E 233 2.56 16.28 -59.44
CA ASP E 233 3.28 17.42 -59.95
C ASP E 233 2.57 18.61 -59.28
N VAL E 234 3.35 19.61 -58.89
CA VAL E 234 2.81 20.80 -58.23
C VAL E 234 2.19 21.79 -59.22
N ARG E 235 2.90 22.07 -60.30
CA ARG E 235 2.41 23.00 -61.32
C ARG E 235 1.00 22.57 -61.79
N GLU E 236 0.90 21.33 -62.26
CA GLU E 236 -0.35 20.75 -62.75
C GLU E 236 -1.44 20.98 -61.73
N LEU E 237 -1.26 20.33 -60.59
CA LEU E 237 -2.17 20.39 -59.47
C LEU E 237 -2.71 21.80 -59.20
N LYS E 238 -2.09 22.81 -59.80
CA LYS E 238 -2.54 24.19 -59.59
C LYS E 238 -3.88 24.53 -60.27
N GLU E 239 -3.87 25.03 -61.50
CA GLU E 239 -5.15 25.37 -62.15
C GLU E 239 -6.20 24.25 -61.97
N TYR E 240 -5.74 23.00 -61.90
CA TYR E 240 -6.62 21.85 -61.70
C TYR E 240 -7.48 22.06 -60.44
N LEU E 241 -7.05 22.99 -59.57
CA LEU E 241 -7.79 23.28 -58.34
C LEU E 241 -8.46 24.66 -58.37
N LYS E 242 -8.07 25.48 -59.35
CA LYS E 242 -8.68 26.79 -59.50
C LYS E 242 -9.80 26.56 -60.51
N LYS E 243 -9.46 25.80 -61.54
CA LYS E 243 -10.37 25.43 -62.60
C LYS E 243 -11.40 24.52 -61.94
N HIS E 244 -11.53 24.66 -60.62
CA HIS E 244 -12.45 23.88 -59.81
C HIS E 244 -12.97 24.74 -58.67
N GLY E 245 -12.99 26.05 -58.92
CA GLY E 245 -13.47 26.99 -57.93
C GLY E 245 -12.47 27.62 -56.96
N VAL E 246 -11.58 26.79 -56.40
CA VAL E 246 -10.58 27.26 -55.41
C VAL E 246 -9.63 28.41 -55.81
N ASN E 247 -9.25 29.22 -54.81
CA ASN E 247 -8.35 30.37 -55.02
C ASN E 247 -6.90 29.93 -54.79
N VAL E 248 -6.19 29.61 -55.87
CA VAL E 248 -4.82 29.13 -55.78
C VAL E 248 -3.75 30.02 -56.42
N ARG E 249 -2.72 30.37 -55.67
CA ARG E 249 -1.62 31.21 -56.17
C ARG E 249 -1.17 30.71 -57.53
N LEU E 250 -1.85 31.12 -58.58
CA LEU E 250 -1.50 30.66 -59.93
C LEU E 250 -0.62 31.64 -60.69
N GLU E 251 0.62 31.25 -60.97
CA GLU E 251 1.51 32.13 -61.71
C GLU E 251 2.65 31.48 -62.49
N GLY E 252 3.03 32.19 -63.56
CA GLY E 252 4.08 31.78 -64.44
C GLY E 252 4.18 32.82 -65.55
N LEU E 253 4.10 32.36 -66.79
CA LEU E 253 4.17 33.22 -67.97
C LEU E 253 2.85 33.98 -68.18
N MET F 1 26.12 50.69 -59.71
CA MET F 1 24.88 50.84 -58.90
C MET F 1 25.19 50.68 -57.42
N ARG F 2 24.89 51.72 -56.65
CA ARG F 2 25.15 51.73 -55.22
C ARG F 2 23.82 51.55 -54.47
N ILE F 3 23.73 50.46 -53.71
CA ILE F 3 22.51 50.15 -52.98
C ILE F 3 22.70 50.05 -51.48
N GLY F 4 21.82 50.68 -50.72
CA GLY F 4 21.90 50.63 -49.27
C GLY F 4 20.65 50.00 -48.66
N ILE F 5 20.81 49.29 -47.55
CA ILE F 5 19.71 48.64 -46.85
C ILE F 5 19.90 48.91 -45.34
N ILE F 6 19.03 49.72 -44.74
CA ILE F 6 19.13 50.04 -43.30
C ILE F 6 19.01 48.72 -42.57
N SER F 7 20.03 48.39 -41.78
CA SER F 7 20.10 47.12 -41.06
C SER F 7 19.80 47.20 -39.57
N VAL F 8 19.60 48.43 -39.10
CA VAL F 8 19.31 48.74 -37.70
C VAL F 8 17.96 48.24 -37.25
N GLY F 9 16.94 48.70 -37.97
CA GLY F 9 15.54 48.37 -37.68
C GLY F 9 15.27 47.00 -37.11
N PRO F 10 14.23 46.88 -36.25
CA PRO F 10 13.84 45.61 -35.61
C PRO F 10 13.35 44.63 -36.66
N GLY F 11 13.45 43.35 -36.34
CA GLY F 11 13.00 42.34 -37.29
C GLY F 11 14.13 41.83 -38.16
N ASN F 12 13.87 40.76 -38.90
CA ASN F 12 14.86 40.16 -39.78
C ASN F 12 14.99 41.03 -41.01
N ILE F 13 16.17 41.59 -41.19
CA ILE F 13 16.44 42.46 -42.31
C ILE F 13 17.41 41.82 -43.30
N MET F 14 17.95 40.65 -42.95
CA MET F 14 18.89 39.97 -43.83
C MET F 14 18.23 39.16 -44.95
N ASN F 15 16.95 38.83 -44.83
CA ASN F 15 16.33 38.10 -45.93
C ASN F 15 16.29 39.04 -47.13
N LEU F 16 15.93 40.30 -46.88
CA LEU F 16 15.85 41.29 -47.94
C LEU F 16 17.24 41.50 -48.56
N TYR F 17 18.26 41.55 -47.72
CA TYR F 17 19.62 41.72 -48.17
C TYR F 17 19.97 40.66 -49.23
N ARG F 18 19.75 39.41 -48.87
CA ARG F 18 20.05 38.31 -49.77
C ARG F 18 19.16 38.35 -50.99
N GLY F 19 17.92 38.77 -50.78
CA GLY F 19 16.98 38.88 -51.87
C GLY F 19 17.41 39.95 -52.84
N VAL F 20 17.89 41.08 -52.30
CA VAL F 20 18.34 42.19 -53.13
C VAL F 20 19.57 41.76 -53.92
N LYS F 21 20.45 40.98 -53.29
CA LYS F 21 21.64 40.51 -53.99
C LYS F 21 21.24 39.53 -55.09
N ARG F 22 20.40 38.56 -54.77
CA ARG F 22 19.99 37.63 -55.80
C ARG F 22 19.41 38.38 -57.03
N ALA F 23 18.68 39.46 -56.78
CA ALA F 23 18.08 40.21 -57.89
C ALA F 23 19.05 41.12 -58.65
N SER F 24 20.18 41.43 -58.03
CA SER F 24 21.18 42.28 -58.70
C SER F 24 22.20 41.45 -59.49
N GLU F 25 22.15 40.13 -59.33
CA GLU F 25 23.05 39.19 -60.00
C GLU F 25 23.42 39.57 -61.43
N ASN F 26 22.40 39.72 -62.27
CA ASN F 26 22.57 40.03 -63.69
C ASN F 26 22.87 41.49 -64.00
N PHE F 27 23.13 42.29 -62.99
CA PHE F 27 23.45 43.69 -63.23
C PHE F 27 24.94 43.95 -63.05
N GLU F 28 25.39 45.11 -63.50
CA GLU F 28 26.81 45.43 -63.39
C GLU F 28 27.12 46.58 -62.44
N ASP F 29 28.35 46.60 -61.96
CA ASP F 29 28.82 47.62 -61.05
C ASP F 29 27.89 47.69 -59.84
N VAL F 30 27.35 46.54 -59.43
CA VAL F 30 26.41 46.47 -58.31
C VAL F 30 27.05 46.43 -56.93
N SER F 31 26.71 47.42 -56.12
CA SER F 31 27.23 47.54 -54.76
C SER F 31 26.12 47.55 -53.70
N ILE F 32 26.04 46.49 -52.89
CA ILE F 32 25.02 46.41 -51.85
C ILE F 32 25.61 46.47 -50.43
N GLU F 33 25.26 47.52 -49.70
CA GLU F 33 25.76 47.70 -48.35
C GLU F 33 24.68 47.73 -47.28
N LEU F 34 25.04 47.27 -46.08
CA LEU F 34 24.13 47.29 -44.94
C LEU F 34 24.43 48.62 -44.23
N VAL F 35 23.39 49.45 -44.07
CA VAL F 35 23.52 50.77 -43.47
C VAL F 35 23.08 50.85 -42.02
N GLU F 36 23.98 51.32 -41.16
CA GLU F 36 23.68 51.48 -39.75
C GLU F 36 23.89 52.93 -39.33
N SER F 37 24.44 53.74 -40.23
CA SER F 37 24.68 55.15 -39.93
C SER F 37 24.95 55.91 -41.21
N PRO F 38 24.81 57.25 -41.17
CA PRO F 38 25.05 58.07 -42.36
C PRO F 38 26.35 57.73 -43.06
N ARG F 39 26.33 57.89 -44.38
CA ARG F 39 27.48 57.60 -45.21
C ARG F 39 27.70 58.81 -46.09
N ASN F 40 28.95 59.28 -46.15
CA ASN F 40 29.33 60.45 -46.93
C ASN F 40 28.57 60.50 -48.27
N ASP F 41 28.49 59.37 -48.97
CA ASP F 41 27.80 59.34 -50.25
C ASP F 41 26.39 58.73 -50.20
N LEU F 42 25.42 59.44 -50.75
CA LEU F 42 24.04 58.94 -50.78
C LEU F 42 24.05 57.75 -51.73
N TYR F 43 23.13 56.81 -51.52
CA TYR F 43 23.03 55.64 -52.40
C TYR F 43 22.12 55.94 -53.59
N ASP F 44 22.12 55.04 -54.56
CA ASP F 44 21.26 55.21 -55.73
C ASP F 44 19.88 54.65 -55.37
N LEU F 45 19.90 53.56 -54.60
CA LEU F 45 18.71 52.85 -54.15
C LEU F 45 18.87 52.62 -52.65
N LEU F 46 17.99 53.21 -51.84
CA LEU F 46 18.07 53.04 -50.40
C LEU F 46 16.80 52.40 -49.86
N PHE F 47 16.94 51.23 -49.23
CA PHE F 47 15.81 50.51 -48.65
C PHE F 47 15.62 50.75 -47.15
N ILE F 48 14.37 50.82 -46.73
CA ILE F 48 14.05 51.01 -45.33
C ILE F 48 13.12 49.85 -45.00
N PRO F 49 13.68 48.72 -44.52
CA PRO F 49 12.96 47.51 -44.16
C PRO F 49 12.52 47.46 -42.70
N GLY F 50 12.39 46.25 -42.16
CA GLY F 50 11.99 46.09 -40.77
C GLY F 50 10.66 45.38 -40.55
N VAL F 51 10.52 44.74 -39.39
CA VAL F 51 9.29 44.04 -39.05
C VAL F 51 9.02 44.30 -37.58
N GLY F 52 7.82 44.77 -37.27
CA GLY F 52 7.48 45.03 -35.88
C GLY F 52 6.77 46.35 -35.61
N HIS F 53 6.99 46.86 -34.40
CA HIS F 53 6.39 48.08 -33.89
C HIS F 53 6.86 49.38 -34.55
N PHE F 54 5.90 50.21 -34.95
CA PHE F 54 6.17 51.50 -35.57
C PHE F 54 6.99 52.39 -34.61
N GLY F 55 6.74 52.21 -33.31
CA GLY F 55 7.43 52.97 -32.27
C GLY F 55 8.90 52.65 -32.33
N GLU F 56 9.23 51.36 -32.32
CA GLU F 56 10.62 50.92 -32.49
C GLU F 56 10.81 51.23 -33.97
N GLY F 57 12.01 51.01 -34.50
CA GLY F 57 12.19 51.32 -35.91
C GLY F 57 12.34 52.82 -36.07
N MET F 58 11.37 53.59 -35.59
CA MET F 58 11.47 55.05 -35.65
C MET F 58 12.50 55.41 -34.58
N ARG F 59 12.48 54.68 -33.47
CA ARG F 59 13.43 54.91 -32.39
C ARG F 59 14.80 54.54 -32.93
N ARG F 60 14.92 53.32 -33.47
CA ARG F 60 16.19 52.86 -34.01
C ARG F 60 16.68 53.72 -35.16
N LEU F 61 15.79 54.48 -35.77
CA LEU F 61 16.21 55.34 -36.88
C LEU F 61 16.65 56.70 -36.34
N ARG F 62 16.18 57.04 -35.14
CA ARG F 62 16.52 58.32 -34.53
C ARG F 62 17.86 58.25 -33.80
N GLU F 63 18.06 57.17 -33.05
CA GLU F 63 19.30 56.94 -32.27
C GLU F 63 20.53 56.63 -33.10
N ASN F 64 20.34 56.49 -34.40
CA ASN F 64 21.45 56.20 -35.30
C ASN F 64 21.60 57.36 -36.27
N ASP F 65 20.76 58.37 -36.08
CA ASP F 65 20.80 59.58 -36.90
C ASP F 65 20.65 59.26 -38.41
N LEU F 66 19.65 58.46 -38.75
CA LEU F 66 19.43 58.10 -40.15
C LEU F 66 18.30 58.92 -40.78
N ILE F 67 17.50 59.57 -39.92
CA ILE F 67 16.38 60.40 -40.39
C ILE F 67 16.85 61.46 -41.38
N ASP F 68 17.87 62.23 -40.98
CA ASP F 68 18.42 63.27 -41.84
C ASP F 68 18.98 62.67 -43.13
N PHE F 69 19.64 61.52 -42.99
CA PHE F 69 20.25 60.80 -44.11
C PHE F 69 19.17 60.41 -45.11
N VAL F 70 18.21 59.59 -44.68
CA VAL F 70 17.11 59.16 -45.53
C VAL F 70 16.53 60.39 -46.21
N ARG F 71 16.23 61.38 -45.39
CA ARG F 71 15.67 62.63 -45.87
C ARG F 71 16.42 63.20 -47.04
N LYS F 72 17.74 63.28 -46.92
CA LYS F 72 18.58 63.83 -47.98
C LYS F 72 18.47 63.09 -49.30
N HIS F 73 18.04 61.83 -49.26
CA HIS F 73 17.89 61.05 -50.51
C HIS F 73 16.67 61.51 -51.32
N VAL F 74 15.58 61.80 -50.63
CA VAL F 74 14.38 62.27 -51.29
C VAL F 74 14.77 63.55 -52.02
N GLU F 75 15.35 64.50 -51.27
CA GLU F 75 15.78 65.77 -51.84
C GLU F 75 16.66 65.55 -53.06
N ASP F 76 17.78 64.86 -52.90
CA ASP F 76 18.67 64.62 -54.04
C ASP F 76 18.15 63.62 -55.08
N GLU F 77 16.85 63.38 -55.08
CA GLU F 77 16.24 62.50 -56.07
C GLU F 77 16.78 61.07 -56.20
N ARG F 78 17.10 60.43 -55.07
CA ARG F 78 17.58 59.05 -55.10
C ARG F 78 16.33 58.22 -54.81
N TYR F 79 16.33 56.94 -55.16
CA TYR F 79 15.15 56.10 -54.89
C TYR F 79 15.16 55.57 -53.46
N VAL F 80 13.99 55.65 -52.81
CA VAL F 80 13.81 55.15 -51.46
C VAL F 80 12.65 54.16 -51.52
N VAL F 81 12.86 52.99 -50.91
CA VAL F 81 11.84 51.95 -50.92
C VAL F 81 11.59 51.33 -49.54
N GLY F 82 10.39 51.51 -49.01
CA GLY F 82 10.09 50.93 -47.71
C GLY F 82 9.54 49.52 -47.89
N VAL F 83 9.85 48.63 -46.96
CA VAL F 83 9.39 47.24 -47.01
C VAL F 83 8.76 46.88 -45.67
N CYS F 84 7.58 46.27 -45.72
CA CYS F 84 6.79 45.92 -44.53
C CYS F 84 6.77 47.13 -43.58
N LEU F 85 7.31 47.02 -42.38
CA LEU F 85 7.30 48.15 -41.46
C LEU F 85 7.94 49.36 -42.09
N GLY F 86 8.82 49.11 -43.05
CA GLY F 86 9.51 50.20 -43.72
C GLY F 86 8.59 51.12 -44.51
N MET F 87 7.53 50.56 -45.08
CA MET F 87 6.57 51.34 -45.85
C MET F 87 5.72 52.25 -44.94
N GLN F 88 5.40 51.77 -43.74
CA GLN F 88 4.58 52.52 -42.78
C GLN F 88 5.29 53.74 -42.16
N LEU F 89 6.62 53.72 -42.15
CA LEU F 89 7.37 54.83 -41.57
C LEU F 89 7.45 56.02 -42.51
N LEU F 90 7.23 55.78 -43.78
CA LEU F 90 7.24 56.85 -44.76
C LEU F 90 6.10 57.85 -44.43
N PHE F 91 5.01 57.33 -43.88
CA PHE F 91 3.88 58.19 -43.54
C PHE F 91 4.05 59.01 -42.26
N GLU F 92 3.13 59.95 -42.07
CA GLU F 92 3.13 60.89 -40.94
C GLU F 92 3.12 60.33 -39.53
N GLU F 93 2.13 59.49 -39.21
CA GLU F 93 2.00 58.90 -37.88
C GLU F 93 1.29 57.54 -37.94
N SER F 94 1.29 56.84 -36.82
CA SER F 94 0.66 55.53 -36.80
C SER F 94 -0.19 55.26 -35.58
N GLU F 95 -1.33 54.64 -35.83
CA GLU F 95 -2.26 54.26 -34.78
C GLU F 95 -1.63 53.29 -33.78
N GLU F 96 -0.55 52.62 -34.16
CA GLU F 96 0.12 51.67 -33.26
C GLU F 96 1.07 52.33 -32.26
N ALA F 97 1.52 53.54 -32.56
CA ALA F 97 2.42 54.29 -31.66
C ALA F 97 1.81 55.67 -31.52
N PRO F 98 0.87 55.82 -30.57
CA PRO F 98 0.12 57.05 -30.26
C PRO F 98 0.82 58.38 -30.52
N GLY F 99 1.88 58.66 -29.78
CA GLY F 99 2.55 59.93 -29.97
C GLY F 99 3.49 60.10 -31.15
N VAL F 100 4.33 59.08 -31.38
CA VAL F 100 5.34 59.09 -32.43
C VAL F 100 4.95 59.58 -33.82
N LYS F 101 5.83 60.39 -34.39
CA LYS F 101 5.64 60.92 -35.74
C LYS F 101 6.66 60.25 -36.66
N GLY F 102 6.19 59.76 -37.80
CA GLY F 102 7.09 59.09 -38.72
C GLY F 102 7.94 60.02 -39.55
N LEU F 103 8.50 59.49 -40.63
CA LEU F 103 9.35 60.26 -41.54
C LEU F 103 8.47 61.30 -42.23
N SER F 104 7.25 60.90 -42.57
CA SER F 104 6.32 61.80 -43.23
C SER F 104 6.75 62.12 -44.65
N LEU F 105 7.43 61.19 -45.31
CA LEU F 105 7.85 61.44 -46.69
C LEU F 105 6.64 61.38 -47.58
N ILE F 106 5.60 60.71 -47.11
CA ILE F 106 4.34 60.60 -47.85
C ILE F 106 3.12 60.96 -46.99
N GLU F 107 2.22 61.73 -47.57
CA GLU F 107 1.00 62.20 -46.93
C GLU F 107 0.04 61.04 -46.60
N GLY F 108 -0.29 60.89 -45.33
CA GLY F 108 -1.18 59.82 -44.93
C GLY F 108 -0.79 59.30 -43.56
N ASN F 109 -1.47 58.24 -43.11
CA ASN F 109 -1.16 57.66 -41.80
C ASN F 109 -1.44 56.17 -41.81
N VAL F 110 -1.10 55.49 -40.72
CA VAL F 110 -1.29 54.04 -40.64
C VAL F 110 -2.34 53.61 -39.61
N VAL F 111 -3.38 52.95 -40.10
CA VAL F 111 -4.43 52.47 -39.23
C VAL F 111 -4.47 50.94 -39.28
N LYS F 112 -5.04 50.32 -38.26
CA LYS F 112 -5.14 48.87 -38.22
C LYS F 112 -6.17 48.34 -39.23
N LEU F 113 -5.93 47.15 -39.76
CA LEU F 113 -6.87 46.55 -40.72
C LEU F 113 -8.14 46.21 -39.96
N ARG F 114 -9.28 46.31 -40.65
CA ARG F 114 -10.58 46.03 -40.02
C ARG F 114 -10.91 44.54 -39.83
N SER F 115 -10.33 43.68 -40.65
CA SER F 115 -10.54 42.24 -40.55
C SER F 115 -10.56 41.79 -39.10
N ARG F 116 -11.17 40.65 -38.80
CA ARG F 116 -11.17 40.15 -37.43
C ARG F 116 -10.06 39.11 -37.27
N ARG F 117 -9.43 38.79 -38.40
CA ARG F 117 -8.30 37.84 -38.43
C ARG F 117 -7.11 38.75 -38.72
N LEU F 118 -7.09 39.85 -37.98
CA LEU F 118 -6.11 40.92 -38.09
C LEU F 118 -4.71 40.60 -38.52
N PRO F 119 -4.13 39.47 -38.08
CA PRO F 119 -2.77 39.24 -38.58
C PRO F 119 -2.82 38.83 -40.06
N HIS F 120 -2.82 39.79 -40.97
CA HIS F 120 -2.85 39.45 -42.40
C HIS F 120 -1.57 38.68 -42.75
N MET F 121 -1.70 37.36 -42.91
CA MET F 121 -0.55 36.51 -43.20
C MET F 121 -0.84 35.54 -44.35
N GLY F 122 -0.06 35.63 -45.43
CA GLY F 122 -0.28 34.73 -46.54
C GLY F 122 0.00 35.33 -47.90
N TRP F 123 -0.31 34.58 -48.96
CA TRP F 123 -0.10 35.04 -50.32
C TRP F 123 -1.36 35.72 -50.80
N ASN F 124 -1.27 37.01 -51.09
CA ASN F 124 -2.43 37.76 -51.55
C ASN F 124 -2.10 38.32 -52.93
N GLU F 125 -3.07 38.95 -53.59
CA GLU F 125 -2.83 39.48 -54.91
C GLU F 125 -2.68 41.00 -54.93
N VAL F 126 -1.80 41.48 -55.79
CA VAL F 126 -1.56 42.91 -55.95
C VAL F 126 -1.88 43.35 -57.38
N ILE F 127 -2.29 44.61 -57.54
CA ILE F 127 -2.60 45.17 -58.84
C ILE F 127 -1.98 46.54 -58.91
N PHE F 128 -0.87 46.63 -59.64
CA PHE F 128 -0.16 47.91 -59.76
C PHE F 128 -0.76 48.79 -60.84
N LYS F 129 -0.78 50.09 -60.55
CA LYS F 129 -1.29 51.04 -61.52
C LYS F 129 -0.49 50.78 -62.77
N ASP F 130 0.82 50.63 -62.57
CA ASP F 130 1.76 50.44 -63.66
C ASP F 130 3.07 49.79 -63.22
N THR F 131 4.12 50.02 -64.02
CA THR F 131 5.47 49.53 -63.78
C THR F 131 5.71 48.08 -63.36
N PHE F 132 5.43 47.79 -62.09
CA PHE F 132 5.65 46.47 -61.52
C PHE F 132 4.67 45.42 -61.98
N PRO F 133 5.00 44.13 -61.75
CA PRO F 133 4.15 42.99 -62.15
C PRO F 133 3.09 42.53 -61.16
N ASN F 134 1.95 42.16 -61.70
CA ASN F 134 0.84 41.70 -60.88
C ASN F 134 0.92 40.22 -60.56
N GLY F 135 0.44 39.89 -59.37
CA GLY F 135 0.45 38.51 -58.93
C GLY F 135 0.37 38.46 -57.42
N TYR F 136 0.61 37.29 -56.86
CA TYR F 136 0.56 37.09 -55.42
C TYR F 136 1.91 37.32 -54.74
N TYR F 137 1.90 38.04 -53.64
CA TYR F 137 3.12 38.30 -52.87
C TYR F 137 2.82 37.92 -51.43
N TYR F 138 3.85 37.52 -50.70
CA TYR F 138 3.68 37.10 -49.32
C TYR F 138 3.54 38.30 -48.38
N PHE F 139 2.47 38.29 -47.59
CA PHE F 139 2.16 39.37 -46.63
C PHE F 139 2.22 38.92 -45.17
N VAL F 140 2.60 39.86 -44.29
CA VAL F 140 2.64 39.61 -42.86
C VAL F 140 2.55 40.97 -42.19
N HIS F 141 1.33 41.41 -41.88
CA HIS F 141 1.17 42.71 -41.22
C HIS F 141 -0.20 42.87 -40.56
N THR F 142 -0.25 43.82 -39.63
CA THR F 142 -1.46 44.14 -38.89
C THR F 142 -1.96 45.54 -39.22
N TYR F 143 -1.08 46.40 -39.70
CA TYR F 143 -1.50 47.74 -40.06
C TYR F 143 -1.35 48.01 -41.54
N ARG F 144 -1.93 49.11 -42.00
CA ARG F 144 -1.88 49.47 -43.41
C ARG F 144 -1.81 50.98 -43.54
N ALA F 145 -1.55 51.45 -44.76
CA ALA F 145 -1.47 52.87 -45.01
C ALA F 145 -2.78 53.47 -45.54
N VAL F 146 -2.96 54.74 -45.25
CA VAL F 146 -4.15 55.50 -45.67
C VAL F 146 -3.63 56.71 -46.45
N CYS F 147 -4.02 56.82 -47.71
CA CYS F 147 -3.54 57.94 -48.51
C CYS F 147 -4.36 58.25 -49.76
N GLU F 148 -4.18 59.47 -50.26
CA GLU F 148 -4.88 59.95 -51.45
C GLU F 148 -4.53 59.05 -52.63
N GLU F 149 -5.56 58.62 -53.35
CA GLU F 149 -5.43 57.75 -54.50
C GLU F 149 -4.26 58.13 -55.43
N GLU F 150 -3.75 59.34 -55.25
CA GLU F 150 -2.64 59.85 -56.04
C GLU F 150 -1.35 59.10 -55.70
N HIS F 151 -1.30 58.58 -54.49
CA HIS F 151 -0.14 57.85 -54.02
C HIS F 151 -0.28 56.34 -54.04
N VAL F 152 -1.48 55.82 -54.30
CA VAL F 152 -1.65 54.38 -54.33
C VAL F 152 -0.94 53.89 -55.59
N LEU F 153 -0.21 52.78 -55.45
CA LEU F 153 0.52 52.18 -56.56
C LEU F 153 0.06 50.75 -56.78
N GLY F 154 -0.32 50.10 -55.70
CA GLY F 154 -0.79 48.74 -55.80
C GLY F 154 -1.93 48.50 -54.85
N THR F 155 -2.83 47.59 -55.23
CA THR F 155 -4.00 47.30 -54.41
C THR F 155 -4.19 45.84 -54.07
N THR F 156 -4.61 45.58 -52.83
CA THR F 156 -4.86 44.24 -52.33
C THR F 156 -6.16 44.20 -51.50
N GLU F 157 -6.83 43.06 -51.44
CA GLU F 157 -8.06 42.95 -50.64
C GLU F 157 -8.02 41.80 -49.65
N TYR F 158 -8.20 42.12 -48.37
CA TYR F 158 -8.21 41.12 -47.31
C TYR F 158 -9.48 41.29 -46.50
N ASP F 159 -10.24 40.20 -46.39
CA ASP F 159 -11.51 40.21 -45.66
C ASP F 159 -12.38 41.36 -46.15
N GLY F 160 -12.70 41.34 -47.44
CA GLY F 160 -13.53 42.39 -48.00
C GLY F 160 -12.93 43.78 -47.97
N GLU F 161 -11.79 43.94 -47.30
CA GLU F 161 -11.18 45.27 -47.25
C GLU F 161 -10.20 45.52 -48.39
N ILE F 162 -10.06 46.79 -48.78
CA ILE F 162 -9.15 47.17 -49.84
C ILE F 162 -8.25 48.27 -49.33
N PHE F 163 -6.95 48.16 -49.62
CA PHE F 163 -5.93 49.11 -49.17
C PHE F 163 -4.70 49.12 -50.07
N PRO F 164 -3.87 50.17 -49.96
CA PRO F 164 -2.66 50.25 -50.80
C PRO F 164 -1.60 49.27 -50.35
N SER F 165 -1.43 48.18 -51.10
CA SER F 165 -0.41 47.20 -50.76
C SER F 165 0.92 47.67 -51.38
N ALA F 166 0.87 48.83 -52.02
CA ALA F 166 2.02 49.47 -52.65
C ALA F 166 1.70 50.95 -52.71
N VAL F 167 2.72 51.79 -52.49
CA VAL F 167 2.55 53.23 -52.49
C VAL F 167 3.68 53.89 -53.30
N ARG F 168 3.52 55.18 -53.64
CA ARG F 168 4.53 55.89 -54.42
C ARG F 168 4.37 57.41 -54.50
N LYS F 169 5.47 58.13 -54.28
CA LYS F 169 5.47 59.57 -54.39
C LYS F 169 6.80 60.03 -55.01
N GLY F 170 6.80 60.14 -56.34
CA GLY F 170 8.00 60.54 -57.06
C GLY F 170 8.92 59.34 -57.13
N ARG F 171 10.06 59.43 -56.45
CA ARG F 171 11.01 58.33 -56.42
C ARG F 171 10.98 57.68 -55.04
N ILE F 172 9.85 57.84 -54.36
CA ILE F 172 9.68 57.23 -53.07
C ILE F 172 8.69 56.10 -53.29
N LEU F 173 9.12 54.86 -53.02
CA LEU F 173 8.25 53.70 -53.19
C LEU F 173 8.03 53.01 -51.85
N GLY F 174 7.02 52.14 -51.81
CA GLY F 174 6.69 51.42 -50.60
C GLY F 174 5.95 50.15 -50.94
N PHE F 175 6.23 49.09 -50.18
CA PHE F 175 5.57 47.82 -50.43
C PHE F 175 5.25 47.24 -49.07
N GLN F 176 3.99 46.84 -48.89
CA GLN F 176 3.56 46.30 -47.62
C GLN F 176 3.98 44.86 -47.44
N PHE F 177 4.08 44.13 -48.55
CA PHE F 177 4.47 42.73 -48.51
C PHE F 177 5.98 42.52 -48.49
N HIS F 178 6.40 41.25 -48.35
CA HIS F 178 7.81 40.85 -48.33
C HIS F 178 8.24 40.31 -49.69
N PRO F 179 8.84 41.13 -50.55
CA PRO F 179 9.23 40.55 -51.84
C PRO F 179 10.29 39.44 -51.73
N GLU F 180 11.07 39.42 -50.66
CA GLU F 180 12.11 38.39 -50.45
C GLU F 180 11.50 37.02 -50.16
N LYS F 181 10.24 37.01 -49.74
CA LYS F 181 9.54 35.76 -49.42
C LYS F 181 8.48 35.48 -50.46
N SER F 182 8.54 36.17 -51.59
CA SER F 182 7.53 36.02 -52.62
C SER F 182 8.00 35.37 -53.91
N SER F 183 8.73 34.26 -53.78
CA SER F 183 9.25 33.49 -54.93
C SER F 183 9.81 34.34 -56.11
N LYS F 184 9.65 33.84 -57.34
CA LYS F 184 10.18 34.53 -58.53
C LYS F 184 9.54 35.87 -58.84
N ILE F 185 8.24 35.98 -58.60
CA ILE F 185 7.52 37.22 -58.84
C ILE F 185 8.13 38.28 -57.92
N GLY F 186 8.60 37.86 -56.75
CA GLY F 186 9.21 38.80 -55.83
C GLY F 186 10.56 39.27 -56.36
N ARG F 187 11.33 38.34 -56.90
CA ARG F 187 12.63 38.67 -57.47
C ARG F 187 12.43 39.67 -58.60
N LYS F 188 11.47 39.38 -59.48
CA LYS F 188 11.22 40.26 -60.60
C LYS F 188 10.75 41.63 -60.13
N LEU F 189 10.22 41.69 -58.92
CA LEU F 189 9.76 42.96 -58.37
C LEU F 189 10.99 43.76 -57.95
N LEU F 190 11.86 43.14 -57.18
CA LEU F 190 13.07 43.80 -56.71
C LEU F 190 13.97 44.16 -57.90
N GLU F 191 13.82 43.42 -58.99
CA GLU F 191 14.57 43.68 -60.21
C GLU F 191 14.09 44.98 -60.85
N LYS F 192 12.78 45.07 -61.04
CA LYS F 192 12.19 46.25 -61.64
C LYS F 192 12.38 47.46 -60.74
N VAL F 193 12.61 47.24 -59.45
CA VAL F 193 12.86 48.34 -58.54
C VAL F 193 14.28 48.84 -58.85
N ILE F 194 15.22 47.90 -59.03
CA ILE F 194 16.60 48.26 -59.37
C ILE F 194 16.66 48.97 -60.74
N GLU F 195 15.95 48.42 -61.71
CA GLU F 195 15.90 49.00 -63.05
C GLU F 195 15.40 50.45 -63.04
N CYS F 196 14.46 50.76 -62.14
CA CYS F 196 13.92 52.11 -62.03
C CYS F 196 14.97 53.10 -61.51
N SER F 197 15.69 52.71 -60.48
CA SER F 197 16.70 53.59 -59.88
C SER F 197 17.95 53.74 -60.72
N LEU F 198 17.97 53.12 -61.89
CA LEU F 198 19.12 53.25 -62.80
C LEU F 198 18.82 54.48 -63.63
N SER F 199 17.52 54.77 -63.73
CA SER F 199 17.00 55.93 -64.48
C SER F 199 17.68 57.22 -64.04
N ARG F 200 17.01 58.34 -64.30
CA ARG F 200 17.57 59.64 -63.96
C ARG F 200 17.56 59.96 -62.46
N ARG F 201 18.76 60.22 -61.93
CA ARG F 201 18.94 60.57 -60.53
C ARG F 201 18.48 59.48 -59.55
P PO4 G . -6.28 -8.36 16.71
O1 PO4 G . -5.90 -7.86 18.05
O2 PO4 G . -7.18 -9.53 16.85
O3 PO4 G . -6.97 -7.29 15.95
O4 PO4 G . -5.05 -8.77 15.96
P PO4 H . -8.47 8.12 14.57
O1 PO4 H . -8.37 8.92 15.84
O2 PO4 H . -9.91 7.75 14.31
O3 PO4 H . -7.95 8.93 13.43
O4 PO4 H . -7.65 6.87 14.71
P PO4 I . 5.96 -36.80 56.90
O1 PO4 I . 6.24 -35.77 57.95
O2 PO4 I . 6.78 -38.02 57.17
O3 PO4 I . 4.51 -37.15 56.90
O4 PO4 I . 6.33 -36.25 55.56
P PO4 J . -9.59 -39.74 63.17
O1 PO4 J . -9.34 -38.70 64.24
O2 PO4 J . -9.05 -41.06 63.62
O3 PO4 J . -11.05 -39.86 62.93
O4 PO4 J . -8.90 -39.32 61.92
P PO4 K . -4.66 -18.92 43.86
O1 PO4 K . -3.45 -18.18 44.35
O2 PO4 K . -5.90 -18.24 44.38
O3 PO4 K . -4.69 -18.90 42.37
O4 PO4 K . -4.62 -20.33 44.35
P PO4 L . 7.35 16.90 -31.07
O1 PO4 L . 7.71 18.13 -30.29
O2 PO4 L . 8.54 16.00 -31.16
O3 PO4 L . 6.25 16.18 -30.38
O4 PO4 L . 6.93 17.28 -32.44
#